data_2K36
#
_entry.id   2K36
#
_entity_poly.entity_id   1
_entity_poly.type   'polypeptide(L)'
_entity_poly.pdbx_seq_one_letter_code
;MATKLDYEDAVFYFVDDDKICSRDSIIDLIDEYITWRNHVIVFNKDITSCGRLYKELMKFDDVAIRYYGIDKINEIVEAM
SEGDHYINFTKVHDQESLFATIGICAKITEHWGYKKISESRFQSLGNITDLMTDDNINILILFLEKKLN
;
_entity_poly.pdbx_strand_id   A
#
# COMPACT_ATOMS: atom_id res chain seq x y z
N MET A 1 1.31 28.63 0.29
CA MET A 1 2.12 29.02 -0.90
C MET A 1 2.54 27.79 -1.68
N ALA A 2 1.69 27.37 -2.60
CA ALA A 2 1.97 26.20 -3.42
C ALA A 2 1.25 26.30 -4.76
N THR A 3 2.01 26.35 -5.83
CA THR A 3 1.46 26.41 -7.17
C THR A 3 1.52 25.04 -7.82
N LYS A 4 0.43 24.31 -7.70
CA LYS A 4 0.35 22.95 -8.21
C LYS A 4 -1.09 22.48 -8.27
N LEU A 5 -1.51 22.02 -9.44
CA LEU A 5 -2.83 21.46 -9.61
C LEU A 5 -2.98 20.20 -8.75
N ASP A 6 -4.14 20.02 -8.16
CA ASP A 6 -4.42 18.80 -7.41
C ASP A 6 -4.77 17.68 -8.38
N TYR A 7 -3.74 16.94 -8.77
CA TYR A 7 -3.89 15.87 -9.73
C TYR A 7 -4.55 14.68 -9.07
N GLU A 8 -5.24 13.87 -9.87
CA GLU A 8 -5.90 12.68 -9.38
C GLU A 8 -5.60 11.52 -10.28
N ASP A 9 -6.22 11.58 -11.48
CA ASP A 9 -6.20 10.48 -12.40
C ASP A 9 -6.57 9.20 -11.68
N ALA A 10 -7.52 9.37 -10.76
CA ALA A 10 -8.03 8.30 -9.92
C ALA A 10 -8.60 7.15 -10.71
N VAL A 11 -7.69 6.33 -11.09
CA VAL A 11 -7.92 5.10 -11.79
C VAL A 11 -8.60 4.07 -10.90
N PHE A 12 -8.13 3.98 -9.65
CA PHE A 12 -8.68 3.09 -8.68
C PHE A 12 -10.18 3.25 -8.53
N TYR A 13 -10.83 2.12 -8.33
CA TYR A 13 -12.27 2.04 -8.24
C TYR A 13 -12.70 1.85 -6.79
N PHE A 14 -12.04 0.93 -6.13
CA PHE A 14 -12.37 0.57 -4.77
C PHE A 14 -11.71 1.53 -3.79
N VAL A 15 -10.90 2.42 -4.34
CA VAL A 15 -10.29 3.51 -3.57
C VAL A 15 -11.30 4.16 -2.61
N ASP A 16 -12.46 4.48 -3.15
CA ASP A 16 -13.51 5.17 -2.42
C ASP A 16 -14.74 4.29 -2.29
N ASP A 17 -14.53 2.98 -2.44
CA ASP A 17 -15.62 2.00 -2.43
C ASP A 17 -16.54 2.20 -1.24
N ASP A 18 -15.92 2.47 -0.09
CA ASP A 18 -16.63 2.76 1.16
C ASP A 18 -17.16 1.49 1.83
N LYS A 19 -17.34 0.45 1.06
CA LYS A 19 -17.86 -0.78 1.56
C LYS A 19 -17.01 -1.97 1.10
N ILE A 20 -17.31 -3.13 1.67
CA ILE A 20 -16.52 -4.32 1.42
C ILE A 20 -16.82 -4.88 0.04
N CYS A 21 -15.78 -5.33 -0.66
CA CYS A 21 -15.92 -5.81 -2.00
C CYS A 21 -15.80 -7.32 -2.06
N SER A 22 -15.68 -7.81 -3.28
CA SER A 22 -15.47 -9.23 -3.54
C SER A 22 -14.04 -9.64 -3.20
N ARG A 23 -13.84 -10.94 -3.08
CA ARG A 23 -12.49 -11.51 -3.03
C ARG A 23 -11.68 -11.01 -4.21
N ASP A 24 -12.33 -11.02 -5.36
CA ASP A 24 -11.69 -10.69 -6.63
C ASP A 24 -11.37 -9.20 -6.71
N SER A 25 -11.86 -8.47 -5.75
CA SER A 25 -11.75 -7.03 -5.78
C SER A 25 -10.54 -6.57 -4.97
N ILE A 26 -10.17 -7.39 -4.00
CA ILE A 26 -9.02 -7.10 -3.16
C ILE A 26 -7.77 -7.51 -3.90
N ILE A 27 -8.02 -8.18 -5.01
CA ILE A 27 -7.01 -8.62 -5.92
C ILE A 27 -6.42 -7.42 -6.63
N ASP A 28 -7.30 -6.65 -7.25
CA ASP A 28 -6.90 -5.45 -7.96
C ASP A 28 -6.58 -4.38 -6.96
N LEU A 29 -7.29 -4.48 -5.85
CA LEU A 29 -7.24 -3.52 -4.78
C LEU A 29 -5.82 -3.20 -4.34
N ILE A 30 -5.05 -4.24 -4.09
CA ILE A 30 -3.70 -4.07 -3.62
C ILE A 30 -2.88 -3.30 -4.65
N ASP A 31 -3.18 -3.53 -5.91
CA ASP A 31 -2.53 -2.82 -6.99
C ASP A 31 -2.95 -1.36 -6.96
N GLU A 32 -4.26 -1.13 -6.82
CA GLU A 32 -4.81 0.21 -6.72
C GLU A 32 -4.23 0.96 -5.51
N TYR A 33 -4.25 0.34 -4.34
CA TYR A 33 -3.83 0.99 -3.11
C TYR A 33 -2.36 1.34 -3.12
N ILE A 34 -1.55 0.33 -3.36
CA ILE A 34 -0.10 0.53 -3.45
C ILE A 34 0.24 1.61 -4.47
N THR A 35 -0.55 1.72 -5.53
CA THR A 35 -0.38 2.78 -6.51
C THR A 35 -0.96 4.10 -5.98
N TRP A 36 -2.06 4.01 -5.23
CA TRP A 36 -2.70 5.19 -4.68
C TRP A 36 -1.82 5.84 -3.62
N ARG A 37 -1.17 5.03 -2.80
CA ARG A 37 -0.17 5.52 -1.85
C ARG A 37 0.86 6.35 -2.58
N ASN A 38 1.07 6.00 -3.83
CA ASN A 38 2.05 6.67 -4.66
C ASN A 38 1.45 7.96 -5.22
N HIS A 39 0.21 7.86 -5.73
CA HIS A 39 -0.50 9.00 -6.31
C HIS A 39 -0.61 10.19 -5.34
N VAL A 40 -0.77 9.90 -4.05
CA VAL A 40 -0.85 10.95 -3.03
C VAL A 40 0.42 11.77 -3.02
N ILE A 41 1.46 11.17 -3.53
CA ILE A 41 2.77 11.77 -3.54
C ILE A 41 3.11 12.42 -4.88
N VAL A 42 3.18 11.59 -5.90
CA VAL A 42 3.50 12.05 -7.26
C VAL A 42 2.59 13.18 -7.69
N PHE A 43 1.31 12.93 -7.56
CA PHE A 43 0.28 13.87 -7.95
C PHE A 43 0.00 14.82 -6.78
N ASN A 44 0.57 14.43 -5.65
CA ASN A 44 0.32 15.06 -4.38
C ASN A 44 -1.17 15.23 -4.14
N LYS A 45 -1.88 14.09 -4.19
CA LYS A 45 -3.30 14.05 -3.90
C LYS A 45 -3.52 14.19 -2.39
N ASP A 46 -4.41 13.37 -1.86
CA ASP A 46 -4.67 13.36 -0.44
C ASP A 46 -4.73 11.94 0.07
N ILE A 47 -4.37 11.78 1.32
CA ILE A 47 -4.48 10.50 1.99
C ILE A 47 -5.93 10.26 2.40
N THR A 48 -6.62 11.34 2.68
CA THR A 48 -7.99 11.28 3.13
C THR A 48 -8.89 11.09 1.93
N SER A 49 -8.29 11.36 0.78
CA SER A 49 -8.96 11.23 -0.49
C SER A 49 -9.13 9.75 -0.85
N CYS A 50 -10.17 9.14 -0.29
CA CYS A 50 -10.49 7.76 -0.51
C CYS A 50 -11.73 7.38 0.29
N GLY A 51 -12.00 6.09 0.32
CA GLY A 51 -13.15 5.56 1.01
C GLY A 51 -12.76 4.79 2.24
N ARG A 52 -13.69 4.02 2.76
CA ARG A 52 -13.54 3.36 4.05
C ARG A 52 -12.49 2.27 3.99
N LEU A 53 -12.61 1.47 2.96
CA LEU A 53 -11.76 0.31 2.75
C LEU A 53 -10.28 0.69 2.86
N TYR A 54 -9.93 1.82 2.25
CA TYR A 54 -8.54 2.27 2.16
C TYR A 54 -7.96 2.68 3.50
N LYS A 55 -8.80 3.19 4.37
CA LYS A 55 -8.34 3.70 5.65
C LYS A 55 -7.70 2.58 6.45
N GLU A 56 -8.22 1.38 6.30
CA GLU A 56 -7.71 0.22 7.02
C GLU A 56 -6.36 -0.20 6.49
N LEU A 57 -6.18 -0.11 5.19
CA LEU A 57 -4.90 -0.35 4.58
C LEU A 57 -3.84 0.58 5.17
N MET A 58 -4.25 1.80 5.47
CA MET A 58 -3.37 2.78 6.10
C MET A 58 -2.88 2.26 7.44
N LYS A 59 -3.72 1.52 8.09
CA LYS A 59 -3.42 0.98 9.40
C LYS A 59 -2.41 -0.16 9.30
N PHE A 60 -2.20 -0.65 8.10
CA PHE A 60 -1.22 -1.70 7.86
C PHE A 60 0.17 -1.10 7.83
N ASP A 61 0.20 0.21 7.73
CA ASP A 61 1.42 0.98 7.88
C ASP A 61 1.86 0.84 9.31
N ASP A 62 0.87 0.92 10.17
CA ASP A 62 1.02 0.96 11.61
C ASP A 62 1.39 -0.40 12.14
N VAL A 63 0.72 -1.38 11.59
CA VAL A 63 0.93 -2.76 11.95
C VAL A 63 2.36 -3.16 11.61
N ALA A 64 2.85 -2.59 10.54
CA ALA A 64 4.23 -2.75 10.12
C ALA A 64 5.16 -1.96 11.03
N ILE A 65 4.77 -0.75 11.38
CA ILE A 65 5.49 0.04 12.36
C ILE A 65 5.59 -0.70 13.68
N ARG A 66 4.54 -1.43 14.03
CA ARG A 66 4.55 -2.25 15.22
C ARG A 66 5.47 -3.44 15.04
N TYR A 67 5.37 -4.08 13.88
CA TYR A 67 6.08 -5.31 13.63
C TYR A 67 7.54 -5.07 13.32
N TYR A 68 7.77 -4.49 12.16
CA TYR A 68 9.12 -4.23 11.69
C TYR A 68 9.74 -3.08 12.46
N GLY A 69 8.91 -2.09 12.76
CA GLY A 69 9.33 -1.00 13.59
C GLY A 69 9.61 0.23 12.78
N ILE A 70 9.26 1.37 13.34
CA ILE A 70 9.42 2.64 12.65
C ILE A 70 10.89 2.82 12.24
N ASP A 71 11.78 2.49 13.17
CA ASP A 71 13.22 2.56 12.95
C ASP A 71 13.63 1.75 11.73
N LYS A 72 13.21 0.50 11.71
CA LYS A 72 13.56 -0.37 10.62
C LYS A 72 12.91 0.09 9.34
N ILE A 73 11.66 0.45 9.43
CA ILE A 73 10.93 0.94 8.28
C ILE A 73 11.63 2.16 7.68
N ASN A 74 12.01 3.09 8.55
CA ASN A 74 12.75 4.27 8.15
C ASN A 74 14.02 3.88 7.39
N GLU A 75 14.77 2.94 7.95
CA GLU A 75 16.01 2.50 7.35
C GLU A 75 15.75 1.74 6.06
N ILE A 76 14.67 0.97 6.07
CA ILE A 76 14.29 0.16 4.96
C ILE A 76 13.80 1.01 3.77
N VAL A 77 12.85 1.89 4.03
CA VAL A 77 12.28 2.72 2.96
C VAL A 77 13.37 3.47 2.21
N GLU A 78 14.20 4.13 2.98
CA GLU A 78 15.35 4.86 2.46
C GLU A 78 16.29 3.97 1.68
N ALA A 79 16.50 2.75 2.17
CA ALA A 79 17.31 1.78 1.46
C ALA A 79 16.73 1.54 0.06
N MET A 80 15.43 1.27 0.02
CA MET A 80 14.70 1.10 -1.25
C MET A 80 14.99 2.24 -2.22
N SER A 81 15.07 3.46 -1.71
CA SER A 81 15.11 4.59 -2.59
C SER A 81 16.48 4.78 -3.24
N GLU A 82 17.49 4.14 -2.67
CA GLU A 82 18.83 4.16 -3.26
C GLU A 82 19.08 2.91 -4.09
N GLY A 83 18.05 2.07 -4.20
CA GLY A 83 18.16 0.87 -5.01
C GLY A 83 19.03 -0.19 -4.39
N ASP A 84 19.13 -0.17 -3.07
CA ASP A 84 19.94 -1.15 -2.35
C ASP A 84 19.31 -1.44 -0.99
N HIS A 85 18.86 -2.66 -0.79
CA HIS A 85 18.07 -2.97 0.39
C HIS A 85 18.50 -4.27 1.05
N TYR A 86 17.76 -4.60 2.08
CA TYR A 86 17.89 -5.82 2.83
C TYR A 86 16.50 -6.18 3.35
N ILE A 87 16.29 -7.43 3.74
CA ILE A 87 14.99 -7.79 4.33
C ILE A 87 14.92 -9.28 4.66
N ASN A 88 14.18 -9.58 5.71
CA ASN A 88 13.89 -10.95 6.10
C ASN A 88 12.47 -11.31 5.66
N PHE A 89 12.08 -12.56 5.81
CA PHE A 89 10.78 -12.98 5.32
C PHE A 89 9.99 -13.77 6.36
N THR A 90 8.68 -13.58 6.34
CA THR A 90 7.76 -14.33 7.17
C THR A 90 6.79 -15.09 6.27
N LYS A 91 6.03 -16.03 6.83
CA LYS A 91 5.13 -16.82 6.01
C LYS A 91 3.89 -17.24 6.79
N VAL A 92 4.03 -18.29 7.61
CA VAL A 92 2.93 -18.82 8.39
C VAL A 92 3.00 -18.35 9.84
N HIS A 93 3.42 -17.10 10.03
CA HIS A 93 3.61 -16.56 11.36
C HIS A 93 2.34 -15.92 11.91
N ASP A 94 2.06 -14.69 11.51
CA ASP A 94 0.92 -13.95 12.04
C ASP A 94 0.26 -13.12 10.97
N GLN A 95 -1.07 -13.03 11.06
CA GLN A 95 -1.86 -12.09 10.26
C GLN A 95 -1.31 -10.68 10.40
N GLU A 96 -0.75 -10.40 11.58
CA GLU A 96 -0.13 -9.11 11.85
C GLU A 96 0.98 -8.82 10.85
N SER A 97 1.75 -9.85 10.51
CA SER A 97 2.84 -9.72 9.55
C SER A 97 2.27 -9.67 8.15
N LEU A 98 1.18 -10.41 7.93
CA LEU A 98 0.49 -10.39 6.65
C LEU A 98 0.13 -8.96 6.28
N PHE A 99 -0.53 -8.25 7.19
CA PHE A 99 -0.86 -6.86 7.01
C PHE A 99 0.39 -6.00 6.95
N ALA A 100 1.34 -6.32 7.82
CA ALA A 100 2.57 -5.56 7.94
C ALA A 100 3.31 -5.50 6.60
N THR A 101 3.19 -6.57 5.82
CA THR A 101 3.86 -6.67 4.54
C THR A 101 3.31 -5.64 3.56
N ILE A 102 2.03 -5.33 3.68
CA ILE A 102 1.40 -4.34 2.82
C ILE A 102 1.88 -2.94 3.19
N GLY A 103 1.74 -2.57 4.46
CA GLY A 103 2.08 -1.21 4.89
C GLY A 103 3.53 -0.86 4.70
N ILE A 104 4.42 -1.79 4.99
CA ILE A 104 5.85 -1.57 4.79
C ILE A 104 6.12 -1.27 3.32
N CYS A 105 5.43 -1.98 2.44
CA CYS A 105 5.55 -1.76 1.01
C CYS A 105 4.88 -0.45 0.63
N ALA A 106 3.85 -0.07 1.37
CA ALA A 106 3.07 1.12 1.07
C ALA A 106 3.89 2.37 1.37
N LYS A 107 4.69 2.31 2.44
CA LYS A 107 5.51 3.43 2.85
C LYS A 107 6.61 3.67 1.83
N ILE A 108 7.02 2.60 1.17
CA ILE A 108 8.05 2.67 0.15
C ILE A 108 7.50 3.27 -1.14
N THR A 109 6.36 2.76 -1.60
CA THR A 109 5.76 3.22 -2.84
C THR A 109 5.39 4.70 -2.79
N GLU A 110 4.92 5.18 -1.63
CA GLU A 110 4.55 6.58 -1.50
C GLU A 110 5.78 7.48 -1.55
N HIS A 111 6.78 7.13 -0.76
CA HIS A 111 7.98 7.96 -0.58
C HIS A 111 8.59 8.35 -1.92
N TRP A 112 8.52 7.44 -2.87
CA TRP A 112 9.14 7.62 -4.18
C TRP A 112 8.42 8.67 -5.05
N GLY A 113 7.15 8.94 -4.76
CA GLY A 113 6.31 9.71 -5.66
C GLY A 113 6.88 11.07 -6.04
N TYR A 114 7.41 11.81 -5.06
CA TYR A 114 7.78 13.21 -5.27
C TYR A 114 8.63 13.41 -6.52
N LYS A 115 9.75 12.69 -6.62
CA LYS A 115 10.61 12.79 -7.79
C LYS A 115 10.58 11.51 -8.62
N LYS A 116 9.65 10.60 -8.28
CA LYS A 116 9.64 9.26 -8.84
C LYS A 116 10.96 8.56 -8.54
N ILE A 117 11.21 8.36 -7.25
CA ILE A 117 12.47 7.81 -6.76
C ILE A 117 12.57 6.34 -7.10
N SER A 118 13.82 5.90 -7.31
CA SER A 118 14.14 4.52 -7.62
C SER A 118 15.58 4.46 -8.08
N GLU A 119 15.98 5.53 -8.79
CA GLU A 119 17.32 5.66 -9.38
C GLU A 119 17.49 4.67 -10.53
N SER A 120 17.18 3.42 -10.28
CA SER A 120 17.11 2.43 -11.32
C SER A 120 15.74 2.49 -11.97
N ARG A 121 15.70 3.00 -13.20
CA ARG A 121 14.44 3.19 -13.91
C ARG A 121 13.87 1.84 -14.33
N PHE A 122 14.76 0.90 -14.60
CA PHE A 122 14.36 -0.46 -14.94
C PHE A 122 14.23 -1.28 -13.67
N GLN A 123 13.17 -2.08 -13.59
CA GLN A 123 12.86 -2.86 -12.40
C GLN A 123 12.56 -1.95 -11.21
N SER A 124 11.77 -0.93 -11.48
CA SER A 124 11.36 0.02 -10.45
C SER A 124 10.16 -0.55 -9.66
N LEU A 125 9.64 -1.67 -10.14
CA LEU A 125 8.51 -2.33 -9.50
C LEU A 125 8.63 -3.83 -9.69
N GLY A 126 7.66 -4.57 -9.16
CA GLY A 126 7.68 -6.01 -9.29
C GLY A 126 6.61 -6.67 -8.46
N ASN A 127 6.99 -7.14 -7.28
CA ASN A 127 6.06 -7.84 -6.40
C ASN A 127 5.26 -6.85 -5.56
N ILE A 128 4.10 -6.45 -6.06
CA ILE A 128 3.20 -5.57 -5.34
C ILE A 128 1.93 -6.32 -4.95
N THR A 129 1.20 -6.81 -5.94
CA THR A 129 0.04 -7.66 -5.70
C THR A 129 0.49 -9.05 -5.29
N ASP A 130 1.65 -9.46 -5.80
CA ASP A 130 2.21 -10.77 -5.53
C ASP A 130 2.86 -10.82 -4.15
N LEU A 131 2.83 -9.71 -3.46
CA LEU A 131 3.40 -9.62 -2.12
C LEU A 131 2.39 -10.17 -1.10
N MET A 132 1.18 -10.38 -1.57
CA MET A 132 0.11 -10.94 -0.76
C MET A 132 -0.65 -11.97 -1.60
N THR A 133 -1.64 -12.61 -1.02
CA THR A 133 -2.27 -13.75 -1.65
C THR A 133 -3.77 -13.62 -1.67
N ASP A 134 -4.41 -14.29 -2.61
CA ASP A 134 -5.86 -14.45 -2.60
C ASP A 134 -6.36 -14.92 -1.24
N ASP A 135 -5.52 -15.66 -0.53
CA ASP A 135 -5.84 -16.14 0.79
C ASP A 135 -5.83 -14.98 1.77
N ASN A 136 -5.02 -13.99 1.44
CA ASN A 136 -4.85 -12.81 2.28
C ASN A 136 -6.04 -11.90 2.05
N ILE A 137 -6.55 -11.96 0.82
CA ILE A 137 -7.70 -11.19 0.39
C ILE A 137 -8.89 -11.51 1.27
N ASN A 138 -9.03 -12.79 1.59
CA ASN A 138 -10.09 -13.24 2.43
C ASN A 138 -9.97 -12.65 3.81
N ILE A 139 -8.76 -12.64 4.32
CA ILE A 139 -8.48 -12.08 5.62
C ILE A 139 -8.79 -10.60 5.61
N LEU A 140 -8.39 -9.97 4.51
CA LEU A 140 -8.55 -8.57 4.31
C LEU A 140 -10.01 -8.19 4.30
N ILE A 141 -10.80 -8.87 3.48
CA ILE A 141 -12.25 -8.66 3.45
C ILE A 141 -12.81 -8.75 4.85
N LEU A 142 -12.34 -9.74 5.56
CA LEU A 142 -12.83 -10.06 6.88
C LEU A 142 -12.50 -8.98 7.88
N PHE A 143 -11.24 -8.55 7.88
CA PHE A 143 -10.79 -7.49 8.75
C PHE A 143 -11.60 -6.24 8.54
N LEU A 144 -11.76 -5.92 7.29
CA LEU A 144 -12.48 -4.74 6.89
C LEU A 144 -13.95 -4.87 7.24
N GLU A 145 -14.50 -6.06 6.97
CA GLU A 145 -15.93 -6.34 7.16
C GLU A 145 -16.39 -6.02 8.56
N LYS A 146 -15.45 -6.05 9.48
CA LYS A 146 -15.70 -5.61 10.84
C LYS A 146 -16.42 -4.28 10.86
N LYS A 147 -16.04 -3.38 9.95
CA LYS A 147 -16.71 -2.11 9.86
C LYS A 147 -17.29 -1.91 8.47
N LEU A 148 -16.73 -2.67 7.55
CA LEU A 148 -17.12 -2.71 6.15
C LEU A 148 -18.36 -3.57 5.95
N ASN A 149 -18.79 -3.61 4.68
CA ASN A 149 -20.09 -4.13 4.27
C ASN A 149 -21.18 -3.12 4.61
N MET A 1 -14.20 26.23 -1.30
CA MET A 1 -14.67 25.79 -2.64
C MET A 1 -13.79 24.66 -3.16
N ALA A 2 -14.42 23.66 -3.75
CA ALA A 2 -13.69 22.52 -4.29
C ALA A 2 -14.00 22.33 -5.77
N THR A 3 -13.25 23.03 -6.60
CA THR A 3 -13.39 22.90 -8.04
C THR A 3 -12.09 22.35 -8.62
N LYS A 4 -11.26 21.81 -7.73
CA LYS A 4 -9.98 21.24 -8.12
C LYS A 4 -9.95 19.75 -7.80
N LEU A 5 -9.77 18.93 -8.82
CA LEU A 5 -9.74 17.49 -8.64
C LEU A 5 -8.33 16.96 -8.85
N ASP A 6 -7.63 16.70 -7.74
CA ASP A 6 -6.25 16.21 -7.78
C ASP A 6 -6.20 14.77 -8.29
N TYR A 7 -7.32 14.06 -8.16
CA TYR A 7 -7.38 12.67 -8.56
C TYR A 7 -7.74 12.53 -10.04
N GLU A 8 -6.78 12.82 -10.91
CA GLU A 8 -7.02 12.73 -12.35
C GLU A 8 -6.81 11.32 -12.84
N ASP A 9 -5.61 10.84 -12.64
CA ASP A 9 -5.25 9.48 -12.96
C ASP A 9 -5.69 8.54 -11.86
N ALA A 10 -6.73 8.97 -11.15
CA ALA A 10 -7.41 8.14 -10.17
C ALA A 10 -8.07 6.94 -10.81
N VAL A 11 -7.20 6.05 -11.15
CA VAL A 11 -7.53 4.78 -11.74
C VAL A 11 -8.33 3.89 -10.79
N PHE A 12 -7.90 3.87 -9.54
CA PHE A 12 -8.55 3.12 -8.49
C PHE A 12 -10.04 3.45 -8.36
N TYR A 13 -10.83 2.41 -8.17
CA TYR A 13 -12.25 2.55 -7.98
C TYR A 13 -12.61 2.31 -6.52
N PHE A 14 -12.03 1.25 -5.96
CA PHE A 14 -12.28 0.87 -4.60
C PHE A 14 -11.58 1.81 -3.64
N VAL A 15 -10.77 2.69 -4.21
CA VAL A 15 -10.16 3.79 -3.46
C VAL A 15 -11.17 4.42 -2.49
N ASP A 16 -12.35 4.70 -3.01
CA ASP A 16 -13.42 5.34 -2.27
C ASP A 16 -14.62 4.40 -2.14
N ASP A 17 -14.38 3.11 -2.34
CA ASP A 17 -15.45 2.11 -2.34
C ASP A 17 -16.31 2.23 -1.10
N ASP A 18 -15.63 2.49 0.01
CA ASP A 18 -16.25 2.73 1.32
C ASP A 18 -16.81 1.44 1.91
N LYS A 19 -17.11 0.50 1.05
CA LYS A 19 -17.73 -0.74 1.43
C LYS A 19 -16.80 -1.91 1.15
N ILE A 20 -17.22 -3.07 1.62
CA ILE A 20 -16.50 -4.29 1.37
C ILE A 20 -16.97 -4.90 0.06
N CYS A 21 -16.04 -5.36 -0.75
CA CYS A 21 -16.36 -5.91 -2.04
C CYS A 21 -16.06 -7.39 -2.12
N SER A 22 -16.00 -7.87 -3.35
CA SER A 22 -15.74 -9.26 -3.64
C SER A 22 -14.34 -9.66 -3.19
N ARG A 23 -14.15 -10.97 -3.02
CA ARG A 23 -12.82 -11.53 -2.86
C ARG A 23 -11.93 -11.05 -4.00
N ASP A 24 -12.50 -11.07 -5.19
CA ASP A 24 -11.74 -10.79 -6.41
C ASP A 24 -11.49 -9.30 -6.56
N SER A 25 -11.98 -8.53 -5.61
CA SER A 25 -11.86 -7.10 -5.65
C SER A 25 -10.63 -6.66 -4.88
N ILE A 26 -10.23 -7.46 -3.90
CA ILE A 26 -9.05 -7.22 -3.10
C ILE A 26 -7.83 -7.58 -3.92
N ILE A 27 -8.13 -8.26 -5.00
CA ILE A 27 -7.15 -8.70 -5.96
C ILE A 27 -6.59 -7.51 -6.70
N ASP A 28 -7.49 -6.75 -7.30
CA ASP A 28 -7.14 -5.58 -8.06
C ASP A 28 -6.75 -4.47 -7.11
N LEU A 29 -7.41 -4.55 -5.97
CA LEU A 29 -7.29 -3.58 -4.90
C LEU A 29 -5.86 -3.29 -4.50
N ILE A 30 -5.10 -4.35 -4.28
CA ILE A 30 -3.72 -4.20 -3.85
C ILE A 30 -2.93 -3.38 -4.85
N ASP A 31 -3.25 -3.52 -6.11
CA ASP A 31 -2.62 -2.72 -7.13
C ASP A 31 -3.05 -1.28 -6.98
N GLU A 32 -4.36 -1.07 -6.84
CA GLU A 32 -4.92 0.27 -6.70
C GLU A 32 -4.34 1.01 -5.50
N TYR A 33 -4.36 0.35 -4.35
CA TYR A 33 -3.93 0.98 -3.10
C TYR A 33 -2.47 1.35 -3.15
N ILE A 34 -1.64 0.36 -3.42
CA ILE A 34 -0.19 0.57 -3.50
C ILE A 34 0.16 1.66 -4.52
N THR A 35 -0.65 1.77 -5.57
CA THR A 35 -0.47 2.84 -6.55
C THR A 35 -1.02 4.17 -6.02
N TRP A 36 -2.13 4.09 -5.27
CA TRP A 36 -2.76 5.29 -4.74
C TRP A 36 -1.89 5.96 -3.71
N ARG A 37 -1.26 5.15 -2.86
CA ARG A 37 -0.30 5.67 -1.89
C ARG A 37 0.76 6.48 -2.60
N ASN A 38 1.00 6.15 -3.86
CA ASN A 38 2.04 6.82 -4.63
C ASN A 38 1.50 8.14 -5.18
N HIS A 39 0.29 8.10 -5.71
CA HIS A 39 -0.33 9.27 -6.34
C HIS A 39 -0.49 10.44 -5.36
N VAL A 40 -0.75 10.14 -4.09
CA VAL A 40 -0.89 11.16 -3.05
C VAL A 40 0.41 11.93 -2.91
N ILE A 41 1.48 11.31 -3.32
CA ILE A 41 2.80 11.85 -3.16
C ILE A 41 3.24 12.68 -4.35
N VAL A 42 3.37 12.01 -5.47
CA VAL A 42 3.84 12.63 -6.73
C VAL A 42 3.08 13.92 -7.03
N PHE A 43 1.78 13.82 -6.93
CA PHE A 43 0.87 14.90 -7.26
C PHE A 43 0.57 15.71 -6.03
N ASN A 44 0.90 15.14 -4.89
CA ASN A 44 0.44 15.63 -3.63
C ASN A 44 -1.09 15.75 -3.64
N LYS A 45 -1.74 14.61 -3.89
CA LYS A 45 -3.19 14.51 -3.85
C LYS A 45 -3.66 14.55 -2.40
N ASP A 46 -4.54 13.65 -2.03
CA ASP A 46 -5.01 13.60 -0.65
C ASP A 46 -5.02 12.18 -0.15
N ILE A 47 -4.66 12.03 1.11
CA ILE A 47 -4.78 10.77 1.80
C ILE A 47 -6.19 10.59 2.31
N THR A 48 -6.84 11.70 2.56
CA THR A 48 -8.16 11.70 3.14
C THR A 48 -9.14 11.45 2.03
N SER A 49 -8.67 11.70 0.83
CA SER A 49 -9.47 11.53 -0.36
C SER A 49 -9.51 10.05 -0.76
N CYS A 50 -10.38 9.32 -0.08
CA CYS A 50 -10.61 7.93 -0.35
C CYS A 50 -11.81 7.46 0.47
N GLY A 51 -12.00 6.16 0.51
CA GLY A 51 -13.12 5.59 1.21
C GLY A 51 -12.67 4.83 2.43
N ARG A 52 -13.58 4.04 2.96
CA ARG A 52 -13.40 3.34 4.22
C ARG A 52 -12.40 2.21 4.10
N LEU A 53 -12.54 1.47 3.02
CA LEU A 53 -11.71 0.32 2.75
C LEU A 53 -10.22 0.70 2.86
N TYR A 54 -9.88 1.83 2.29
CA TYR A 54 -8.50 2.29 2.18
C TYR A 54 -7.91 2.71 3.52
N LYS A 55 -8.73 3.25 4.39
CA LYS A 55 -8.26 3.76 5.69
C LYS A 55 -7.66 2.62 6.49
N GLU A 56 -8.25 1.46 6.33
CA GLU A 56 -7.84 0.28 7.09
C GLU A 56 -6.51 -0.23 6.58
N LEU A 57 -6.33 -0.15 5.27
CA LEU A 57 -5.04 -0.45 4.65
C LEU A 57 -3.96 0.43 5.23
N MET A 58 -4.30 1.69 5.47
CA MET A 58 -3.35 2.64 6.02
C MET A 58 -2.82 2.15 7.33
N LYS A 59 -3.67 1.45 8.07
CA LYS A 59 -3.31 0.91 9.36
C LYS A 59 -2.31 -0.24 9.25
N PHE A 60 -2.14 -0.76 8.04
CA PHE A 60 -1.18 -1.83 7.81
C PHE A 60 0.22 -1.25 7.77
N ASP A 61 0.27 0.06 7.67
CA ASP A 61 1.51 0.80 7.81
C ASP A 61 1.94 0.70 9.26
N ASP A 62 0.93 0.80 10.09
CA ASP A 62 1.06 0.88 11.54
C ASP A 62 1.43 -0.46 12.10
N VAL A 63 0.76 -1.45 11.58
CA VAL A 63 0.97 -2.83 11.97
C VAL A 63 2.40 -3.23 11.65
N ALA A 64 2.89 -2.69 10.56
CA ALA A 64 4.28 -2.87 10.16
C ALA A 64 5.20 -2.05 11.04
N ILE A 65 4.82 -0.82 11.36
CA ILE A 65 5.54 0.00 12.33
C ILE A 65 5.67 -0.73 13.66
N ARG A 66 4.62 -1.44 14.03
CA ARG A 66 4.64 -2.24 15.22
C ARG A 66 5.57 -3.44 15.05
N TYR A 67 5.42 -4.10 13.90
CA TYR A 67 6.13 -5.34 13.63
C TYR A 67 7.59 -5.09 13.29
N TYR A 68 7.81 -4.56 12.11
CA TYR A 68 9.15 -4.35 11.59
C TYR A 68 9.84 -3.20 12.33
N GLY A 69 9.04 -2.22 12.73
CA GLY A 69 9.54 -1.14 13.52
C GLY A 69 9.74 0.11 12.72
N ILE A 70 9.37 1.22 13.32
CA ILE A 70 9.41 2.50 12.63
C ILE A 70 10.83 2.80 12.15
N ASP A 71 11.81 2.57 13.02
CA ASP A 71 13.22 2.78 12.69
C ASP A 71 13.61 2.01 11.46
N LYS A 72 13.34 0.72 11.49
CA LYS A 72 13.73 -0.14 10.40
C LYS A 72 12.97 0.20 9.15
N ILE A 73 11.70 0.46 9.31
CA ILE A 73 10.88 0.88 8.18
C ILE A 73 11.44 2.14 7.54
N ASN A 74 11.74 3.11 8.38
CA ASN A 74 12.29 4.38 7.94
C ASN A 74 13.57 4.19 7.16
N GLU A 75 14.44 3.33 7.67
CA GLU A 75 15.69 3.05 7.01
C GLU A 75 15.47 2.23 5.76
N ILE A 76 14.55 1.29 5.86
CA ILE A 76 14.22 0.40 4.77
C ILE A 76 13.59 1.14 3.59
N VAL A 77 12.56 1.92 3.86
CA VAL A 77 11.87 2.67 2.81
C VAL A 77 12.86 3.52 2.03
N GLU A 78 13.64 4.26 2.77
CA GLU A 78 14.70 5.08 2.22
C GLU A 78 15.74 4.27 1.46
N ALA A 79 16.07 3.09 1.98
CA ALA A 79 16.99 2.18 1.29
C ALA A 79 16.45 1.78 -0.07
N MET A 80 15.18 1.38 -0.10
CA MET A 80 14.45 1.13 -1.35
C MET A 80 14.68 2.25 -2.34
N SER A 81 14.90 3.45 -1.82
CA SER A 81 14.98 4.64 -2.64
C SER A 81 16.38 4.79 -3.23
N GLU A 82 17.31 3.96 -2.76
CA GLU A 82 18.69 4.03 -3.24
C GLU A 82 18.94 2.98 -4.31
N GLY A 83 17.91 2.16 -4.57
CA GLY A 83 17.99 1.13 -5.58
C GLY A 83 18.98 0.04 -5.23
N ASP A 84 18.86 -0.49 -4.02
CA ASP A 84 19.77 -1.53 -3.54
C ASP A 84 19.07 -2.36 -2.46
N HIS A 85 19.04 -1.79 -1.25
CA HIS A 85 18.22 -2.27 -0.12
C HIS A 85 18.24 -3.79 0.10
N TYR A 86 17.24 -4.22 0.87
CA TYR A 86 17.03 -5.61 1.24
C TYR A 86 15.62 -5.74 1.79
N ILE A 87 15.01 -6.92 1.66
CA ILE A 87 13.69 -7.15 2.21
C ILE A 87 13.48 -8.62 2.57
N ASN A 88 12.94 -8.84 3.77
CA ASN A 88 12.57 -10.18 4.21
C ASN A 88 11.06 -10.35 4.05
N PHE A 89 10.66 -11.47 3.46
CA PHE A 89 9.26 -11.69 3.12
C PHE A 89 8.57 -12.59 4.15
N THR A 90 7.25 -12.47 4.24
CA THR A 90 6.46 -13.32 5.10
C THR A 90 5.65 -14.29 4.25
N LYS A 91 5.35 -15.46 4.80
CA LYS A 91 4.61 -16.46 4.04
C LYS A 91 3.75 -17.29 4.98
N VAL A 92 4.40 -18.16 5.74
CA VAL A 92 3.72 -19.01 6.70
C VAL A 92 3.67 -18.33 8.07
N HIS A 93 3.43 -17.03 8.05
CA HIS A 93 3.48 -16.21 9.26
C HIS A 93 2.09 -15.83 9.74
N ASP A 94 2.02 -14.75 10.50
CA ASP A 94 0.77 -14.34 11.13
C ASP A 94 0.08 -13.24 10.35
N GLN A 95 -1.23 -13.10 10.51
CA GLN A 95 -1.99 -12.01 9.91
C GLN A 95 -1.32 -10.66 10.14
N GLU A 96 -0.83 -10.44 11.36
CA GLU A 96 -0.14 -9.22 11.71
C GLU A 96 1.06 -8.99 10.79
N SER A 97 1.75 -10.08 10.47
CA SER A 97 2.91 -10.05 9.61
C SER A 97 2.47 -9.89 8.15
N LEU A 98 1.36 -10.54 7.81
CA LEU A 98 0.80 -10.45 6.46
C LEU A 98 0.41 -9.01 6.16
N PHE A 99 -0.31 -8.38 7.08
CA PHE A 99 -0.70 -6.99 6.95
C PHE A 99 0.52 -6.09 6.93
N ALA A 100 1.48 -6.43 7.77
CA ALA A 100 2.71 -5.68 7.90
C ALA A 100 3.44 -5.58 6.56
N THR A 101 3.37 -6.66 5.77
CA THR A 101 4.06 -6.72 4.51
C THR A 101 3.42 -5.77 3.49
N ILE A 102 2.13 -5.53 3.62
CA ILE A 102 1.45 -4.59 2.75
C ILE A 102 1.85 -3.16 3.10
N GLY A 103 1.74 -2.79 4.38
CA GLY A 103 2.03 -1.42 4.78
C GLY A 103 3.48 -1.02 4.60
N ILE A 104 4.39 -1.94 4.89
CA ILE A 104 5.80 -1.68 4.70
C ILE A 104 6.08 -1.37 3.23
N CYS A 105 5.41 -2.10 2.35
CA CYS A 105 5.54 -1.87 0.93
C CYS A 105 4.83 -0.58 0.52
N ALA A 106 3.80 -0.21 1.28
CA ALA A 106 3.00 0.96 0.97
C ALA A 106 3.79 2.24 1.21
N LYS A 107 4.62 2.24 2.25
CA LYS A 107 5.44 3.41 2.57
C LYS A 107 6.55 3.57 1.54
N ILE A 108 6.97 2.45 0.99
CA ILE A 108 8.03 2.43 0.01
C ILE A 108 7.55 3.00 -1.32
N THR A 109 6.43 2.49 -1.80
CA THR A 109 5.86 2.92 -3.08
C THR A 109 5.54 4.42 -3.08
N GLU A 110 5.14 4.97 -1.93
CA GLU A 110 4.74 6.35 -1.86
C GLU A 110 5.94 7.30 -1.79
N HIS A 111 6.97 6.90 -1.03
CA HIS A 111 8.13 7.75 -0.79
C HIS A 111 8.78 8.22 -2.10
N TRP A 112 8.66 7.39 -3.13
CA TRP A 112 9.26 7.64 -4.42
C TRP A 112 8.57 8.78 -5.18
N GLY A 113 7.35 9.12 -4.79
CA GLY A 113 6.54 10.04 -5.54
C GLY A 113 7.10 11.46 -5.56
N TYR A 114 7.56 11.94 -4.41
CA TYR A 114 7.95 13.35 -4.26
C TYR A 114 8.94 13.80 -5.33
N LYS A 115 10.12 13.21 -5.35
CA LYS A 115 11.14 13.62 -6.31
C LYS A 115 11.41 12.53 -7.36
N LYS A 116 10.46 11.60 -7.51
CA LYS A 116 10.58 10.53 -8.51
C LYS A 116 11.81 9.67 -8.24
N ILE A 117 11.71 8.81 -7.24
CA ILE A 117 12.83 8.03 -6.79
C ILE A 117 12.73 6.59 -7.30
N SER A 118 13.87 5.93 -7.39
CA SER A 118 13.95 4.51 -7.71
C SER A 118 13.32 4.18 -9.06
N GLU A 119 14.12 4.25 -10.11
CA GLU A 119 13.64 3.87 -11.43
C GLU A 119 14.35 2.60 -11.87
N SER A 120 14.82 1.85 -10.88
CA SER A 120 15.49 0.59 -11.12
C SER A 120 14.48 -0.49 -11.50
N ARG A 121 14.38 -0.77 -12.79
CA ARG A 121 13.40 -1.74 -13.29
C ARG A 121 13.88 -3.16 -13.04
N PHE A 122 13.71 -3.60 -11.80
CA PHE A 122 14.02 -4.96 -11.40
C PHE A 122 13.03 -5.43 -10.35
N GLN A 123 12.15 -6.32 -10.76
CA GLN A 123 11.14 -6.87 -9.86
C GLN A 123 11.66 -8.13 -9.20
N SER A 124 11.15 -8.44 -8.03
CA SER A 124 11.57 -9.61 -7.30
C SER A 124 10.35 -10.34 -6.74
N LEU A 125 10.40 -11.67 -6.76
CA LEU A 125 9.32 -12.53 -6.26
C LEU A 125 8.13 -12.54 -7.24
N GLY A 126 7.71 -11.36 -7.66
CA GLY A 126 6.63 -11.24 -8.61
C GLY A 126 6.21 -9.81 -8.80
N ASN A 127 4.93 -9.54 -8.57
CA ASN A 127 4.41 -8.18 -8.62
C ASN A 127 4.01 -7.75 -7.21
N ILE A 128 3.55 -6.52 -7.04
CA ILE A 128 3.09 -6.05 -5.73
C ILE A 128 1.95 -6.93 -5.21
N THR A 129 1.15 -7.45 -6.12
CA THR A 129 0.05 -8.34 -5.79
C THR A 129 0.53 -9.69 -5.26
N ASP A 130 1.76 -10.06 -5.61
CA ASP A 130 2.32 -11.35 -5.21
C ASP A 130 2.90 -11.32 -3.81
N LEU A 131 2.86 -10.15 -3.19
CA LEU A 131 3.41 -9.96 -1.85
C LEU A 131 2.38 -10.40 -0.80
N MET A 132 1.21 -10.76 -1.28
CA MET A 132 0.11 -11.20 -0.44
C MET A 132 -0.57 -12.40 -1.07
N THR A 133 -1.24 -13.20 -0.25
CA THR A 133 -1.75 -14.48 -0.68
C THR A 133 -3.19 -14.35 -1.13
N ASP A 134 -3.79 -15.46 -1.50
CA ASP A 134 -5.13 -15.40 -2.04
C ASP A 134 -6.04 -15.31 -0.83
N ASP A 135 -5.54 -15.96 0.21
CA ASP A 135 -6.20 -16.10 1.49
C ASP A 135 -6.13 -14.80 2.24
N ASN A 136 -5.19 -13.94 1.85
CA ASN A 136 -4.98 -12.70 2.56
C ASN A 136 -6.13 -11.81 2.16
N ILE A 137 -6.53 -12.03 0.92
CA ILE A 137 -7.67 -11.39 0.30
C ILE A 137 -8.91 -11.66 1.12
N ASN A 138 -9.05 -12.90 1.55
CA ASN A 138 -10.16 -13.31 2.36
C ASN A 138 -10.09 -12.67 3.72
N ILE A 139 -8.91 -12.69 4.31
CA ILE A 139 -8.70 -12.09 5.61
C ILE A 139 -9.01 -10.61 5.55
N LEU A 140 -8.60 -10.01 4.46
CA LEU A 140 -8.76 -8.60 4.23
C LEU A 140 -10.23 -8.22 4.17
N ILE A 141 -10.99 -8.92 3.34
CA ILE A 141 -12.44 -8.72 3.26
C ILE A 141 -13.02 -8.80 4.66
N LEU A 142 -12.61 -9.82 5.37
CA LEU A 142 -13.12 -10.11 6.70
C LEU A 142 -12.74 -9.05 7.71
N PHE A 143 -11.47 -8.72 7.72
CA PHE A 143 -10.93 -7.71 8.62
C PHE A 143 -11.65 -6.41 8.44
N LEU A 144 -11.79 -6.04 7.20
CA LEU A 144 -12.43 -4.81 6.83
C LEU A 144 -13.91 -4.87 7.17
N GLU A 145 -14.52 -6.01 6.90
CA GLU A 145 -15.96 -6.21 7.11
C GLU A 145 -16.40 -5.86 8.50
N LYS A 146 -15.47 -5.96 9.41
CA LYS A 146 -15.70 -5.51 10.77
C LYS A 146 -16.25 -4.09 10.80
N LYS A 147 -15.77 -3.24 9.91
CA LYS A 147 -16.22 -1.88 9.84
C LYS A 147 -16.82 -1.60 8.47
N LEU A 148 -16.61 -2.55 7.60
CA LEU A 148 -17.09 -2.58 6.24
C LEU A 148 -18.36 -3.40 6.14
N ASN A 149 -18.95 -3.43 4.95
CA ASN A 149 -20.29 -3.98 4.75
C ASN A 149 -21.30 -3.15 5.54
N MET A 1 -13.58 27.45 -10.98
CA MET A 1 -13.27 26.27 -11.83
C MET A 1 -11.86 26.35 -12.40
N ALA A 2 -11.13 27.42 -12.10
CA ALA A 2 -9.74 27.54 -12.55
C ALA A 2 -8.81 26.82 -11.59
N THR A 3 -9.15 25.58 -11.24
CA THR A 3 -8.43 24.85 -10.23
C THR A 3 -8.03 23.46 -10.73
N LYS A 4 -7.60 23.37 -11.99
CA LYS A 4 -7.15 22.09 -12.52
C LYS A 4 -5.65 21.93 -12.28
N LEU A 5 -5.20 22.44 -11.14
CA LEU A 5 -3.82 22.26 -10.70
C LEU A 5 -3.74 21.11 -9.72
N ASP A 6 -4.91 20.64 -9.30
CA ASP A 6 -5.00 19.48 -8.42
C ASP A 6 -5.05 18.21 -9.25
N TYR A 7 -4.38 17.17 -8.79
CA TYR A 7 -4.27 15.93 -9.54
C TYR A 7 -5.11 14.84 -8.91
N GLU A 8 -5.62 13.95 -9.73
CA GLU A 8 -6.40 12.81 -9.25
C GLU A 8 -5.91 11.54 -9.88
N ASP A 9 -6.23 11.39 -11.17
CA ASP A 9 -5.99 10.16 -11.89
C ASP A 9 -6.53 8.99 -11.10
N ALA A 10 -7.64 9.25 -10.44
CA ALA A 10 -8.28 8.26 -9.60
C ALA A 10 -9.01 7.24 -10.43
N VAL A 11 -8.18 6.46 -11.04
CA VAL A 11 -8.57 5.31 -11.82
C VAL A 11 -9.25 4.25 -10.95
N PHE A 12 -8.67 4.01 -9.79
CA PHE A 12 -9.20 3.09 -8.82
C PHE A 12 -10.66 3.35 -8.50
N TYR A 13 -11.37 2.26 -8.30
CA TYR A 13 -12.80 2.30 -8.01
C TYR A 13 -13.04 2.06 -6.53
N PHE A 14 -12.38 1.05 -6.01
CA PHE A 14 -12.57 0.63 -4.64
C PHE A 14 -11.79 1.54 -3.70
N VAL A 15 -11.01 2.44 -4.29
CA VAL A 15 -10.31 3.48 -3.53
C VAL A 15 -11.26 4.16 -2.54
N ASP A 16 -12.45 4.47 -3.03
CA ASP A 16 -13.44 5.25 -2.31
C ASP A 16 -14.69 4.40 -2.09
N ASP A 17 -14.53 3.09 -2.26
CA ASP A 17 -15.66 2.16 -2.27
C ASP A 17 -16.51 2.25 -1.01
N ASP A 18 -15.85 2.52 0.10
CA ASP A 18 -16.51 2.73 1.41
C ASP A 18 -17.01 1.41 2.01
N LYS A 19 -17.25 0.44 1.16
CA LYS A 19 -17.79 -0.82 1.56
C LYS A 19 -16.86 -1.97 1.18
N ILE A 20 -17.19 -3.16 1.64
CA ILE A 20 -16.40 -4.34 1.37
C ILE A 20 -16.73 -4.87 -0.03
N CYS A 21 -15.71 -5.25 -0.78
CA CYS A 21 -15.87 -5.72 -2.11
C CYS A 21 -15.79 -7.24 -2.19
N SER A 22 -15.66 -7.73 -3.40
CA SER A 22 -15.46 -9.14 -3.66
C SER A 22 -14.04 -9.55 -3.31
N ARG A 23 -13.83 -10.85 -3.16
CA ARG A 23 -12.49 -11.40 -3.08
C ARG A 23 -11.69 -10.96 -4.31
N ASP A 24 -12.36 -11.03 -5.45
CA ASP A 24 -11.73 -10.77 -6.74
C ASP A 24 -11.46 -9.28 -6.90
N SER A 25 -11.92 -8.53 -5.93
CA SER A 25 -11.83 -7.09 -5.99
C SER A 25 -10.64 -6.61 -5.17
N ILE A 26 -10.25 -7.41 -4.20
CA ILE A 26 -9.11 -7.11 -3.35
C ILE A 26 -7.85 -7.50 -4.11
N ILE A 27 -8.09 -8.18 -5.21
CA ILE A 27 -7.09 -8.58 -6.16
C ILE A 27 -6.55 -7.35 -6.88
N ASP A 28 -7.47 -6.61 -7.46
CA ASP A 28 -7.14 -5.39 -8.15
C ASP A 28 -6.77 -4.36 -7.13
N LEU A 29 -7.46 -4.47 -6.02
CA LEU A 29 -7.38 -3.53 -4.92
C LEU A 29 -5.96 -3.26 -4.49
N ILE A 30 -5.21 -4.32 -4.24
CA ILE A 30 -3.84 -4.18 -3.80
C ILE A 30 -3.01 -3.43 -4.82
N ASP A 31 -3.34 -3.65 -6.09
CA ASP A 31 -2.69 -2.95 -7.18
C ASP A 31 -3.09 -1.47 -7.13
N GLU A 32 -4.40 -1.22 -6.99
CA GLU A 32 -4.92 0.14 -6.88
C GLU A 32 -4.32 0.87 -5.69
N TYR A 33 -4.39 0.25 -4.51
CA TYR A 33 -3.96 0.89 -3.26
C TYR A 33 -2.49 1.22 -3.28
N ILE A 34 -1.67 0.21 -3.50
CA ILE A 34 -0.22 0.37 -3.55
C ILE A 34 0.17 1.45 -4.58
N THR A 35 -0.62 1.57 -5.65
CA THR A 35 -0.40 2.63 -6.63
C THR A 35 -0.99 3.96 -6.14
N TRP A 36 -2.09 3.90 -5.42
CA TRP A 36 -2.77 5.09 -4.92
C TRP A 36 -1.92 5.80 -3.87
N ARG A 37 -1.31 5.03 -2.98
CA ARG A 37 -0.38 5.61 -2.01
C ARG A 37 0.71 6.36 -2.73
N ASN A 38 0.98 5.95 -3.96
CA ASN A 38 2.00 6.57 -4.76
C ASN A 38 1.45 7.87 -5.33
N HIS A 39 0.25 7.81 -5.89
CA HIS A 39 -0.42 8.98 -6.47
C HIS A 39 -0.48 10.16 -5.49
N VAL A 40 -0.73 9.86 -4.21
CA VAL A 40 -0.83 10.89 -3.18
C VAL A 40 0.45 11.71 -3.12
N ILE A 41 1.52 11.09 -3.55
CA ILE A 41 2.82 11.67 -3.47
C ILE A 41 3.22 12.41 -4.74
N VAL A 42 3.36 11.66 -5.80
CA VAL A 42 3.73 12.20 -7.11
C VAL A 42 2.83 13.36 -7.51
N PHE A 43 1.55 13.13 -7.32
CA PHE A 43 0.51 14.06 -7.72
C PHE A 43 0.19 15.00 -6.57
N ASN A 44 0.74 14.65 -5.41
CA ASN A 44 0.47 15.34 -4.17
C ASN A 44 -1.03 15.47 -3.95
N LYS A 45 -1.70 14.33 -4.04
CA LYS A 45 -3.13 14.23 -3.81
C LYS A 45 -3.42 14.28 -2.31
N ASP A 46 -4.31 13.42 -1.87
CA ASP A 46 -4.61 13.34 -0.45
C ASP A 46 -4.69 11.90 -0.02
N ILE A 47 -4.26 11.66 1.19
CA ILE A 47 -4.37 10.36 1.80
C ILE A 47 -5.78 10.14 2.32
N THR A 48 -6.41 11.24 2.68
CA THR A 48 -7.73 11.18 3.27
C THR A 48 -8.75 11.07 2.18
N SER A 49 -8.28 11.39 0.99
CA SER A 49 -9.12 11.33 -0.19
C SER A 49 -9.27 9.89 -0.67
N CYS A 50 -10.21 9.18 -0.05
CA CYS A 50 -10.52 7.81 -0.37
C CYS A 50 -11.76 7.37 0.41
N GLY A 51 -11.97 6.08 0.43
CA GLY A 51 -13.10 5.52 1.12
C GLY A 51 -12.69 4.73 2.34
N ARG A 52 -13.61 3.93 2.85
CA ARG A 52 -13.44 3.23 4.11
C ARG A 52 -12.38 2.15 3.99
N LEU A 53 -12.52 1.37 2.94
CA LEU A 53 -11.67 0.21 2.71
C LEU A 53 -10.19 0.61 2.79
N TYR A 54 -9.86 1.73 2.17
CA TYR A 54 -8.49 2.19 2.06
C TYR A 54 -7.89 2.63 3.38
N LYS A 55 -8.71 3.17 4.27
CA LYS A 55 -8.22 3.69 5.53
C LYS A 55 -7.62 2.56 6.35
N GLU A 56 -8.19 1.39 6.20
CA GLU A 56 -7.78 0.22 6.97
C GLU A 56 -6.43 -0.28 6.49
N LEU A 57 -6.23 -0.22 5.18
CA LEU A 57 -4.94 -0.52 4.59
C LEU A 57 -3.87 0.37 5.17
N MET A 58 -4.22 1.63 5.40
CA MET A 58 -3.29 2.60 5.96
C MET A 58 -2.80 2.12 7.30
N LYS A 59 -3.68 1.44 8.02
CA LYS A 59 -3.35 0.92 9.32
C LYS A 59 -2.36 -0.24 9.24
N PHE A 60 -2.17 -0.77 8.05
CA PHE A 60 -1.20 -1.83 7.84
C PHE A 60 0.19 -1.24 7.77
N ASP A 61 0.23 0.06 7.58
CA ASP A 61 1.46 0.82 7.67
C ASP A 61 1.89 0.83 9.10
N ASP A 62 0.88 1.03 9.92
CA ASP A 62 1.00 1.24 11.35
C ASP A 62 1.32 -0.06 12.04
N VAL A 63 0.65 -1.09 11.58
CA VAL A 63 0.84 -2.42 12.07
C VAL A 63 2.27 -2.88 11.82
N ALA A 64 2.78 -2.43 10.69
CA ALA A 64 4.18 -2.65 10.31
C ALA A 64 5.11 -1.79 11.15
N ILE A 65 4.71 -0.54 11.40
CA ILE A 65 5.44 0.32 12.32
C ILE A 65 5.53 -0.31 13.70
N ARG A 66 4.44 -0.94 14.12
CA ARG A 66 4.42 -1.63 15.40
C ARG A 66 5.27 -2.89 15.33
N TYR A 67 5.15 -3.60 14.23
CA TYR A 67 5.81 -4.89 14.06
C TYR A 67 7.29 -4.70 13.79
N TYR A 68 7.58 -4.24 12.60
CA TYR A 68 8.96 -4.08 12.16
C TYR A 68 9.60 -2.92 12.90
N GLY A 69 8.90 -1.80 12.92
CA GLY A 69 9.35 -0.66 13.66
C GLY A 69 9.52 0.51 12.76
N ILE A 70 9.09 1.66 13.23
CA ILE A 70 9.16 2.86 12.41
C ILE A 70 10.60 3.12 12.00
N ASP A 71 11.52 2.94 12.95
CA ASP A 71 12.95 3.09 12.70
C ASP A 71 13.41 2.14 11.62
N LYS A 72 13.05 0.87 11.78
CA LYS A 72 13.39 -0.17 10.81
C LYS A 72 12.83 0.16 9.44
N ILE A 73 11.58 0.56 9.45
CA ILE A 73 10.90 0.95 8.24
C ILE A 73 11.62 2.11 7.57
N ASN A 74 12.01 3.08 8.37
CA ASN A 74 12.78 4.22 7.93
C ASN A 74 14.07 3.78 7.24
N GLU A 75 14.79 2.86 7.90
CA GLU A 75 16.03 2.33 7.36
C GLU A 75 15.76 1.71 6.00
N ILE A 76 14.69 0.97 5.97
CA ILE A 76 14.31 0.17 4.84
C ILE A 76 13.78 1.00 3.69
N VAL A 77 12.79 1.86 3.97
CA VAL A 77 12.17 2.65 2.92
C VAL A 77 13.21 3.46 2.18
N GLU A 78 13.98 4.18 2.94
CA GLU A 78 15.07 4.99 2.40
C GLU A 78 16.02 4.18 1.54
N ALA A 79 16.38 3.00 2.02
CA ALA A 79 17.25 2.08 1.28
C ALA A 79 16.61 1.65 -0.05
N MET A 80 15.30 1.46 -0.04
CA MET A 80 14.53 1.17 -1.26
C MET A 80 14.84 2.13 -2.41
N SER A 81 15.45 3.27 -2.12
CA SER A 81 15.78 4.21 -3.18
C SER A 81 16.90 3.65 -4.03
N GLU A 82 17.61 2.69 -3.46
CA GLU A 82 18.69 2.01 -4.14
C GLU A 82 18.12 0.94 -5.08
N GLY A 83 16.83 0.63 -4.87
CA GLY A 83 16.18 -0.41 -5.63
C GLY A 83 16.68 -1.79 -5.23
N ASP A 84 17.00 -1.93 -3.95
CA ASP A 84 17.67 -3.13 -3.46
C ASP A 84 17.10 -3.54 -2.10
N HIS A 85 17.81 -4.45 -1.44
CA HIS A 85 17.48 -4.94 -0.09
C HIS A 85 16.18 -5.73 -0.07
N TYR A 86 15.79 -6.07 1.15
CA TYR A 86 14.59 -6.82 1.44
C TYR A 86 14.59 -8.24 0.90
N ILE A 87 13.62 -9.00 1.40
CA ILE A 87 13.66 -10.44 1.36
C ILE A 87 12.27 -11.03 1.21
N ASN A 88 12.10 -12.29 1.61
CA ASN A 88 10.81 -12.97 1.53
C ASN A 88 9.78 -12.33 2.46
N PHE A 89 8.52 -12.39 2.04
CA PHE A 89 7.41 -11.87 2.83
C PHE A 89 6.92 -12.92 3.82
N THR A 90 6.14 -12.49 4.81
CA THR A 90 5.67 -13.39 5.84
C THR A 90 4.21 -13.80 5.63
N LYS A 91 4.00 -15.10 5.38
CA LYS A 91 2.68 -15.65 5.23
C LYS A 91 2.32 -16.48 6.46
N VAL A 92 3.04 -17.57 6.62
CA VAL A 92 2.80 -18.53 7.68
C VAL A 92 3.37 -18.07 9.02
N HIS A 93 3.07 -16.84 9.38
CA HIS A 93 3.50 -16.28 10.66
C HIS A 93 2.27 -15.88 11.48
N ASP A 94 1.75 -14.68 11.24
CA ASP A 94 0.52 -14.26 11.88
C ASP A 94 -0.16 -13.19 11.04
N GLN A 95 -1.42 -12.95 11.31
CA GLN A 95 -2.16 -11.90 10.63
C GLN A 95 -1.50 -10.54 10.79
N GLU A 96 -0.95 -10.27 11.96
CA GLU A 96 -0.30 -9.00 12.21
C GLU A 96 0.89 -8.83 11.26
N SER A 97 1.58 -9.93 10.99
CA SER A 97 2.69 -9.95 10.08
C SER A 97 2.17 -9.80 8.65
N LEU A 98 1.05 -10.47 8.37
CA LEU A 98 0.41 -10.40 7.07
C LEU A 98 0.16 -8.95 6.68
N PHE A 99 -0.51 -8.22 7.55
CA PHE A 99 -0.82 -6.82 7.33
C PHE A 99 0.44 -5.98 7.28
N ALA A 100 1.36 -6.29 8.19
CA ALA A 100 2.63 -5.58 8.26
C ALA A 100 3.37 -5.68 6.95
N THR A 101 3.18 -6.81 6.26
CA THR A 101 3.84 -7.08 5.02
C THR A 101 3.36 -6.11 3.92
N ILE A 102 2.08 -5.76 3.97
CA ILE A 102 1.51 -4.85 3.00
C ILE A 102 1.97 -3.41 3.27
N GLY A 103 1.79 -2.95 4.50
CA GLY A 103 2.05 -1.55 4.83
C GLY A 103 3.49 -1.14 4.64
N ILE A 104 4.41 -2.00 5.04
CA ILE A 104 5.83 -1.72 4.89
C ILE A 104 6.16 -1.40 3.43
N CYS A 105 5.64 -2.22 2.52
CA CYS A 105 5.84 -2.00 1.10
C CYS A 105 5.03 -0.81 0.60
N ALA A 106 3.94 -0.47 1.29
CA ALA A 106 3.09 0.63 0.89
C ALA A 106 3.82 1.97 1.10
N LYS A 107 4.61 2.04 2.16
CA LYS A 107 5.35 3.26 2.48
C LYS A 107 6.51 3.45 1.51
N ILE A 108 7.02 2.33 1.02
CA ILE A 108 8.13 2.33 0.10
C ILE A 108 7.70 2.89 -1.25
N THR A 109 6.57 2.40 -1.73
CA THR A 109 6.05 2.79 -3.02
C THR A 109 5.60 4.25 -3.04
N GLU A 110 5.13 4.77 -1.91
CA GLU A 110 4.56 6.12 -1.89
C GLU A 110 5.61 7.22 -1.88
N HIS A 111 6.53 7.19 -0.92
CA HIS A 111 7.45 8.31 -0.68
C HIS A 111 8.26 8.66 -1.94
N TRP A 112 8.45 7.67 -2.80
CA TRP A 112 9.23 7.82 -4.01
C TRP A 112 8.58 8.77 -5.01
N GLY A 113 7.30 9.05 -4.81
CA GLY A 113 6.55 9.84 -5.77
C GLY A 113 7.06 11.26 -5.92
N TYR A 114 7.52 11.86 -4.81
CA TYR A 114 7.88 13.28 -4.79
C TYR A 114 8.87 13.63 -5.90
N LYS A 115 9.99 12.92 -5.95
CA LYS A 115 11.02 13.21 -6.95
C LYS A 115 11.11 12.11 -7.99
N LYS A 116 10.21 11.13 -7.87
CA LYS A 116 10.17 9.96 -8.76
C LYS A 116 11.45 9.13 -8.62
N ILE A 117 11.46 8.30 -7.58
CA ILE A 117 12.62 7.50 -7.22
C ILE A 117 12.46 6.06 -7.69
N SER A 118 13.59 5.37 -7.83
CA SER A 118 13.64 3.93 -8.10
C SER A 118 13.50 3.65 -9.59
N GLU A 119 13.91 2.45 -9.99
CA GLU A 119 13.87 2.05 -11.38
C GLU A 119 12.58 1.30 -11.70
N SER A 120 11.74 1.16 -10.69
CA SER A 120 10.42 0.57 -10.87
C SER A 120 9.46 1.65 -11.38
N ARG A 121 9.49 1.88 -12.68
CA ARG A 121 8.67 2.90 -13.30
C ARG A 121 7.39 2.28 -13.85
N PHE A 122 6.84 1.34 -13.09
CA PHE A 122 5.65 0.57 -13.50
C PHE A 122 5.97 -0.32 -14.70
N GLN A 123 4.98 -1.11 -15.12
CA GLN A 123 5.12 -2.04 -16.24
C GLN A 123 6.26 -3.02 -15.97
N SER A 124 6.40 -3.41 -14.72
CA SER A 124 7.44 -4.34 -14.30
C SER A 124 6.98 -5.11 -13.07
N LEU A 125 7.48 -6.32 -12.91
CA LEU A 125 7.07 -7.17 -11.80
C LEU A 125 8.09 -7.10 -10.67
N GLY A 126 7.60 -7.22 -9.45
CA GLY A 126 8.46 -7.20 -8.29
C GLY A 126 7.85 -7.96 -7.15
N ASN A 127 8.22 -7.63 -5.93
CA ASN A 127 7.62 -8.23 -4.74
C ASN A 127 6.85 -7.17 -3.96
N ILE A 128 6.17 -6.30 -4.69
CA ILE A 128 5.39 -5.23 -4.07
C ILE A 128 3.93 -5.65 -3.94
N THR A 129 3.20 -5.61 -5.04
CA THR A 129 1.81 -6.05 -5.05
C THR A 129 1.72 -7.58 -5.01
N ASP A 130 2.74 -8.21 -5.55
CA ASP A 130 2.82 -9.67 -5.64
C ASP A 130 3.10 -10.30 -4.29
N LEU A 131 3.25 -9.47 -3.27
CA LEU A 131 3.68 -9.90 -1.96
C LEU A 131 2.52 -10.40 -1.09
N MET A 132 1.29 -10.19 -1.56
CA MET A 132 0.11 -10.69 -0.87
C MET A 132 -0.66 -11.64 -1.77
N THR A 133 -1.62 -12.35 -1.21
CA THR A 133 -2.21 -13.49 -1.90
C THR A 133 -3.73 -13.45 -1.87
N ASP A 134 -4.34 -14.15 -2.81
CA ASP A 134 -5.78 -14.39 -2.80
C ASP A 134 -6.25 -14.89 -1.45
N ASP A 135 -5.39 -15.64 -0.78
CA ASP A 135 -5.70 -16.17 0.53
C ASP A 135 -5.77 -15.03 1.53
N ASN A 136 -4.96 -14.01 1.28
CA ASN A 136 -4.81 -12.88 2.18
C ASN A 136 -6.01 -11.97 1.98
N ILE A 137 -6.52 -12.00 0.75
CA ILE A 137 -7.67 -11.23 0.35
C ILE A 137 -8.87 -11.60 1.20
N ASN A 138 -8.96 -12.88 1.50
CA ASN A 138 -10.00 -13.38 2.37
C ASN A 138 -9.89 -12.77 3.74
N ILE A 139 -8.68 -12.73 4.27
CA ILE A 139 -8.45 -12.16 5.58
C ILE A 139 -8.82 -10.70 5.56
N LEU A 140 -8.45 -10.06 4.47
CA LEU A 140 -8.63 -8.66 4.27
C LEU A 140 -10.10 -8.30 4.23
N ILE A 141 -10.86 -8.99 3.37
CA ILE A 141 -12.30 -8.80 3.29
C ILE A 141 -12.90 -8.90 4.68
N LEU A 142 -12.47 -9.92 5.39
CA LEU A 142 -12.99 -10.23 6.70
C LEU A 142 -12.63 -9.16 7.72
N PHE A 143 -11.36 -8.81 7.76
CA PHE A 143 -10.86 -7.80 8.67
C PHE A 143 -11.59 -6.49 8.47
N LEU A 144 -11.72 -6.16 7.22
CA LEU A 144 -12.38 -4.94 6.83
C LEU A 144 -13.85 -4.99 7.18
N GLU A 145 -14.46 -6.15 6.92
CA GLU A 145 -15.90 -6.36 7.14
C GLU A 145 -16.34 -6.00 8.53
N LYS A 146 -15.39 -6.06 9.43
CA LYS A 146 -15.58 -5.55 10.78
C LYS A 146 -16.20 -4.17 10.77
N LYS A 147 -15.70 -3.31 9.88
CA LYS A 147 -16.23 -1.96 9.77
C LYS A 147 -16.86 -1.78 8.39
N LEU A 148 -16.60 -2.74 7.54
CA LEU A 148 -17.05 -2.78 6.18
C LEU A 148 -18.30 -3.66 6.05
N ASN A 149 -18.82 -3.72 4.82
CA ASN A 149 -20.12 -4.35 4.54
C ASN A 149 -21.24 -3.63 5.27
N MET A 1 -2.92 23.01 -11.01
CA MET A 1 -4.29 23.33 -11.47
C MET A 1 -5.30 22.41 -10.78
N ALA A 2 -5.05 22.12 -9.52
CA ALA A 2 -5.90 21.20 -8.76
C ALA A 2 -7.01 21.95 -8.05
N THR A 3 -7.89 22.59 -8.82
CA THR A 3 -9.06 23.23 -8.27
C THR A 3 -9.96 22.17 -7.64
N LYS A 4 -10.29 21.16 -8.43
CA LYS A 4 -10.93 19.95 -7.95
C LYS A 4 -10.35 18.75 -8.68
N LEU A 5 -9.15 18.95 -9.22
CA LEU A 5 -8.48 17.93 -10.02
C LEU A 5 -7.28 17.38 -9.28
N ASP A 6 -7.47 17.06 -8.01
CA ASP A 6 -6.43 16.43 -7.22
C ASP A 6 -6.28 14.97 -7.63
N TYR A 7 -7.42 14.35 -7.88
CA TYR A 7 -7.46 12.95 -8.26
C TYR A 7 -7.77 12.81 -9.76
N GLU A 8 -6.83 13.24 -10.59
CA GLU A 8 -7.03 13.24 -12.03
C GLU A 8 -7.12 11.83 -12.57
N ASP A 9 -5.97 11.17 -12.59
CA ASP A 9 -5.87 9.83 -13.10
C ASP A 9 -6.15 8.82 -12.00
N ALA A 10 -7.02 9.22 -11.08
CA ALA A 10 -7.57 8.31 -10.10
C ALA A 10 -8.38 7.22 -10.75
N VAL A 11 -7.63 6.28 -11.23
CA VAL A 11 -8.10 5.11 -11.94
C VAL A 11 -8.84 4.14 -11.02
N PHE A 12 -8.28 3.93 -9.84
CA PHE A 12 -8.82 3.03 -8.86
C PHE A 12 -10.30 3.29 -8.58
N TYR A 13 -11.01 2.19 -8.34
CA TYR A 13 -12.42 2.22 -8.00
C TYR A 13 -12.61 2.04 -6.51
N PHE A 14 -12.01 0.98 -6.01
CA PHE A 14 -12.16 0.59 -4.62
C PHE A 14 -11.38 1.53 -3.73
N VAL A 15 -10.64 2.44 -4.35
CA VAL A 15 -9.98 3.52 -3.64
C VAL A 15 -10.94 4.22 -2.68
N ASP A 16 -12.10 4.55 -3.21
CA ASP A 16 -13.12 5.30 -2.49
C ASP A 16 -14.36 4.42 -2.32
N ASP A 17 -14.16 3.13 -2.46
CA ASP A 17 -15.26 2.18 -2.54
C ASP A 17 -16.23 2.32 -1.39
N ASP A 18 -15.66 2.63 -0.22
CA ASP A 18 -16.44 2.84 1.03
C ASP A 18 -16.98 1.52 1.58
N LYS A 19 -17.22 0.59 0.69
CA LYS A 19 -17.82 -0.66 1.01
C LYS A 19 -16.88 -1.82 0.73
N ILE A 20 -17.28 -3.00 1.19
CA ILE A 20 -16.52 -4.20 1.00
C ILE A 20 -16.81 -4.79 -0.38
N CYS A 21 -15.80 -5.36 -1.02
CA CYS A 21 -15.98 -5.91 -2.33
C CYS A 21 -15.73 -7.40 -2.39
N SER A 22 -15.65 -7.88 -3.60
CA SER A 22 -15.40 -9.27 -3.87
C SER A 22 -14.02 -9.69 -3.41
N ARG A 23 -13.86 -10.98 -3.16
CA ARG A 23 -12.56 -11.58 -2.96
C ARG A 23 -11.67 -11.28 -4.16
N ASP A 24 -12.31 -11.29 -5.31
CA ASP A 24 -11.64 -11.10 -6.59
C ASP A 24 -11.28 -9.63 -6.80
N SER A 25 -11.67 -8.81 -5.86
CA SER A 25 -11.53 -7.37 -5.98
C SER A 25 -10.38 -6.86 -5.10
N ILE A 26 -10.03 -7.66 -4.09
CA ILE A 26 -8.92 -7.33 -3.19
C ILE A 26 -7.64 -7.70 -3.88
N ILE A 27 -7.82 -8.30 -5.04
CA ILE A 27 -6.77 -8.71 -5.91
C ILE A 27 -6.16 -7.51 -6.58
N ASP A 28 -7.03 -6.76 -7.27
CA ASP A 28 -6.63 -5.57 -7.98
C ASP A 28 -6.32 -4.49 -6.98
N LEU A 29 -7.05 -4.60 -5.89
CA LEU A 29 -7.04 -3.64 -4.80
C LEU A 29 -5.64 -3.31 -4.33
N ILE A 30 -4.86 -4.34 -4.09
CA ILE A 30 -3.50 -4.16 -3.59
C ILE A 30 -2.65 -3.36 -4.57
N ASP A 31 -2.90 -3.56 -5.86
CA ASP A 31 -2.21 -2.80 -6.88
C ASP A 31 -2.69 -1.36 -6.86
N GLU A 32 -4.01 -1.17 -6.75
CA GLU A 32 -4.59 0.17 -6.64
C GLU A 32 -4.07 0.93 -5.44
N TYR A 33 -4.13 0.30 -4.27
CA TYR A 33 -3.77 0.97 -3.01
C TYR A 33 -2.32 1.38 -3.00
N ILE A 34 -1.46 0.40 -3.21
CA ILE A 34 -0.02 0.65 -3.23
C ILE A 34 0.33 1.74 -4.26
N THR A 35 -0.37 1.75 -5.38
CA THR A 35 -0.17 2.81 -6.37
C THR A 35 -0.80 4.12 -5.90
N TRP A 36 -1.91 4.03 -5.19
CA TRP A 36 -2.61 5.21 -4.68
C TRP A 36 -1.79 5.91 -3.61
N ARG A 37 -1.14 5.14 -2.75
CA ARG A 37 -0.23 5.69 -1.76
C ARG A 37 0.87 6.49 -2.43
N ASN A 38 1.09 6.20 -3.70
CA ASN A 38 2.08 6.93 -4.49
C ASN A 38 1.44 8.19 -5.05
N HIS A 39 0.22 8.04 -5.58
CA HIS A 39 -0.55 9.15 -6.15
C HIS A 39 -0.65 10.34 -5.19
N VAL A 40 -0.69 10.06 -3.89
CA VAL A 40 -0.87 11.11 -2.89
C VAL A 40 0.35 12.01 -2.86
N ILE A 41 1.45 11.44 -3.30
CA ILE A 41 2.74 12.09 -3.24
C ILE A 41 3.07 12.83 -4.52
N VAL A 42 3.12 12.08 -5.60
CA VAL A 42 3.44 12.63 -6.92
C VAL A 42 2.55 13.82 -7.26
N PHE A 43 1.25 13.60 -7.12
CA PHE A 43 0.24 14.56 -7.48
C PHE A 43 -0.07 15.46 -6.30
N ASN A 44 0.50 15.11 -5.16
CA ASN A 44 0.23 15.80 -3.91
C ASN A 44 -1.27 15.81 -3.64
N LYS A 45 -1.87 14.63 -3.72
CA LYS A 45 -3.28 14.44 -3.46
C LYS A 45 -3.52 14.45 -1.94
N ASP A 46 -4.43 13.61 -1.51
CA ASP A 46 -4.74 13.50 -0.10
C ASP A 46 -4.81 12.06 0.30
N ILE A 47 -4.39 11.79 1.51
CA ILE A 47 -4.49 10.46 2.07
C ILE A 47 -5.93 10.20 2.54
N THR A 48 -6.59 11.28 2.88
CA THR A 48 -7.94 11.19 3.38
C THR A 48 -8.87 11.13 2.20
N SER A 49 -8.33 11.50 1.06
CA SER A 49 -9.06 11.45 -0.19
C SER A 49 -9.15 10.00 -0.70
N CYS A 50 -10.12 9.28 -0.16
CA CYS A 50 -10.37 7.92 -0.53
C CYS A 50 -11.64 7.45 0.16
N GLY A 51 -11.81 6.15 0.22
CA GLY A 51 -12.98 5.57 0.83
C GLY A 51 -12.65 4.87 2.13
N ARG A 52 -13.59 4.10 2.60
CA ARG A 52 -13.51 3.50 3.92
C ARG A 52 -12.54 2.33 3.94
N LEU A 53 -12.65 1.53 2.91
CA LEU A 53 -11.83 0.34 2.73
C LEU A 53 -10.34 0.69 2.87
N TYR A 54 -9.95 1.81 2.28
CA TYR A 54 -8.56 2.23 2.24
C TYR A 54 -8.02 2.67 3.58
N LYS A 55 -8.88 3.23 4.41
CA LYS A 55 -8.48 3.74 5.72
C LYS A 55 -7.92 2.60 6.56
N GLU A 56 -8.48 1.42 6.33
CA GLU A 56 -8.08 0.23 7.07
C GLU A 56 -6.70 -0.24 6.66
N LEU A 57 -6.44 -0.21 5.37
CA LEU A 57 -5.13 -0.48 4.84
C LEU A 57 -4.09 0.43 5.47
N MET A 58 -4.48 1.67 5.70
CA MET A 58 -3.58 2.65 6.32
C MET A 58 -3.12 2.14 7.67
N LYS A 59 -3.99 1.41 8.34
CA LYS A 59 -3.67 0.84 9.64
C LYS A 59 -2.59 -0.24 9.53
N PHE A 60 -2.38 -0.75 8.34
CA PHE A 60 -1.38 -1.77 8.09
C PHE A 60 -0.01 -1.14 8.02
N ASP A 61 -0.02 0.17 7.90
CA ASP A 61 1.18 0.96 7.98
C ASP A 61 1.73 0.79 9.37
N ASP A 62 0.81 0.79 10.28
CA ASP A 62 1.06 0.82 11.71
C ASP A 62 1.44 -0.55 12.19
N VAL A 63 0.74 -1.53 11.67
CA VAL A 63 0.97 -2.91 12.00
C VAL A 63 2.38 -3.32 11.60
N ALA A 64 2.82 -2.73 10.50
CA ALA A 64 4.19 -2.90 10.03
C ALA A 64 5.17 -2.14 10.90
N ILE A 65 4.83 -0.92 11.29
CA ILE A 65 5.61 -0.16 12.25
C ILE A 65 5.74 -0.92 13.56
N ARG A 66 4.67 -1.61 13.94
CA ARG A 66 4.67 -2.44 15.11
C ARG A 66 5.55 -3.66 14.91
N TYR A 67 5.40 -4.29 13.75
CA TYR A 67 6.12 -5.53 13.45
C TYR A 67 7.57 -5.26 13.12
N TYR A 68 7.78 -4.69 11.95
CA TYR A 68 9.13 -4.45 11.45
C TYR A 68 9.81 -3.36 12.25
N GLY A 69 9.05 -2.32 12.54
CA GLY A 69 9.56 -1.26 13.37
C GLY A 69 9.81 -0.02 12.59
N ILE A 70 9.52 1.10 13.22
CA ILE A 70 9.66 2.40 12.56
C ILE A 70 11.09 2.58 12.09
N ASP A 71 12.05 2.22 12.94
CA ASP A 71 13.46 2.30 12.63
C ASP A 71 13.81 1.51 11.39
N LYS A 72 13.41 0.25 11.39
CA LYS A 72 13.69 -0.62 10.25
C LYS A 72 13.00 -0.12 9.02
N ILE A 73 11.75 0.27 9.17
CA ILE A 73 10.98 0.79 8.06
C ILE A 73 11.66 2.01 7.46
N ASN A 74 12.10 2.91 8.32
CA ASN A 74 12.81 4.10 7.91
C ASN A 74 14.05 3.74 7.10
N GLU A 75 14.82 2.78 7.60
CA GLU A 75 16.03 2.35 6.91
C GLU A 75 15.68 1.68 5.59
N ILE A 76 14.63 0.88 5.64
CA ILE A 76 14.18 0.12 4.50
C ILE A 76 13.62 1.03 3.38
N VAL A 77 12.68 1.90 3.74
CA VAL A 77 12.07 2.79 2.75
C VAL A 77 13.12 3.56 1.96
N GLU A 78 14.01 4.16 2.72
CA GLU A 78 15.14 4.88 2.16
C GLU A 78 15.98 4.00 1.24
N ALA A 79 16.28 2.79 1.68
CA ALA A 79 17.04 1.84 0.87
C ALA A 79 16.39 1.63 -0.49
N MET A 80 15.09 1.34 -0.47
CA MET A 80 14.28 1.21 -1.69
C MET A 80 14.57 2.33 -2.68
N SER A 81 14.88 3.51 -2.15
CA SER A 81 15.00 4.68 -2.98
C SER A 81 16.37 4.74 -3.64
N GLU A 82 17.26 3.86 -3.20
CA GLU A 82 18.59 3.76 -3.79
C GLU A 82 18.56 2.80 -4.98
N GLY A 83 17.43 2.13 -5.15
CA GLY A 83 17.30 1.16 -6.22
C GLY A 83 17.75 -0.22 -5.81
N ASP A 84 17.87 -0.45 -4.50
CA ASP A 84 18.31 -1.73 -3.97
C ASP A 84 17.65 -1.99 -2.62
N HIS A 85 17.38 -3.26 -2.31
CA HIS A 85 16.79 -3.59 -1.03
C HIS A 85 17.21 -4.98 -0.56
N TYR A 86 16.77 -5.31 0.65
CA TYR A 86 17.04 -6.61 1.24
C TYR A 86 15.81 -7.14 1.96
N ILE A 87 14.68 -7.05 1.28
CA ILE A 87 13.40 -7.41 1.88
C ILE A 87 13.09 -8.88 1.70
N ASN A 88 13.12 -9.62 2.80
CA ASN A 88 12.65 -11.00 2.82
C ASN A 88 11.22 -11.02 3.31
N PHE A 89 10.33 -11.61 2.53
CA PHE A 89 8.90 -11.55 2.83
C PHE A 89 8.48 -12.65 3.81
N THR A 90 8.05 -12.25 4.99
CA THR A 90 7.46 -13.18 5.94
C THR A 90 5.99 -13.41 5.59
N LYS A 91 5.78 -14.13 4.52
CA LYS A 91 4.46 -14.37 3.97
C LYS A 91 3.63 -15.23 4.92
N VAL A 92 4.00 -16.49 5.01
CA VAL A 92 3.25 -17.47 5.77
C VAL A 92 3.68 -17.52 7.24
N HIS A 93 3.79 -16.36 7.87
CA HIS A 93 4.12 -16.30 9.28
C HIS A 93 2.84 -16.15 10.12
N ASP A 94 2.33 -14.92 10.19
CA ASP A 94 1.09 -14.66 10.93
C ASP A 94 0.32 -13.53 10.28
N GLN A 95 -0.92 -13.37 10.68
CA GLN A 95 -1.78 -12.33 10.14
C GLN A 95 -1.19 -10.94 10.37
N GLU A 96 -0.56 -10.74 11.52
CA GLU A 96 0.08 -9.47 11.80
C GLU A 96 1.16 -9.16 10.75
N SER A 97 1.80 -10.22 10.27
CA SER A 97 2.82 -10.09 9.23
C SER A 97 2.14 -9.96 7.86
N LEU A 98 0.98 -10.60 7.73
CA LEU A 98 0.18 -10.52 6.51
C LEU A 98 -0.19 -9.07 6.21
N PHE A 99 -0.68 -8.36 7.22
CA PHE A 99 -0.97 -6.95 7.10
C PHE A 99 0.30 -6.12 7.00
N ALA A 100 1.30 -6.50 7.80
CA ALA A 100 2.54 -5.74 7.89
C ALA A 100 3.20 -5.58 6.53
N THR A 101 3.06 -6.60 5.67
CA THR A 101 3.68 -6.58 4.36
C THR A 101 3.07 -5.50 3.47
N ILE A 102 1.81 -5.19 3.71
CA ILE A 102 1.13 -4.16 2.94
C ILE A 102 1.65 -2.78 3.32
N GLY A 103 1.63 -2.45 4.61
CA GLY A 103 2.03 -1.12 5.05
C GLY A 103 3.49 -0.84 4.82
N ILE A 104 4.34 -1.83 5.04
CA ILE A 104 5.77 -1.66 4.80
C ILE A 104 6.01 -1.31 3.34
N CYS A 105 5.27 -1.96 2.45
CA CYS A 105 5.37 -1.68 1.03
C CYS A 105 4.73 -0.34 0.71
N ALA A 106 3.78 0.08 1.54
CA ALA A 106 3.04 1.31 1.30
C ALA A 106 3.93 2.53 1.56
N LYS A 107 4.72 2.46 2.63
CA LYS A 107 5.58 3.57 3.02
C LYS A 107 6.61 3.85 1.94
N ILE A 108 7.02 2.79 1.27
CA ILE A 108 8.04 2.84 0.25
C ILE A 108 7.55 3.55 -1.01
N THR A 109 6.40 3.13 -1.49
CA THR A 109 5.86 3.65 -2.73
C THR A 109 5.59 5.16 -2.65
N GLU A 110 5.30 5.64 -1.44
CA GLU A 110 5.02 7.07 -1.24
C GLU A 110 6.26 7.92 -1.50
N HIS A 111 7.36 7.56 -0.86
CA HIS A 111 8.59 8.37 -0.89
C HIS A 111 9.05 8.66 -2.32
N TRP A 112 8.77 7.73 -3.23
CA TRP A 112 9.20 7.86 -4.62
C TRP A 112 8.40 8.92 -5.39
N GLY A 113 7.22 9.28 -4.90
CA GLY A 113 6.33 10.15 -5.65
C GLY A 113 6.87 11.54 -5.88
N TYR A 114 7.40 12.17 -4.83
CA TYR A 114 7.75 13.60 -4.87
C TYR A 114 8.64 13.94 -6.07
N LYS A 115 9.80 13.28 -6.14
CA LYS A 115 10.76 13.58 -7.19
C LYS A 115 10.87 12.43 -8.20
N LYS A 116 9.98 11.44 -8.05
CA LYS A 116 9.99 10.24 -8.88
C LYS A 116 11.30 9.46 -8.70
N ILE A 117 11.36 8.66 -7.65
CA ILE A 117 12.56 7.93 -7.31
C ILE A 117 12.44 6.48 -7.75
N SER A 118 13.59 5.85 -7.96
CA SER A 118 13.67 4.43 -8.28
C SER A 118 12.90 4.08 -9.56
N GLU A 119 12.82 5.01 -10.49
CA GLU A 119 12.07 4.79 -11.72
C GLU A 119 12.89 3.95 -12.71
N SER A 120 14.06 3.53 -12.27
CA SER A 120 14.89 2.61 -13.06
C SER A 120 14.24 1.24 -13.13
N ARG A 121 13.28 1.00 -12.23
CA ARG A 121 12.50 -0.23 -12.25
C ARG A 121 11.35 -0.06 -13.25
N PHE A 122 11.50 -0.66 -14.42
CA PHE A 122 10.55 -0.49 -15.50
C PHE A 122 9.40 -1.47 -15.40
N GLN A 123 8.72 -1.68 -16.52
CA GLN A 123 7.57 -2.57 -16.56
C GLN A 123 8.00 -4.03 -16.38
N SER A 124 7.01 -4.91 -16.22
CA SER A 124 7.24 -6.34 -15.97
C SER A 124 7.67 -6.54 -14.51
N LEU A 125 7.66 -5.46 -13.74
CA LEU A 125 7.99 -5.47 -12.33
C LEU A 125 7.04 -4.56 -11.57
N GLY A 126 6.47 -5.07 -10.49
CA GLY A 126 5.57 -4.26 -9.70
C GLY A 126 4.33 -5.02 -9.27
N ASN A 127 4.47 -6.32 -9.08
CA ASN A 127 3.36 -7.14 -8.61
C ASN A 127 3.36 -7.22 -7.09
N ILE A 128 2.87 -6.16 -6.44
CA ILE A 128 2.74 -6.14 -4.99
C ILE A 128 1.69 -7.17 -4.56
N THR A 129 0.83 -7.52 -5.51
CA THR A 129 -0.22 -8.50 -5.29
C THR A 129 0.33 -9.82 -4.76
N ASP A 130 1.54 -10.15 -5.19
CA ASP A 130 2.14 -11.44 -4.88
C ASP A 130 2.88 -11.41 -3.55
N LEU A 131 2.90 -10.26 -2.90
CA LEU A 131 3.51 -10.14 -1.58
C LEU A 131 2.53 -10.63 -0.53
N MET A 132 1.25 -10.55 -0.87
CA MET A 132 0.18 -11.03 -0.02
C MET A 132 -0.43 -12.27 -0.66
N THR A 133 -1.13 -13.05 0.15
CA THR A 133 -1.57 -14.37 -0.27
C THR A 133 -2.93 -14.29 -0.90
N ASP A 134 -3.48 -15.44 -1.26
CA ASP A 134 -4.80 -15.42 -1.88
C ASP A 134 -5.78 -15.31 -0.72
N ASP A 135 -5.32 -15.94 0.36
CA ASP A 135 -6.06 -16.10 1.58
C ASP A 135 -6.11 -14.78 2.32
N ASN A 136 -5.18 -13.90 1.99
CA ASN A 136 -5.02 -12.66 2.72
C ASN A 136 -6.17 -11.76 2.31
N ILE A 137 -6.60 -11.99 1.07
CA ILE A 137 -7.74 -11.31 0.49
C ILE A 137 -8.96 -11.57 1.36
N ASN A 138 -9.13 -12.82 1.75
CA ASN A 138 -10.24 -13.23 2.56
C ASN A 138 -10.17 -12.60 3.94
N ILE A 139 -8.96 -12.58 4.50
CA ILE A 139 -8.73 -11.99 5.80
C ILE A 139 -9.07 -10.52 5.73
N LEU A 140 -8.68 -9.91 4.63
CA LEU A 140 -8.83 -8.51 4.42
C LEU A 140 -10.29 -8.15 4.33
N ILE A 141 -11.03 -8.87 3.48
CA ILE A 141 -12.47 -8.69 3.36
C ILE A 141 -13.08 -8.72 4.75
N LEU A 142 -12.67 -9.70 5.52
CA LEU A 142 -13.17 -9.93 6.86
C LEU A 142 -12.82 -8.80 7.80
N PHE A 143 -11.55 -8.41 7.78
CA PHE A 143 -11.05 -7.35 8.62
C PHE A 143 -11.84 -6.09 8.36
N LEU A 144 -11.99 -5.82 7.10
CA LEU A 144 -12.69 -4.64 6.66
C LEU A 144 -14.16 -4.74 6.98
N GLU A 145 -14.73 -5.91 6.72
CA GLU A 145 -16.17 -6.16 6.91
C GLU A 145 -16.63 -5.81 8.31
N LYS A 146 -15.70 -5.85 9.22
CA LYS A 146 -15.93 -5.34 10.56
C LYS A 146 -16.56 -3.95 10.55
N LYS A 147 -16.14 -3.13 9.60
CA LYS A 147 -16.73 -1.80 9.44
C LYS A 147 -17.33 -1.66 8.04
N LEU A 148 -16.99 -2.62 7.21
CA LEU A 148 -17.40 -2.72 5.83
C LEU A 148 -18.55 -3.70 5.69
N ASN A 149 -19.03 -3.84 4.45
CA ASN A 149 -20.22 -4.65 4.14
C ASN A 149 -21.49 -3.89 4.51
N MET A 1 0.45 28.43 -14.92
CA MET A 1 -0.62 27.54 -14.44
C MET A 1 -0.49 26.17 -15.09
N ALA A 2 -1.03 25.16 -14.43
CA ALA A 2 -0.98 23.80 -14.95
C ALA A 2 -2.10 22.95 -14.38
N THR A 3 -1.88 22.34 -13.22
CA THR A 3 -2.85 21.43 -12.61
C THR A 3 -3.17 20.29 -13.60
N LYS A 4 -2.17 19.91 -14.38
CA LYS A 4 -2.33 18.88 -15.40
C LYS A 4 -1.68 17.58 -14.95
N LEU A 5 -0.51 17.69 -14.35
CA LEU A 5 0.21 16.52 -13.86
C LEU A 5 -0.27 16.17 -12.47
N ASP A 6 -0.60 17.20 -11.71
CA ASP A 6 -1.02 17.05 -10.32
C ASP A 6 -2.53 17.23 -10.19
N TYR A 7 -3.21 16.17 -9.76
CA TYR A 7 -4.63 16.24 -9.45
C TYR A 7 -5.14 14.93 -8.84
N GLU A 8 -5.58 14.01 -9.68
CA GLU A 8 -6.15 12.75 -9.19
C GLU A 8 -5.60 11.55 -9.93
N ASP A 9 -6.01 11.41 -11.18
CA ASP A 9 -5.80 10.19 -11.95
C ASP A 9 -6.30 9.02 -11.15
N ALA A 10 -7.47 9.19 -10.57
CA ALA A 10 -8.09 8.20 -9.74
C ALA A 10 -8.61 7.03 -10.53
N VAL A 11 -7.66 6.40 -11.12
CA VAL A 11 -7.82 5.13 -11.81
C VAL A 11 -8.54 4.10 -10.93
N PHE A 12 -8.07 3.94 -9.69
CA PHE A 12 -8.71 3.10 -8.70
C PHE A 12 -10.17 3.44 -8.50
N TYR A 13 -10.96 2.40 -8.29
CA TYR A 13 -12.38 2.54 -8.00
C TYR A 13 -12.65 2.25 -6.54
N PHE A 14 -12.08 1.15 -6.08
CA PHE A 14 -12.28 0.68 -4.71
C PHE A 14 -11.54 1.58 -3.74
N VAL A 15 -10.74 2.49 -4.29
CA VAL A 15 -10.09 3.54 -3.51
C VAL A 15 -11.07 4.19 -2.54
N ASP A 16 -12.24 4.53 -3.06
CA ASP A 16 -13.27 5.25 -2.34
C ASP A 16 -14.50 4.38 -2.18
N ASP A 17 -14.32 3.08 -2.34
CA ASP A 17 -15.41 2.13 -2.39
C ASP A 17 -16.32 2.24 -1.16
N ASP A 18 -15.68 2.55 -0.04
CA ASP A 18 -16.38 2.80 1.24
C ASP A 18 -16.90 1.50 1.87
N LYS A 19 -17.14 0.53 1.02
CA LYS A 19 -17.68 -0.73 1.40
C LYS A 19 -16.75 -1.87 1.04
N ILE A 20 -17.09 -3.06 1.49
CA ILE A 20 -16.29 -4.24 1.23
C ILE A 20 -16.55 -4.73 -0.20
N CYS A 21 -15.50 -5.11 -0.90
CA CYS A 21 -15.61 -5.49 -2.26
C CYS A 21 -15.61 -7.01 -2.42
N SER A 22 -15.47 -7.42 -3.65
CA SER A 22 -15.36 -8.83 -3.99
C SER A 22 -14.02 -9.37 -3.56
N ARG A 23 -13.96 -10.68 -3.36
CA ARG A 23 -12.69 -11.37 -3.17
C ARG A 23 -11.79 -11.11 -4.37
N ASP A 24 -12.44 -11.08 -5.51
CA ASP A 24 -11.77 -10.89 -6.79
C ASP A 24 -11.38 -9.42 -6.97
N SER A 25 -11.76 -8.62 -6.00
CA SER A 25 -11.59 -7.19 -6.10
C SER A 25 -10.44 -6.72 -5.22
N ILE A 26 -10.10 -7.53 -4.23
CA ILE A 26 -8.99 -7.26 -3.35
C ILE A 26 -7.71 -7.66 -4.07
N ILE A 27 -7.93 -8.26 -5.22
CA ILE A 27 -6.90 -8.68 -6.11
C ILE A 27 -6.27 -7.47 -6.77
N ASP A 28 -7.10 -6.68 -7.43
CA ASP A 28 -6.66 -5.48 -8.09
C ASP A 28 -6.34 -4.45 -7.05
N LEU A 29 -7.09 -4.56 -5.98
CA LEU A 29 -7.07 -3.63 -4.87
C LEU A 29 -5.66 -3.35 -4.37
N ILE A 30 -4.92 -4.42 -4.13
CA ILE A 30 -3.57 -4.29 -3.60
C ILE A 30 -2.70 -3.49 -4.56
N ASP A 31 -2.95 -3.66 -5.85
CA ASP A 31 -2.23 -2.89 -6.84
C ASP A 31 -2.68 -1.43 -6.81
N GLU A 32 -3.99 -1.23 -6.71
CA GLU A 32 -4.57 0.11 -6.62
C GLU A 32 -4.06 0.87 -5.41
N TYR A 33 -4.15 0.24 -4.25
CA TYR A 33 -3.77 0.88 -2.99
C TYR A 33 -2.31 1.27 -3.00
N ILE A 34 -1.46 0.28 -3.24
CA ILE A 34 -0.02 0.51 -3.33
C ILE A 34 0.30 1.60 -4.37
N THR A 35 -0.52 1.70 -5.41
CA THR A 35 -0.39 2.77 -6.39
C THR A 35 -0.94 4.10 -5.84
N TRP A 36 -2.06 4.02 -5.13
CA TRP A 36 -2.71 5.21 -4.59
C TRP A 36 -1.86 5.85 -3.51
N ARG A 37 -1.23 5.03 -2.68
CA ARG A 37 -0.28 5.53 -1.69
C ARG A 37 0.83 6.30 -2.38
N ASN A 38 1.04 5.99 -3.64
CA ASN A 38 2.05 6.66 -4.43
C ASN A 38 1.45 7.94 -5.02
N HIS A 39 0.21 7.83 -5.51
CA HIS A 39 -0.52 8.97 -6.10
C HIS A 39 -0.60 10.18 -5.17
N VAL A 40 -0.65 9.93 -3.86
CA VAL A 40 -0.79 11.01 -2.89
C VAL A 40 0.49 11.84 -2.86
N ILE A 41 1.53 11.24 -3.38
CA ILE A 41 2.84 11.83 -3.37
C ILE A 41 3.16 12.53 -4.68
N VAL A 42 3.20 11.74 -5.73
CA VAL A 42 3.52 12.23 -7.09
C VAL A 42 2.65 13.41 -7.46
N PHE A 43 1.35 13.20 -7.29
CA PHE A 43 0.35 14.18 -7.65
C PHE A 43 0.07 15.07 -6.46
N ASN A 44 0.67 14.69 -5.34
CA ASN A 44 0.44 15.32 -4.05
C ASN A 44 -1.05 15.48 -3.80
N LYS A 45 -1.75 14.37 -3.90
CA LYS A 45 -3.19 14.31 -3.68
C LYS A 45 -3.50 14.39 -2.19
N ASP A 46 -4.49 13.64 -1.79
CA ASP A 46 -4.93 13.64 -0.40
C ASP A 46 -5.03 12.22 0.11
N ILE A 47 -4.49 11.99 1.30
CA ILE A 47 -4.58 10.69 1.95
C ILE A 47 -6.00 10.46 2.47
N THR A 48 -6.65 11.55 2.80
CA THR A 48 -7.98 11.52 3.35
C THR A 48 -8.96 11.27 2.23
N SER A 49 -8.46 11.48 1.05
CA SER A 49 -9.24 11.37 -0.17
C SER A 49 -9.28 9.92 -0.64
N CYS A 50 -10.20 9.18 -0.04
CA CYS A 50 -10.45 7.81 -0.36
C CYS A 50 -11.65 7.33 0.42
N GLY A 51 -11.86 6.05 0.40
CA GLY A 51 -13.00 5.47 1.07
C GLY A 51 -12.60 4.74 2.33
N ARG A 52 -13.51 3.95 2.83
CA ARG A 52 -13.36 3.30 4.12
C ARG A 52 -12.36 2.18 4.06
N LEU A 53 -12.50 1.41 3.00
CA LEU A 53 -11.65 0.24 2.78
C LEU A 53 -10.17 0.63 2.89
N TYR A 54 -9.80 1.75 2.29
CA TYR A 54 -8.42 2.20 2.23
C TYR A 54 -7.88 2.66 3.58
N LYS A 55 -8.74 3.22 4.41
CA LYS A 55 -8.34 3.71 5.72
C LYS A 55 -7.78 2.56 6.55
N GLU A 56 -8.36 1.39 6.34
CA GLU A 56 -7.95 0.20 7.08
C GLU A 56 -6.59 -0.29 6.60
N LEU A 57 -6.37 -0.20 5.29
CA LEU A 57 -5.07 -0.51 4.71
C LEU A 57 -4.00 0.38 5.30
N MET A 58 -4.36 1.64 5.54
CA MET A 58 -3.44 2.59 6.14
C MET A 58 -2.97 2.09 7.47
N LYS A 59 -3.84 1.42 8.18
CA LYS A 59 -3.52 0.85 9.48
C LYS A 59 -2.49 -0.27 9.36
N PHE A 60 -2.31 -0.78 8.16
CA PHE A 60 -1.31 -1.81 7.91
C PHE A 60 0.07 -1.16 7.84
N ASP A 61 0.05 0.15 7.67
CA ASP A 61 1.27 0.94 7.74
C ASP A 61 1.73 0.93 9.16
N ASP A 62 0.74 1.03 10.02
CA ASP A 62 0.91 1.17 11.45
C ASP A 62 1.29 -0.16 12.06
N VAL A 63 0.64 -1.18 11.56
CA VAL A 63 0.86 -2.53 12.00
C VAL A 63 2.29 -2.95 11.68
N ALA A 64 2.77 -2.44 10.57
CA ALA A 64 4.15 -2.64 10.15
C ALA A 64 5.11 -1.81 11.00
N ILE A 65 4.76 -0.56 11.27
CA ILE A 65 5.50 0.26 12.22
C ILE A 65 5.56 -0.42 13.57
N ARG A 66 4.46 -1.06 13.91
CA ARG A 66 4.35 -1.79 15.15
C ARG A 66 5.23 -3.03 15.11
N TYR A 67 5.20 -3.73 13.99
CA TYR A 67 5.89 -4.99 13.85
C TYR A 67 7.36 -4.78 13.54
N TYR A 68 7.63 -4.30 12.35
CA TYR A 68 9.00 -4.11 11.88
C TYR A 68 9.65 -2.94 12.59
N GLY A 69 8.88 -1.88 12.75
CA GLY A 69 9.34 -0.74 13.49
C GLY A 69 9.61 0.43 12.60
N ILE A 70 9.20 1.58 13.09
CA ILE A 70 9.31 2.82 12.33
C ILE A 70 10.77 3.06 11.93
N ASP A 71 11.68 2.85 12.88
CA ASP A 71 13.11 3.00 12.63
C ASP A 71 13.56 2.15 11.47
N LYS A 72 13.22 0.88 11.51
CA LYS A 72 13.60 -0.03 10.45
C LYS A 72 12.93 0.35 9.16
N ILE A 73 11.67 0.70 9.26
CA ILE A 73 10.92 1.11 8.08
C ILE A 73 11.56 2.33 7.43
N ASN A 74 11.90 3.31 8.24
CA ASN A 74 12.61 4.50 7.79
C ASN A 74 13.88 4.13 7.03
N GLU A 75 14.66 3.23 7.62
CA GLU A 75 15.91 2.80 7.01
C GLU A 75 15.65 1.97 5.76
N ILE A 76 14.59 1.20 5.81
CA ILE A 76 14.21 0.33 4.73
C ILE A 76 13.68 1.12 3.53
N VAL A 77 12.69 1.99 3.77
CA VAL A 77 12.07 2.75 2.69
C VAL A 77 13.09 3.46 1.83
N GLU A 78 13.93 4.21 2.49
CA GLU A 78 15.01 4.95 1.84
C GLU A 78 15.96 4.03 1.07
N ALA A 79 16.22 2.87 1.63
CA ALA A 79 17.08 1.87 0.99
C ALA A 79 16.53 1.47 -0.38
N MET A 80 15.25 1.10 -0.41
CA MET A 80 14.54 0.78 -1.66
C MET A 80 14.78 1.84 -2.71
N SER A 81 14.89 3.08 -2.26
CA SER A 81 14.98 4.20 -3.17
C SER A 81 16.34 4.25 -3.84
N GLU A 82 17.33 3.62 -3.21
CA GLU A 82 18.67 3.57 -3.75
C GLU A 82 18.89 2.30 -4.56
N GLY A 83 17.88 1.44 -4.55
CA GLY A 83 17.96 0.18 -5.27
C GLY A 83 18.81 -0.85 -4.54
N ASP A 84 18.82 -0.79 -3.21
CA ASP A 84 19.59 -1.73 -2.40
C ASP A 84 18.91 -1.95 -1.06
N HIS A 85 18.78 -3.20 -0.65
CA HIS A 85 18.05 -3.52 0.58
C HIS A 85 18.52 -4.83 1.20
N TYR A 86 17.75 -5.29 2.19
CA TYR A 86 18.01 -6.55 2.87
C TYR A 86 16.82 -7.48 2.70
N ILE A 87 15.80 -7.25 3.54
CA ILE A 87 14.49 -7.91 3.43
C ILE A 87 14.53 -9.39 3.79
N ASN A 88 13.78 -9.72 4.84
CA ASN A 88 13.47 -11.10 5.19
C ASN A 88 12.00 -11.16 5.55
N PHE A 89 11.22 -11.87 4.76
CA PHE A 89 9.77 -11.83 4.88
C PHE A 89 9.24 -12.87 5.88
N THR A 90 8.34 -12.41 6.73
CA THR A 90 7.61 -13.28 7.63
C THR A 90 6.18 -13.48 7.10
N LYS A 91 6.03 -14.44 6.21
CA LYS A 91 4.78 -14.61 5.47
C LYS A 91 3.72 -15.34 6.29
N VAL A 92 3.82 -16.66 6.35
CA VAL A 92 2.80 -17.49 6.97
C VAL A 92 2.95 -17.58 8.48
N HIS A 93 3.56 -16.56 9.06
CA HIS A 93 3.82 -16.53 10.50
C HIS A 93 2.59 -16.06 11.27
N ASP A 94 2.06 -14.90 10.93
CA ASP A 94 0.85 -14.39 11.56
C ASP A 94 0.21 -13.30 10.73
N GLN A 95 -1.06 -13.10 10.99
CA GLN A 95 -1.85 -12.07 10.33
C GLN A 95 -1.29 -10.68 10.58
N GLU A 96 -0.77 -10.43 11.78
CA GLU A 96 -0.17 -9.15 12.10
C GLU A 96 0.99 -8.86 11.16
N SER A 97 1.69 -9.92 10.77
CA SER A 97 2.80 -9.82 9.85
C SER A 97 2.27 -9.75 8.42
N LEU A 98 1.16 -10.45 8.17
CA LEU A 98 0.50 -10.40 6.87
C LEU A 98 0.19 -8.97 6.50
N PHE A 99 -0.50 -8.26 7.40
CA PHE A 99 -0.85 -6.88 7.19
C PHE A 99 0.38 -6.00 7.16
N ALA A 100 1.33 -6.33 8.03
CA ALA A 100 2.58 -5.58 8.12
C ALA A 100 3.30 -5.57 6.78
N THR A 101 3.16 -6.64 6.03
CA THR A 101 3.82 -6.78 4.75
C THR A 101 3.27 -5.76 3.75
N ILE A 102 1.98 -5.45 3.85
CA ILE A 102 1.37 -4.49 2.97
C ILE A 102 1.83 -3.07 3.30
N GLY A 103 1.69 -2.67 4.57
CA GLY A 103 2.01 -1.31 4.96
C GLY A 103 3.46 -0.95 4.77
N ILE A 104 4.34 -1.87 5.10
CA ILE A 104 5.78 -1.64 4.91
C ILE A 104 6.07 -1.32 3.45
N CYS A 105 5.40 -2.04 2.55
CA CYS A 105 5.56 -1.81 1.13
C CYS A 105 4.88 -0.50 0.73
N ALA A 106 3.83 -0.12 1.46
CA ALA A 106 3.06 1.06 1.14
C ALA A 106 3.88 2.31 1.46
N LYS A 107 4.63 2.24 2.55
CA LYS A 107 5.46 3.35 3.00
C LYS A 107 6.60 3.59 2.02
N ILE A 108 7.01 2.52 1.37
CA ILE A 108 8.08 2.57 0.40
C ILE A 108 7.61 3.16 -0.92
N THR A 109 6.53 2.60 -1.46
CA THR A 109 6.03 2.97 -2.78
C THR A 109 5.71 4.46 -2.88
N GLU A 110 5.29 5.06 -1.78
CA GLU A 110 4.90 6.47 -1.76
C GLU A 110 6.12 7.39 -1.87
N HIS A 111 7.20 7.03 -1.21
CA HIS A 111 8.39 7.88 -1.07
C HIS A 111 8.89 8.35 -2.44
N TRP A 112 8.74 7.47 -3.42
CA TRP A 112 9.26 7.69 -4.76
C TRP A 112 8.50 8.77 -5.53
N GLY A 113 7.29 9.10 -5.09
CA GLY A 113 6.40 9.95 -5.86
C GLY A 113 6.93 11.37 -6.06
N TYR A 114 7.39 12.00 -4.97
CA TYR A 114 7.75 13.42 -4.99
C TYR A 114 8.65 13.79 -6.16
N LYS A 115 9.83 13.20 -6.20
CA LYS A 115 10.82 13.56 -7.20
C LYS A 115 11.03 12.44 -8.21
N LYS A 116 10.17 11.41 -8.14
CA LYS A 116 10.31 10.21 -8.96
C LYS A 116 11.61 9.49 -8.63
N ILE A 117 11.58 8.77 -7.53
CA ILE A 117 12.75 8.10 -7.00
C ILE A 117 12.78 6.64 -7.43
N SER A 118 13.98 6.07 -7.41
CA SER A 118 14.23 4.65 -7.68
C SER A 118 14.11 4.33 -9.16
N GLU A 119 15.10 3.60 -9.67
CA GLU A 119 15.09 3.18 -11.06
C GLU A 119 15.25 1.66 -11.12
N SER A 120 16.13 1.14 -10.27
CA SER A 120 16.30 -0.30 -10.14
C SER A 120 15.21 -0.84 -9.22
N ARG A 121 14.00 -0.95 -9.76
CA ARG A 121 12.86 -1.42 -9.00
C ARG A 121 12.68 -2.92 -9.20
N PHE A 122 13.10 -3.69 -8.20
CA PHE A 122 13.06 -5.13 -8.28
C PHE A 122 11.64 -5.65 -8.13
N GLN A 123 11.21 -6.41 -9.12
CA GLN A 123 9.90 -7.06 -9.08
C GLN A 123 10.10 -8.55 -8.81
N SER A 124 11.34 -8.99 -8.96
CA SER A 124 11.71 -10.38 -8.69
C SER A 124 11.36 -10.74 -7.26
N LEU A 125 10.30 -11.54 -7.10
CA LEU A 125 9.80 -11.97 -5.79
C LEU A 125 9.33 -10.77 -4.96
N GLY A 126 8.97 -9.70 -5.65
CA GLY A 126 8.53 -8.50 -4.97
C GLY A 126 7.43 -7.78 -5.70
N ASN A 127 6.63 -8.53 -6.45
CA ASN A 127 5.50 -7.96 -7.17
C ASN A 127 4.42 -7.51 -6.20
N ILE A 128 3.76 -6.40 -6.53
CA ILE A 128 2.76 -5.79 -5.64
C ILE A 128 1.75 -6.81 -5.11
N THR A 129 1.03 -7.46 -6.03
CA THR A 129 -0.01 -8.41 -5.66
C THR A 129 0.59 -9.70 -5.09
N ASP A 130 1.83 -9.99 -5.44
CA ASP A 130 2.49 -11.23 -5.01
C ASP A 130 3.00 -11.13 -3.59
N LEU A 131 2.86 -9.96 -2.99
CA LEU A 131 3.29 -9.74 -1.61
C LEU A 131 2.23 -10.27 -0.65
N MET A 132 1.07 -10.59 -1.21
CA MET A 132 -0.05 -11.15 -0.47
C MET A 132 -0.71 -12.24 -1.30
N THR A 133 -1.78 -12.81 -0.80
CA THR A 133 -2.34 -14.00 -1.42
C THR A 133 -3.84 -13.88 -1.58
N ASP A 134 -4.38 -14.61 -2.56
CA ASP A 134 -5.82 -14.82 -2.68
C ASP A 134 -6.40 -15.26 -1.34
N ASP A 135 -5.61 -15.97 -0.57
CA ASP A 135 -6.02 -16.43 0.74
C ASP A 135 -6.11 -15.24 1.68
N ASN A 136 -5.25 -14.27 1.43
CA ASN A 136 -5.10 -13.12 2.29
C ASN A 136 -6.24 -12.16 2.00
N ILE A 137 -6.69 -12.21 0.76
CA ILE A 137 -7.81 -11.41 0.28
C ILE A 137 -9.03 -11.69 1.13
N ASN A 138 -9.19 -12.95 1.48
CA ASN A 138 -10.28 -13.37 2.32
C ASN A 138 -10.16 -12.79 3.70
N ILE A 139 -8.96 -12.82 4.24
CA ILE A 139 -8.68 -12.25 5.56
C ILE A 139 -8.97 -10.76 5.52
N LEU A 140 -8.56 -10.15 4.44
CA LEU A 140 -8.67 -8.74 4.25
C LEU A 140 -10.12 -8.32 4.20
N ILE A 141 -10.90 -8.99 3.34
CA ILE A 141 -12.33 -8.74 3.27
C ILE A 141 -12.93 -8.82 4.67
N LEU A 142 -12.53 -9.84 5.38
CA LEU A 142 -13.05 -10.13 6.71
C LEU A 142 -12.66 -9.05 7.72
N PHE A 143 -11.38 -8.70 7.73
CA PHE A 143 -10.87 -7.68 8.62
C PHE A 143 -11.62 -6.40 8.44
N LEU A 144 -11.78 -6.06 7.18
CA LEU A 144 -12.44 -4.86 6.80
C LEU A 144 -13.92 -4.95 7.13
N GLU A 145 -14.52 -6.08 6.80
CA GLU A 145 -15.96 -6.33 6.99
C GLU A 145 -16.41 -6.07 8.41
N LYS A 146 -15.48 -6.17 9.31
CA LYS A 146 -15.72 -5.78 10.68
C LYS A 146 -16.38 -4.41 10.74
N LYS A 147 -15.96 -3.52 9.86
CA LYS A 147 -16.55 -2.21 9.78
C LYS A 147 -17.13 -1.98 8.38
N LEU A 148 -16.70 -2.83 7.48
CA LEU A 148 -17.09 -2.83 6.10
C LEU A 148 -18.25 -3.77 5.84
N ASN A 149 -18.72 -3.74 4.59
CA ASN A 149 -19.83 -4.51 4.09
C ASN A 149 -20.51 -3.73 2.97
N MET A 1 -12.76 26.56 -2.89
CA MET A 1 -13.89 25.81 -3.47
C MET A 1 -13.50 25.12 -4.77
N ALA A 2 -12.37 25.53 -5.35
CA ALA A 2 -11.89 24.91 -6.58
C ALA A 2 -10.48 24.38 -6.39
N THR A 3 -10.36 23.09 -6.17
CA THR A 3 -9.07 22.44 -6.02
C THR A 3 -8.96 21.25 -6.97
N LYS A 4 -8.42 21.51 -8.15
CA LYS A 4 -8.28 20.46 -9.15
C LYS A 4 -6.90 20.52 -9.82
N LEU A 5 -5.96 19.79 -9.25
CA LEU A 5 -4.62 19.68 -9.83
C LEU A 5 -4.15 18.23 -9.72
N ASP A 6 -5.03 17.39 -9.22
CA ASP A 6 -4.74 15.98 -9.05
C ASP A 6 -6.02 15.18 -9.33
N TYR A 7 -6.06 13.93 -8.84
CA TYR A 7 -7.21 13.05 -9.01
C TYR A 7 -7.38 12.66 -10.50
N GLU A 8 -6.35 12.94 -11.29
CA GLU A 8 -6.39 12.68 -12.72
C GLU A 8 -6.05 11.24 -12.99
N ASP A 9 -4.86 10.89 -12.53
CA ASP A 9 -4.32 9.55 -12.62
C ASP A 9 -5.03 8.61 -11.65
N ALA A 10 -5.98 9.17 -10.91
CA ALA A 10 -6.84 8.39 -10.03
C ALA A 10 -7.57 7.31 -10.81
N VAL A 11 -6.93 6.18 -10.84
CA VAL A 11 -7.35 5.03 -11.57
C VAL A 11 -8.23 4.12 -10.72
N PHE A 12 -7.85 3.98 -9.46
CA PHE A 12 -8.57 3.17 -8.49
C PHE A 12 -10.05 3.50 -8.42
N TYR A 13 -10.83 2.44 -8.27
CA TYR A 13 -12.28 2.55 -8.16
C TYR A 13 -12.71 2.29 -6.73
N PHE A 14 -12.11 1.27 -6.13
CA PHE A 14 -12.45 0.86 -4.78
C PHE A 14 -11.77 1.77 -3.77
N VAL A 15 -10.94 2.68 -4.29
CA VAL A 15 -10.32 3.73 -3.48
C VAL A 15 -11.30 4.33 -2.47
N ASP A 16 -12.47 4.69 -2.95
CA ASP A 16 -13.51 5.32 -2.16
C ASP A 16 -14.74 4.43 -2.06
N ASP A 17 -14.56 3.14 -2.30
CA ASP A 17 -15.65 2.17 -2.33
C ASP A 17 -16.49 2.28 -1.06
N ASP A 18 -15.79 2.50 0.04
CA ASP A 18 -16.39 2.79 1.35
C ASP A 18 -17.03 1.57 1.99
N LYS A 19 -17.29 0.57 1.16
CA LYS A 19 -17.91 -0.65 1.59
C LYS A 19 -17.03 -1.84 1.28
N ILE A 20 -17.43 -3.00 1.78
CA ILE A 20 -16.68 -4.21 1.58
C ILE A 20 -16.95 -4.76 0.17
N CYS A 21 -15.90 -5.17 -0.51
CA CYS A 21 -16.02 -5.62 -1.86
C CYS A 21 -15.95 -7.14 -1.97
N SER A 22 -15.84 -7.59 -3.20
CA SER A 22 -15.65 -8.99 -3.50
C SER A 22 -14.23 -9.45 -3.18
N ARG A 23 -14.04 -10.75 -3.10
CA ARG A 23 -12.70 -11.33 -3.07
C ARG A 23 -11.90 -10.78 -4.24
N ASP A 24 -12.55 -10.76 -5.39
CA ASP A 24 -11.90 -10.43 -6.64
C ASP A 24 -11.53 -8.96 -6.71
N SER A 25 -12.00 -8.22 -5.73
CA SER A 25 -11.81 -6.80 -5.72
C SER A 25 -10.56 -6.44 -4.94
N ILE A 26 -10.24 -7.27 -3.96
CA ILE A 26 -9.07 -7.09 -3.12
C ILE A 26 -7.84 -7.46 -3.92
N ILE A 27 -8.12 -8.18 -4.98
CA ILE A 27 -7.14 -8.61 -5.93
C ILE A 27 -6.56 -7.41 -6.64
N ASP A 28 -7.45 -6.63 -7.22
CA ASP A 28 -7.10 -5.44 -7.95
C ASP A 28 -6.70 -4.37 -6.97
N LEU A 29 -7.40 -4.43 -5.85
CA LEU A 29 -7.32 -3.46 -4.78
C LEU A 29 -5.91 -3.17 -4.32
N ILE A 30 -5.17 -4.23 -4.02
CA ILE A 30 -3.85 -4.06 -3.46
C ILE A 30 -2.94 -3.32 -4.42
N ASP A 31 -3.17 -3.52 -5.71
CA ASP A 31 -2.43 -2.81 -6.72
C ASP A 31 -2.87 -1.35 -6.74
N GLU A 32 -4.18 -1.11 -6.62
CA GLU A 32 -4.72 0.25 -6.54
C GLU A 32 -4.16 1.03 -5.37
N TYR A 33 -4.20 0.42 -4.19
CA TYR A 33 -3.85 1.12 -2.94
C TYR A 33 -2.37 1.45 -2.91
N ILE A 34 -1.60 0.44 -3.21
CA ILE A 34 -0.14 0.60 -3.25
C ILE A 34 0.25 1.67 -4.27
N THR A 35 -0.50 1.77 -5.36
CA THR A 35 -0.29 2.83 -6.34
C THR A 35 -0.88 4.16 -5.83
N TRP A 36 -1.94 4.07 -5.04
CA TRP A 36 -2.63 5.24 -4.52
C TRP A 36 -1.74 5.94 -3.51
N ARG A 37 -1.07 5.17 -2.67
CA ARG A 37 -0.08 5.69 -1.74
C ARG A 37 0.92 6.57 -2.48
N ASN A 38 1.16 6.23 -3.73
CA ASN A 38 2.16 6.94 -4.52
C ASN A 38 1.54 8.20 -5.08
N HIS A 39 0.32 8.08 -5.59
CA HIS A 39 -0.35 9.19 -6.26
C HIS A 39 -0.57 10.38 -5.33
N VAL A 40 -0.81 10.12 -4.05
CA VAL A 40 -0.98 11.16 -3.05
C VAL A 40 0.27 12.03 -2.99
N ILE A 41 1.37 11.40 -3.31
CA ILE A 41 2.66 12.01 -3.19
C ILE A 41 3.03 12.83 -4.42
N VAL A 42 3.16 12.12 -5.53
CA VAL A 42 3.56 12.73 -6.81
C VAL A 42 2.77 14.00 -7.13
N PHE A 43 1.46 13.87 -7.05
CA PHE A 43 0.55 14.92 -7.43
C PHE A 43 0.15 15.76 -6.24
N ASN A 44 0.58 15.30 -5.07
CA ASN A 44 0.14 15.89 -3.83
C ASN A 44 -1.39 15.86 -3.77
N LYS A 45 -1.94 14.65 -3.91
CA LYS A 45 -3.37 14.42 -3.76
C LYS A 45 -3.71 14.48 -2.28
N ASP A 46 -4.57 13.60 -1.84
CA ASP A 46 -4.91 13.53 -0.42
C ASP A 46 -4.94 12.10 0.06
N ILE A 47 -4.55 11.94 1.30
CA ILE A 47 -4.64 10.66 1.98
C ILE A 47 -6.04 10.46 2.54
N THR A 48 -6.68 11.56 2.83
CA THR A 48 -8.00 11.53 3.43
C THR A 48 -9.02 11.36 2.33
N SER A 49 -8.54 11.55 1.13
CA SER A 49 -9.35 11.40 -0.05
C SER A 49 -9.44 9.92 -0.46
N CYS A 50 -10.33 9.20 0.19
CA CYS A 50 -10.60 7.81 -0.12
C CYS A 50 -11.82 7.37 0.67
N GLY A 51 -12.06 6.09 0.62
CA GLY A 51 -13.18 5.51 1.31
C GLY A 51 -12.77 4.73 2.53
N ARG A 52 -13.69 3.94 3.04
CA ARG A 52 -13.51 3.22 4.28
C ARG A 52 -12.51 2.10 4.14
N LEU A 53 -12.63 1.40 3.02
CA LEU A 53 -11.78 0.27 2.72
C LEU A 53 -10.31 0.66 2.87
N TYR A 54 -9.94 1.78 2.28
CA TYR A 54 -8.57 2.23 2.26
C TYR A 54 -8.05 2.63 3.63
N LYS A 55 -8.90 3.28 4.43
CA LYS A 55 -8.53 3.69 5.78
C LYS A 55 -7.95 2.53 6.57
N GLU A 56 -8.50 1.35 6.36
CA GLU A 56 -8.07 0.17 7.09
C GLU A 56 -6.70 -0.28 6.61
N LEU A 57 -6.50 -0.21 5.30
CA LEU A 57 -5.19 -0.46 4.71
C LEU A 57 -4.14 0.46 5.31
N MET A 58 -4.53 1.69 5.61
CA MET A 58 -3.63 2.66 6.20
C MET A 58 -3.10 2.13 7.51
N LYS A 59 -3.93 1.39 8.21
CA LYS A 59 -3.57 0.84 9.50
C LYS A 59 -2.54 -0.27 9.35
N PHE A 60 -2.37 -0.77 8.14
CA PHE A 60 -1.38 -1.79 7.87
C PHE A 60 0.00 -1.15 7.78
N ASP A 61 -0.01 0.16 7.67
CA ASP A 61 1.21 0.94 7.75
C ASP A 61 1.71 0.85 9.17
N ASP A 62 0.73 0.93 10.05
CA ASP A 62 0.92 1.00 11.48
C ASP A 62 1.33 -0.34 12.02
N VAL A 63 0.66 -1.34 11.52
CA VAL A 63 0.90 -2.72 11.90
C VAL A 63 2.34 -3.10 11.55
N ALA A 64 2.79 -2.56 10.45
CA ALA A 64 4.17 -2.73 10.02
C ALA A 64 5.13 -1.90 10.87
N ILE A 65 4.75 -0.65 11.16
CA ILE A 65 5.51 0.17 12.10
C ILE A 65 5.62 -0.53 13.45
N ARG A 66 4.58 -1.25 13.80
CA ARG A 66 4.54 -2.02 15.02
C ARG A 66 5.46 -3.23 14.91
N TYR A 67 5.39 -3.87 13.74
CA TYR A 67 6.09 -5.12 13.50
C TYR A 67 7.55 -4.89 13.19
N TYR A 68 7.80 -4.39 12.01
CA TYR A 68 9.17 -4.15 11.54
C TYR A 68 9.79 -3.01 12.33
N GLY A 69 8.97 -2.01 12.58
CA GLY A 69 9.38 -0.91 13.40
C GLY A 69 9.62 0.33 12.61
N ILE A 70 9.30 1.44 13.21
CA ILE A 70 9.41 2.72 12.53
C ILE A 70 10.86 2.95 12.09
N ASP A 71 11.81 2.66 12.98
CA ASP A 71 13.23 2.80 12.67
C ASP A 71 13.61 2.00 11.45
N LYS A 72 13.29 0.72 11.48
CA LYS A 72 13.64 -0.16 10.40
C LYS A 72 12.93 0.23 9.13
N ILE A 73 11.67 0.58 9.25
CA ILE A 73 10.91 1.02 8.10
C ILE A 73 11.55 2.25 7.48
N ASN A 74 11.88 3.22 8.33
CA ASN A 74 12.50 4.45 7.89
C ASN A 74 13.80 4.16 7.12
N GLU A 75 14.61 3.27 7.65
CA GLU A 75 15.86 2.91 7.02
C GLU A 75 15.62 2.09 5.76
N ILE A 76 14.64 1.21 5.85
CA ILE A 76 14.29 0.31 4.79
C ILE A 76 13.69 1.04 3.59
N VAL A 77 12.67 1.87 3.83
CA VAL A 77 12.01 2.60 2.76
C VAL A 77 13.03 3.34 1.90
N GLU A 78 13.86 4.08 2.58
CA GLU A 78 14.95 4.83 1.94
C GLU A 78 15.87 3.95 1.11
N ALA A 79 16.16 2.76 1.63
CA ALA A 79 17.01 1.80 0.93
C ALA A 79 16.38 1.38 -0.40
N MET A 80 15.11 0.97 -0.36
CA MET A 80 14.32 0.68 -1.58
C MET A 80 14.52 1.75 -2.63
N SER A 81 14.68 2.98 -2.17
CA SER A 81 14.74 4.10 -3.07
C SER A 81 16.11 4.19 -3.74
N GLU A 82 17.08 3.54 -3.13
CA GLU A 82 18.43 3.48 -3.68
C GLU A 82 18.54 2.34 -4.68
N GLY A 83 17.65 1.36 -4.53
CA GLY A 83 17.67 0.19 -5.38
C GLY A 83 18.42 -0.96 -4.74
N ASP A 84 18.70 -0.84 -3.46
CA ASP A 84 19.45 -1.86 -2.71
C ASP A 84 18.79 -2.09 -1.36
N HIS A 85 18.44 -3.33 -1.07
CA HIS A 85 17.72 -3.63 0.17
C HIS A 85 17.80 -5.11 0.51
N TYR A 86 17.13 -5.48 1.59
CA TYR A 86 17.09 -6.85 2.06
C TYR A 86 15.65 -7.36 2.19
N ILE A 87 15.14 -7.37 3.42
CA ILE A 87 13.76 -7.83 3.71
C ILE A 87 13.65 -9.35 3.63
N ASN A 88 12.93 -9.92 4.59
CA ASN A 88 12.63 -11.35 4.60
C ASN A 88 11.13 -11.53 4.39
N PHE A 89 10.74 -12.61 3.74
CA PHE A 89 9.35 -12.82 3.37
C PHE A 89 8.59 -13.53 4.49
N THR A 90 7.80 -12.76 5.24
CA THR A 90 7.00 -13.31 6.32
C THR A 90 5.70 -13.91 5.78
N LYS A 91 5.52 -15.20 6.02
CA LYS A 91 4.32 -15.91 5.58
C LYS A 91 3.75 -16.73 6.73
N VAL A 92 4.52 -17.72 7.13
CA VAL A 92 4.13 -18.65 8.19
C VAL A 92 4.37 -18.06 9.57
N HIS A 93 3.88 -16.85 9.78
CA HIS A 93 4.04 -16.17 11.05
C HIS A 93 2.68 -15.83 11.65
N ASP A 94 2.11 -14.71 11.25
CA ASP A 94 0.80 -14.30 11.75
C ASP A 94 0.12 -13.36 10.77
N GLN A 95 -1.18 -13.18 10.96
CA GLN A 95 -1.96 -12.21 10.22
C GLN A 95 -1.39 -10.81 10.36
N GLU A 96 -0.82 -10.52 11.53
CA GLU A 96 -0.22 -9.24 11.77
C GLU A 96 0.95 -9.00 10.82
N SER A 97 1.68 -10.07 10.50
CA SER A 97 2.76 -10.02 9.56
C SER A 97 2.22 -9.90 8.14
N LEU A 98 1.07 -10.53 7.92
CA LEU A 98 0.41 -10.50 6.62
C LEU A 98 -0.01 -9.09 6.26
N PHE A 99 -0.57 -8.37 7.22
CA PHE A 99 -0.90 -6.97 7.05
C PHE A 99 0.35 -6.11 7.00
N ALA A 100 1.33 -6.46 7.83
CA ALA A 100 2.56 -5.68 7.93
C ALA A 100 3.26 -5.56 6.59
N THR A 101 3.17 -6.61 5.77
CA THR A 101 3.85 -6.64 4.49
C THR A 101 3.24 -5.63 3.52
N ILE A 102 1.97 -5.30 3.73
CA ILE A 102 1.30 -4.31 2.90
C ILE A 102 1.80 -2.91 3.24
N GLY A 103 1.72 -2.54 4.52
CA GLY A 103 2.08 -1.19 4.92
C GLY A 103 3.55 -0.88 4.74
N ILE A 104 4.40 -1.85 5.03
CA ILE A 104 5.83 -1.67 4.83
C ILE A 104 6.11 -1.34 3.38
N CYS A 105 5.46 -2.05 2.47
CA CYS A 105 5.60 -1.80 1.05
C CYS A 105 4.91 -0.50 0.67
N ALA A 106 3.90 -0.10 1.45
CA ALA A 106 3.14 1.10 1.16
C ALA A 106 3.97 2.35 1.43
N LYS A 107 4.77 2.29 2.49
CA LYS A 107 5.66 3.40 2.82
C LYS A 107 6.70 3.61 1.74
N ILE A 108 7.15 2.50 1.17
CA ILE A 108 8.13 2.50 0.11
C ILE A 108 7.58 3.14 -1.16
N THR A 109 6.41 2.69 -1.58
CA THR A 109 5.81 3.15 -2.83
C THR A 109 5.49 4.65 -2.80
N GLU A 110 5.08 5.16 -1.65
CA GLU A 110 4.69 6.57 -1.55
C GLU A 110 5.92 7.49 -1.56
N HIS A 111 7.00 7.02 -0.95
CA HIS A 111 8.24 7.80 -0.86
C HIS A 111 8.70 8.25 -2.25
N TRP A 112 8.65 7.32 -3.19
CA TRP A 112 9.11 7.52 -4.57
C TRP A 112 8.35 8.63 -5.30
N GLY A 113 7.16 9.01 -4.82
CA GLY A 113 6.31 9.93 -5.55
C GLY A 113 6.98 11.26 -5.89
N TYR A 114 7.45 11.98 -4.88
CA TYR A 114 7.78 13.40 -5.05
C TYR A 114 8.78 13.64 -6.19
N LYS A 115 9.87 12.89 -6.23
CA LYS A 115 10.85 13.09 -7.31
C LYS A 115 10.90 11.91 -8.27
N LYS A 116 9.98 10.95 -8.12
CA LYS A 116 10.02 9.70 -8.89
C LYS A 116 11.34 8.96 -8.61
N ILE A 117 11.35 8.24 -7.51
CA ILE A 117 12.56 7.62 -7.00
C ILE A 117 12.63 6.14 -7.36
N SER A 118 13.86 5.62 -7.35
CA SER A 118 14.14 4.19 -7.52
C SER A 118 14.19 3.80 -8.98
N GLU A 119 13.98 4.78 -9.87
CA GLU A 119 14.11 4.58 -11.32
C GLU A 119 12.95 3.75 -11.91
N SER A 120 12.56 2.69 -11.20
CA SER A 120 11.47 1.83 -11.63
C SER A 120 10.11 2.54 -11.52
N ARG A 121 9.82 3.36 -12.51
CA ARG A 121 8.61 4.17 -12.52
C ARG A 121 7.41 3.35 -12.99
N PHE A 122 6.86 2.53 -12.10
CA PHE A 122 5.69 1.69 -12.38
C PHE A 122 6.00 0.61 -13.41
N GLN A 123 7.25 0.57 -13.86
CA GLN A 123 7.67 -0.36 -14.88
C GLN A 123 7.61 -1.79 -14.38
N SER A 124 7.94 -1.98 -13.10
CA SER A 124 7.96 -3.30 -12.50
C SER A 124 6.61 -3.62 -11.86
N LEU A 125 5.63 -2.73 -12.07
CA LEU A 125 4.28 -2.85 -11.49
C LEU A 125 4.31 -2.65 -9.98
N GLY A 126 4.98 -3.55 -9.28
CA GLY A 126 5.07 -3.46 -7.84
C GLY A 126 5.19 -4.83 -7.21
N ASN A 127 4.49 -5.81 -7.80
CA ASN A 127 4.50 -7.19 -7.32
C ASN A 127 3.99 -7.28 -5.88
N ILE A 128 3.05 -6.41 -5.55
CA ILE A 128 2.46 -6.39 -4.22
C ILE A 128 1.51 -7.56 -4.02
N THR A 129 0.85 -7.97 -5.08
CA THR A 129 0.00 -9.15 -5.04
C THR A 129 0.84 -10.41 -4.84
N ASP A 130 2.10 -10.30 -5.23
CA ASP A 130 3.06 -11.39 -5.10
C ASP A 130 3.57 -11.48 -3.68
N LEU A 131 3.52 -10.36 -2.95
CA LEU A 131 4.02 -10.30 -1.59
C LEU A 131 2.95 -10.80 -0.62
N MET A 132 1.71 -10.69 -1.05
CA MET A 132 0.57 -11.19 -0.30
C MET A 132 0.14 -12.53 -0.88
N THR A 133 -0.92 -13.08 -0.34
CA THR A 133 -1.44 -14.34 -0.81
C THR A 133 -2.81 -14.13 -1.42
N ASP A 134 -3.43 -15.21 -1.84
CA ASP A 134 -4.73 -15.08 -2.45
C ASP A 134 -5.69 -15.03 -1.27
N ASP A 135 -5.24 -15.73 -0.23
CA ASP A 135 -5.96 -15.93 1.00
C ASP A 135 -5.94 -14.69 1.84
N ASN A 136 -5.00 -13.80 1.55
CA ASN A 136 -4.83 -12.61 2.34
C ASN A 136 -5.96 -11.69 1.95
N ILE A 137 -6.36 -11.87 0.69
CA ILE A 137 -7.48 -11.20 0.09
C ILE A 137 -8.76 -11.52 0.87
N ASN A 138 -8.87 -12.78 1.26
CA ASN A 138 -10.00 -13.25 2.03
C ASN A 138 -9.97 -12.68 3.43
N ILE A 139 -8.79 -12.71 4.02
CA ILE A 139 -8.62 -12.20 5.37
C ILE A 139 -8.95 -10.72 5.39
N LEU A 140 -8.55 -10.05 4.34
CA LEU A 140 -8.74 -8.65 4.17
C LEU A 140 -10.23 -8.31 4.12
N ILE A 141 -10.96 -9.01 3.26
CA ILE A 141 -12.41 -8.86 3.17
C ILE A 141 -12.99 -9.01 4.56
N LEU A 142 -12.53 -10.03 5.25
CA LEU A 142 -13.05 -10.38 6.56
C LEU A 142 -12.75 -9.32 7.60
N PHE A 143 -11.49 -8.92 7.64
CA PHE A 143 -11.02 -7.91 8.57
C PHE A 143 -11.79 -6.62 8.39
N LEU A 144 -11.92 -6.26 7.14
CA LEU A 144 -12.61 -5.06 6.75
C LEU A 144 -14.09 -5.16 7.06
N GLU A 145 -14.65 -6.33 6.79
CA GLU A 145 -16.10 -6.58 6.93
C GLU A 145 -16.61 -6.16 8.30
N LYS A 146 -15.74 -6.26 9.27
CA LYS A 146 -16.07 -5.86 10.62
C LYS A 146 -16.55 -4.42 10.68
N LYS A 147 -15.96 -3.56 9.85
CA LYS A 147 -16.32 -2.16 9.87
C LYS A 147 -16.92 -1.77 8.53
N LEU A 148 -16.73 -2.67 7.58
CA LEU A 148 -17.22 -2.54 6.23
C LEU A 148 -18.56 -3.23 6.08
N ASN A 149 -19.15 -3.09 4.90
CA ASN A 149 -20.52 -3.54 4.64
C ASN A 149 -21.51 -2.75 5.49
N MET A 1 3.14 25.26 -12.08
CA MET A 1 3.90 24.18 -12.76
C MET A 1 4.90 23.55 -11.79
N ALA A 2 4.64 23.66 -10.50
CA ALA A 2 5.53 23.12 -9.49
C ALA A 2 5.35 21.61 -9.34
N THR A 3 5.92 20.87 -10.29
CA THR A 3 5.87 19.41 -10.29
C THR A 3 4.45 18.89 -10.55
N LYS A 4 3.62 18.90 -9.52
CA LYS A 4 2.27 18.38 -9.61
C LYS A 4 1.53 18.71 -8.31
N LEU A 5 0.23 18.95 -8.39
CA LEU A 5 -0.54 19.31 -7.20
C LEU A 5 -2.01 18.93 -7.32
N ASP A 6 -2.70 19.48 -8.30
CA ASP A 6 -4.12 19.19 -8.47
C ASP A 6 -4.34 18.23 -9.62
N TYR A 7 -3.85 17.01 -9.44
CA TYR A 7 -4.01 15.96 -10.42
C TYR A 7 -4.37 14.66 -9.71
N GLU A 8 -5.42 14.01 -10.16
CA GLU A 8 -5.95 12.83 -9.53
C GLU A 8 -5.56 11.56 -10.21
N ASP A 9 -6.10 11.37 -11.40
CA ASP A 9 -5.97 10.12 -12.14
C ASP A 9 -6.33 8.96 -11.24
N ALA A 10 -7.46 9.14 -10.58
CA ALA A 10 -7.99 8.13 -9.69
C ALA A 10 -8.54 6.95 -10.45
N VAL A 11 -7.61 6.35 -11.11
CA VAL A 11 -7.78 5.09 -11.81
C VAL A 11 -8.46 4.04 -10.93
N PHE A 12 -8.00 3.94 -9.68
CA PHE A 12 -8.58 3.06 -8.71
C PHE A 12 -10.09 3.26 -8.57
N TYR A 13 -10.76 2.17 -8.27
CA TYR A 13 -12.21 2.14 -8.20
C TYR A 13 -12.66 1.89 -6.76
N PHE A 14 -11.98 0.95 -6.11
CA PHE A 14 -12.30 0.57 -4.75
C PHE A 14 -11.62 1.51 -3.77
N VAL A 15 -10.79 2.39 -4.32
CA VAL A 15 -10.17 3.48 -3.54
C VAL A 15 -11.15 4.13 -2.55
N ASP A 16 -12.32 4.47 -3.05
CA ASP A 16 -13.34 5.17 -2.29
C ASP A 16 -14.58 4.30 -2.14
N ASP A 17 -14.40 3.00 -2.31
CA ASP A 17 -15.52 2.07 -2.36
C ASP A 17 -16.43 2.19 -1.14
N ASP A 18 -15.82 2.51 -0.01
CA ASP A 18 -16.55 2.72 1.27
C ASP A 18 -17.05 1.39 1.86
N LYS A 19 -17.26 0.43 1.00
CA LYS A 19 -17.81 -0.83 1.37
C LYS A 19 -16.86 -1.96 1.01
N ILE A 20 -17.21 -3.16 1.47
CA ILE A 20 -16.39 -4.33 1.24
C ILE A 20 -16.64 -4.87 -0.17
N CYS A 21 -15.57 -5.28 -0.84
CA CYS A 21 -15.68 -5.74 -2.19
C CYS A 21 -15.68 -7.26 -2.27
N SER A 22 -15.56 -7.73 -3.48
CA SER A 22 -15.42 -9.15 -3.75
C SER A 22 -14.03 -9.63 -3.36
N ARG A 23 -13.87 -10.94 -3.22
CA ARG A 23 -12.55 -11.52 -3.09
C ARG A 23 -11.70 -11.12 -4.27
N ASP A 24 -12.34 -11.14 -5.43
CA ASP A 24 -11.67 -10.88 -6.70
C ASP A 24 -11.34 -9.41 -6.85
N SER A 25 -11.79 -8.64 -5.89
CA SER A 25 -11.68 -7.21 -5.97
C SER A 25 -10.52 -6.71 -5.12
N ILE A 26 -10.18 -7.49 -4.11
CA ILE A 26 -9.09 -7.17 -3.21
C ILE A 26 -7.80 -7.57 -3.90
N ILE A 27 -7.99 -8.28 -5.00
CA ILE A 27 -6.94 -8.71 -5.87
C ILE A 27 -6.33 -7.50 -6.55
N ASP A 28 -7.19 -6.75 -7.22
CA ASP A 28 -6.78 -5.56 -7.93
C ASP A 28 -6.48 -4.48 -6.94
N LEU A 29 -7.24 -4.57 -5.86
CA LEU A 29 -7.22 -3.59 -4.78
C LEU A 29 -5.83 -3.32 -4.26
N ILE A 30 -5.10 -4.38 -3.97
CA ILE A 30 -3.75 -4.23 -3.43
C ILE A 30 -2.89 -3.45 -4.41
N ASP A 31 -3.14 -3.68 -5.69
CA ASP A 31 -2.43 -2.98 -6.73
C ASP A 31 -2.88 -1.52 -6.76
N GLU A 32 -4.19 -1.29 -6.63
CA GLU A 32 -4.74 0.06 -6.57
C GLU A 32 -4.14 0.84 -5.40
N TYR A 33 -4.17 0.26 -4.20
CA TYR A 33 -3.77 0.94 -2.98
C TYR A 33 -2.30 1.30 -2.99
N ILE A 34 -1.47 0.30 -3.18
CA ILE A 34 -0.03 0.51 -3.23
C ILE A 34 0.34 1.52 -4.33
N THR A 35 -0.46 1.58 -5.40
CA THR A 35 -0.28 2.61 -6.42
C THR A 35 -0.81 3.96 -5.92
N TRP A 36 -1.92 3.91 -5.17
CA TRP A 36 -2.55 5.11 -4.64
C TRP A 36 -1.66 5.77 -3.59
N ARG A 37 -1.02 4.95 -2.77
CA ARG A 37 -0.01 5.43 -1.83
C ARG A 37 1.02 6.27 -2.57
N ASN A 38 1.24 5.94 -3.82
CA ASN A 38 2.21 6.64 -4.63
C ASN A 38 1.56 7.91 -5.17
N HIS A 39 0.36 7.76 -5.71
CA HIS A 39 -0.39 8.85 -6.32
C HIS A 39 -0.50 10.07 -5.41
N VAL A 40 -0.77 9.85 -4.13
CA VAL A 40 -0.90 10.95 -3.16
C VAL A 40 0.35 11.79 -3.15
N ILE A 41 1.44 11.15 -3.50
CA ILE A 41 2.74 11.75 -3.47
C ILE A 41 3.09 12.43 -4.78
N VAL A 42 3.17 11.62 -5.82
CA VAL A 42 3.52 12.12 -7.17
C VAL A 42 2.63 13.28 -7.57
N PHE A 43 1.35 13.07 -7.43
CA PHE A 43 0.34 14.02 -7.83
C PHE A 43 0.04 15.00 -6.73
N ASN A 44 0.55 14.69 -5.55
CA ASN A 44 0.28 15.45 -4.36
C ASN A 44 -1.22 15.56 -4.13
N LYS A 45 -1.89 14.42 -4.26
CA LYS A 45 -3.32 14.29 -4.02
C LYS A 45 -3.61 14.38 -2.52
N ASP A 46 -4.55 13.58 -2.07
CA ASP A 46 -4.91 13.55 -0.67
C ASP A 46 -5.00 12.12 -0.17
N ILE A 47 -4.48 11.91 1.02
CA ILE A 47 -4.54 10.61 1.69
C ILE A 47 -5.90 10.42 2.32
N THR A 48 -6.50 11.53 2.67
CA THR A 48 -7.77 11.55 3.35
C THR A 48 -8.85 11.31 2.34
N SER A 49 -8.45 11.50 1.10
CA SER A 49 -9.33 11.42 -0.03
C SER A 49 -9.40 9.99 -0.55
N CYS A 50 -10.26 9.20 0.10
CA CYS A 50 -10.51 7.84 -0.27
C CYS A 50 -11.71 7.34 0.52
N GLY A 51 -11.92 6.05 0.47
CA GLY A 51 -13.07 5.46 1.11
C GLY A 51 -12.69 4.70 2.36
N ARG A 52 -13.64 3.93 2.85
CA ARG A 52 -13.50 3.24 4.12
C ARG A 52 -12.45 2.17 4.05
N LEU A 53 -12.54 1.39 2.99
CA LEU A 53 -11.66 0.26 2.76
C LEU A 53 -10.18 0.68 2.89
N TYR A 54 -9.86 1.82 2.29
CA TYR A 54 -8.48 2.28 2.19
C TYR A 54 -7.89 2.72 3.52
N LYS A 55 -8.73 3.26 4.40
CA LYS A 55 -8.29 3.75 5.70
C LYS A 55 -7.69 2.61 6.50
N GLU A 56 -8.25 1.43 6.29
CA GLU A 56 -7.83 0.26 7.03
C GLU A 56 -6.46 -0.20 6.61
N LEU A 57 -6.22 -0.15 5.31
CA LEU A 57 -4.91 -0.41 4.76
C LEU A 57 -3.87 0.50 5.38
N MET A 58 -4.27 1.75 5.64
CA MET A 58 -3.40 2.72 6.28
C MET A 58 -2.96 2.22 7.65
N LYS A 59 -3.82 1.45 8.27
CA LYS A 59 -3.56 0.91 9.59
C LYS A 59 -2.56 -0.25 9.52
N PHE A 60 -2.32 -0.72 8.31
CA PHE A 60 -1.33 -1.76 8.07
C PHE A 60 0.06 -1.14 8.02
N ASP A 61 0.05 0.17 7.89
CA ASP A 61 1.27 0.95 7.99
C ASP A 61 1.73 0.85 9.41
N ASP A 62 0.75 0.93 10.28
CA ASP A 62 0.93 0.99 11.72
C ASP A 62 1.31 -0.35 12.26
N VAL A 63 0.63 -1.34 11.75
CA VAL A 63 0.85 -2.72 12.13
C VAL A 63 2.28 -3.11 11.80
N ALA A 64 2.76 -2.57 10.71
CA ALA A 64 4.15 -2.75 10.29
C ALA A 64 5.10 -1.94 11.16
N ILE A 65 4.72 -0.69 11.48
CA ILE A 65 5.45 0.12 12.45
C ILE A 65 5.52 -0.60 13.79
N ARG A 66 4.45 -1.29 14.12
CA ARG A 66 4.36 -2.06 15.34
C ARG A 66 5.26 -3.28 15.27
N TYR A 67 5.29 -3.88 14.08
CA TYR A 67 6.01 -5.11 13.88
C TYR A 67 7.48 -4.84 13.59
N TYR A 68 7.74 -4.37 12.39
CA TYR A 68 9.10 -4.14 11.92
C TYR A 68 9.70 -2.94 12.63
N GLY A 69 8.88 -1.92 12.82
CA GLY A 69 9.29 -0.77 13.57
C GLY A 69 9.57 0.41 12.68
N ILE A 70 9.15 1.56 13.16
CA ILE A 70 9.23 2.79 12.38
C ILE A 70 10.68 3.04 11.96
N ASP A 71 11.60 2.85 12.90
CA ASP A 71 13.02 3.05 12.67
C ASP A 71 13.54 2.18 11.53
N LYS A 72 13.24 0.89 11.61
CA LYS A 72 13.67 -0.04 10.57
C LYS A 72 12.97 0.27 9.27
N ILE A 73 11.69 0.59 9.36
CA ILE A 73 10.92 0.96 8.19
C ILE A 73 11.57 2.16 7.50
N ASN A 74 11.91 3.15 8.29
CA ASN A 74 12.61 4.33 7.84
C ASN A 74 13.89 3.94 7.10
N GLU A 75 14.65 3.04 7.69
CA GLU A 75 15.89 2.57 7.10
C GLU A 75 15.63 1.78 5.83
N ILE A 76 14.55 1.00 5.87
CA ILE A 76 14.17 0.15 4.78
C ILE A 76 13.66 0.97 3.58
N VAL A 77 12.68 1.83 3.82
CA VAL A 77 12.06 2.61 2.75
C VAL A 77 13.10 3.39 1.95
N GLU A 78 13.91 4.09 2.68
CA GLU A 78 15.00 4.87 2.11
C GLU A 78 15.98 4.01 1.32
N ALA A 79 16.28 2.83 1.83
CA ALA A 79 17.13 1.89 1.11
C ALA A 79 16.53 1.55 -0.25
N MET A 80 15.24 1.23 -0.25
CA MET A 80 14.48 0.98 -1.48
C MET A 80 14.70 2.05 -2.53
N SER A 81 14.84 3.30 -2.10
CA SER A 81 14.85 4.40 -3.03
C SER A 81 16.12 4.36 -3.88
N GLU A 82 17.15 3.76 -3.33
CA GLU A 82 18.43 3.64 -4.00
C GLU A 82 18.61 2.25 -4.58
N GLY A 83 17.56 1.43 -4.46
CA GLY A 83 17.57 0.09 -5.02
C GLY A 83 18.62 -0.81 -4.38
N ASP A 84 18.82 -0.66 -3.09
CA ASP A 84 19.80 -1.46 -2.35
C ASP A 84 19.32 -1.67 -0.93
N HIS A 85 18.95 -2.90 -0.60
CA HIS A 85 18.39 -3.20 0.71
C HIS A 85 18.72 -4.61 1.17
N TYR A 86 18.03 -5.05 2.21
CA TYR A 86 18.28 -6.33 2.83
C TYR A 86 17.01 -7.19 2.86
N ILE A 87 16.08 -6.85 3.76
CA ILE A 87 14.82 -7.59 3.93
C ILE A 87 15.05 -8.93 4.62
N ASN A 88 14.30 -9.17 5.69
CA ASN A 88 14.45 -10.37 6.49
C ASN A 88 13.12 -11.11 6.57
N PHE A 89 13.08 -12.17 7.37
CA PHE A 89 11.89 -13.00 7.49
C PHE A 89 10.96 -12.51 8.60
N THR A 90 9.70 -12.94 8.55
CA THR A 90 8.68 -12.48 9.47
C THR A 90 8.66 -13.32 10.74
N LYS A 91 9.48 -14.37 10.74
CA LYS A 91 9.55 -15.34 11.83
C LYS A 91 8.31 -16.23 11.81
N VAL A 92 7.20 -15.67 12.23
CA VAL A 92 5.93 -16.34 12.19
C VAL A 92 5.16 -15.91 10.93
N HIS A 93 4.21 -16.71 10.52
CA HIS A 93 3.39 -16.39 9.36
C HIS A 93 2.00 -16.01 9.79
N ASP A 94 1.91 -15.02 10.68
CA ASP A 94 0.64 -14.69 11.30
C ASP A 94 -0.02 -13.51 10.59
N GLN A 95 -1.30 -13.30 10.86
CA GLN A 95 -2.06 -12.23 10.22
C GLN A 95 -1.40 -10.87 10.43
N GLU A 96 -0.87 -10.66 11.63
CA GLU A 96 -0.21 -9.40 11.95
C GLU A 96 0.96 -9.14 10.99
N SER A 97 1.70 -10.20 10.69
CA SER A 97 2.80 -10.14 9.76
C SER A 97 2.27 -9.94 8.35
N LEU A 98 1.13 -10.55 8.07
CA LEU A 98 0.49 -10.44 6.77
C LEU A 98 0.21 -8.97 6.45
N PHE A 99 -0.49 -8.29 7.37
CA PHE A 99 -0.83 -6.90 7.20
C PHE A 99 0.41 -6.03 7.21
N ALA A 100 1.35 -6.38 8.08
CA ALA A 100 2.60 -5.64 8.20
C ALA A 100 3.33 -5.60 6.87
N THR A 101 3.19 -6.66 6.08
CA THR A 101 3.84 -6.78 4.81
C THR A 101 3.28 -5.75 3.82
N ILE A 102 2.00 -5.43 3.96
CA ILE A 102 1.37 -4.45 3.10
C ILE A 102 1.86 -3.04 3.43
N GLY A 103 1.75 -2.66 4.71
CA GLY A 103 2.11 -1.30 5.11
C GLY A 103 3.57 -0.97 4.92
N ILE A 104 4.43 -1.92 5.20
CA ILE A 104 5.86 -1.72 5.01
C ILE A 104 6.15 -1.41 3.53
N CYS A 105 5.43 -2.10 2.66
CA CYS A 105 5.57 -1.88 1.23
C CYS A 105 4.93 -0.55 0.84
N ALA A 106 3.92 -0.12 1.60
CA ALA A 106 3.15 1.06 1.28
C ALA A 106 3.98 2.33 1.44
N LYS A 107 4.86 2.34 2.42
CA LYS A 107 5.71 3.50 2.65
C LYS A 107 6.81 3.60 1.60
N ILE A 108 7.19 2.45 1.08
CA ILE A 108 8.22 2.39 0.07
C ILE A 108 7.74 3.01 -1.25
N THR A 109 6.55 2.62 -1.65
CA THR A 109 5.97 3.11 -2.90
C THR A 109 5.67 4.62 -2.85
N GLU A 110 5.25 5.13 -1.70
CA GLU A 110 4.87 6.54 -1.60
C GLU A 110 6.07 7.48 -1.67
N HIS A 111 7.14 7.14 -0.96
CA HIS A 111 8.31 8.00 -0.82
C HIS A 111 8.83 8.49 -2.17
N TRP A 112 8.74 7.62 -3.17
CA TRP A 112 9.31 7.88 -4.49
C TRP A 112 8.54 8.93 -5.30
N GLY A 113 7.30 9.19 -4.93
CA GLY A 113 6.42 9.98 -5.77
C GLY A 113 6.89 11.41 -6.00
N TYR A 114 7.34 12.07 -4.92
CA TYR A 114 7.62 13.51 -4.97
C TYR A 114 8.53 13.88 -6.14
N LYS A 115 9.73 13.33 -6.16
CA LYS A 115 10.68 13.64 -7.23
C LYS A 115 10.92 12.44 -8.14
N LYS A 116 10.04 11.44 -8.03
CA LYS A 116 10.19 10.20 -8.78
C LYS A 116 11.54 9.54 -8.49
N ILE A 117 11.67 9.01 -7.28
CA ILE A 117 12.92 8.43 -6.83
C ILE A 117 13.04 6.98 -7.27
N SER A 118 14.27 6.58 -7.59
CA SER A 118 14.60 5.22 -7.97
C SER A 118 16.01 5.17 -8.55
N GLU A 119 17.01 5.08 -7.69
CA GLU A 119 18.37 4.87 -8.12
C GLU A 119 18.51 3.44 -8.64
N SER A 120 17.90 2.52 -7.92
CA SER A 120 17.86 1.11 -8.31
C SER A 120 19.27 0.59 -8.60
N ARG A 121 20.06 0.45 -7.54
CA ARG A 121 21.41 -0.07 -7.64
C ARG A 121 21.43 -1.42 -8.36
N PHE A 122 20.74 -2.39 -7.79
CA PHE A 122 20.69 -3.73 -8.36
C PHE A 122 19.62 -4.57 -7.67
N GLN A 123 19.35 -4.24 -6.42
CA GLN A 123 18.36 -4.97 -5.63
C GLN A 123 16.94 -4.53 -5.99
N SER A 124 16.60 -4.68 -7.26
CA SER A 124 15.29 -4.30 -7.75
C SER A 124 14.31 -5.47 -7.60
N LEU A 125 13.78 -5.62 -6.40
CA LEU A 125 12.86 -6.70 -6.10
C LEU A 125 11.72 -6.20 -5.22
N GLY A 126 10.49 -6.44 -5.67
CA GLY A 126 9.34 -6.05 -4.89
C GLY A 126 8.21 -5.53 -5.75
N ASN A 127 7.25 -6.40 -6.04
CA ASN A 127 6.08 -6.01 -6.81
C ASN A 127 4.87 -5.89 -5.88
N ILE A 128 3.82 -5.26 -6.34
CA ILE A 128 2.67 -4.96 -5.49
C ILE A 128 1.86 -6.22 -5.15
N THR A 129 1.13 -6.73 -6.13
CA THR A 129 0.20 -7.85 -5.92
C THR A 129 0.92 -9.13 -5.47
N ASP A 130 2.17 -9.30 -5.86
CA ASP A 130 2.93 -10.52 -5.55
C ASP A 130 3.23 -10.64 -4.06
N LEU A 131 2.91 -9.60 -3.29
CA LEU A 131 3.28 -9.54 -1.89
C LEU A 131 2.17 -10.13 -1.00
N MET A 132 1.02 -10.42 -1.59
CA MET A 132 -0.10 -10.99 -0.85
C MET A 132 -0.87 -11.96 -1.75
N THR A 133 -1.83 -12.66 -1.17
CA THR A 133 -2.45 -13.78 -1.85
C THR A 133 -3.96 -13.64 -1.87
N ASP A 134 -4.58 -14.28 -2.86
CA ASP A 134 -6.03 -14.44 -2.90
C ASP A 134 -6.57 -14.96 -1.57
N ASP A 135 -5.75 -15.73 -0.89
CA ASP A 135 -6.11 -16.28 0.40
C ASP A 135 -6.10 -15.18 1.44
N ASN A 136 -5.25 -14.19 1.22
CA ASN A 136 -5.04 -13.08 2.14
C ASN A 136 -6.21 -12.11 1.95
N ILE A 137 -6.74 -12.13 0.73
CA ILE A 137 -7.88 -11.32 0.34
C ILE A 137 -9.05 -11.62 1.26
N ASN A 138 -9.17 -12.89 1.61
CA ASN A 138 -10.22 -13.33 2.49
C ASN A 138 -10.05 -12.70 3.85
N ILE A 139 -8.83 -12.70 4.33
CA ILE A 139 -8.52 -12.09 5.61
C ILE A 139 -8.85 -10.61 5.55
N LEU A 140 -8.47 -10.02 4.44
CA LEU A 140 -8.63 -8.63 4.21
C LEU A 140 -10.09 -8.24 4.21
N ILE A 141 -10.90 -8.94 3.41
CA ILE A 141 -12.35 -8.72 3.39
C ILE A 141 -12.89 -8.77 4.80
N LEU A 142 -12.42 -9.75 5.53
CA LEU A 142 -12.90 -10.02 6.86
C LEU A 142 -12.52 -8.90 7.83
N PHE A 143 -11.26 -8.52 7.80
CA PHE A 143 -10.75 -7.45 8.65
C PHE A 143 -11.55 -6.19 8.41
N LEU A 144 -11.71 -5.89 7.15
CA LEU A 144 -12.41 -4.70 6.74
C LEU A 144 -13.87 -4.80 7.11
N GLU A 145 -14.45 -5.97 6.89
CA GLU A 145 -15.88 -6.21 7.11
C GLU A 145 -16.32 -5.87 8.52
N LYS A 146 -15.36 -5.90 9.41
CA LYS A 146 -15.57 -5.40 10.76
C LYS A 146 -16.22 -4.02 10.74
N LYS A 147 -15.81 -3.19 9.79
CA LYS A 147 -16.41 -1.89 9.63
C LYS A 147 -17.06 -1.76 8.25
N LEU A 148 -16.74 -2.75 7.43
CA LEU A 148 -17.16 -2.81 6.04
C LEU A 148 -18.32 -3.77 5.83
N ASN A 149 -18.81 -3.76 4.59
CA ASN A 149 -19.95 -4.52 4.13
C ASN A 149 -20.64 -3.75 3.03
N MET A 1 -4.05 31.65 -12.23
CA MET A 1 -4.90 31.20 -13.35
C MET A 1 -4.19 30.15 -14.20
N ALA A 2 -3.55 29.19 -13.55
CA ALA A 2 -2.88 28.11 -14.25
C ALA A 2 -3.75 26.87 -14.26
N THR A 3 -4.37 26.60 -15.39
CA THR A 3 -5.26 25.45 -15.53
C THR A 3 -4.45 24.18 -15.75
N LYS A 4 -3.66 23.81 -14.74
CA LYS A 4 -2.82 22.62 -14.81
C LYS A 4 -2.69 21.98 -13.43
N LEU A 5 -3.68 22.22 -12.59
CA LEU A 5 -3.69 21.68 -11.24
C LEU A 5 -4.78 20.63 -11.13
N ASP A 6 -5.23 20.36 -9.89
CA ASP A 6 -6.29 19.39 -9.63
C ASP A 6 -5.84 18.01 -10.08
N TYR A 7 -4.96 17.42 -9.30
CA TYR A 7 -4.35 16.15 -9.65
C TYR A 7 -5.14 15.01 -9.04
N GLU A 8 -5.63 14.13 -9.89
CA GLU A 8 -6.45 13.01 -9.46
C GLU A 8 -5.95 11.73 -10.07
N ASP A 9 -6.31 11.54 -11.34
CA ASP A 9 -6.04 10.30 -12.03
C ASP A 9 -6.59 9.14 -11.21
N ALA A 10 -7.67 9.41 -10.51
CA ALA A 10 -8.31 8.45 -9.65
C ALA A 10 -9.07 7.43 -10.45
N VAL A 11 -8.29 6.60 -11.04
CA VAL A 11 -8.72 5.45 -11.81
C VAL A 11 -9.40 4.41 -10.93
N PHE A 12 -8.81 4.15 -9.76
CA PHE A 12 -9.35 3.25 -8.79
C PHE A 12 -10.80 3.55 -8.45
N TYR A 13 -11.56 2.49 -8.28
CA TYR A 13 -12.96 2.56 -7.91
C TYR A 13 -13.13 2.21 -6.44
N PHE A 14 -12.41 1.18 -6.02
CA PHE A 14 -12.49 0.70 -4.66
C PHE A 14 -11.78 1.66 -3.72
N VAL A 15 -11.04 2.60 -4.30
CA VAL A 15 -10.37 3.65 -3.54
C VAL A 15 -11.33 4.28 -2.52
N ASP A 16 -12.50 4.63 -3.00
CA ASP A 16 -13.54 5.24 -2.19
C ASP A 16 -14.75 4.33 -2.10
N ASP A 17 -14.53 3.04 -2.35
CA ASP A 17 -15.59 2.05 -2.39
C ASP A 17 -16.47 2.14 -1.17
N ASP A 18 -15.81 2.35 -0.04
CA ASP A 18 -16.45 2.62 1.25
C ASP A 18 -17.06 1.36 1.85
N LYS A 19 -17.28 0.38 0.99
CA LYS A 19 -17.88 -0.86 1.36
C LYS A 19 -17.01 -2.03 0.93
N ILE A 20 -17.37 -3.21 1.38
CA ILE A 20 -16.59 -4.40 1.11
C ILE A 20 -17.02 -4.99 -0.23
N CYS A 21 -16.06 -5.44 -1.03
CA CYS A 21 -16.33 -5.98 -2.33
C CYS A 21 -16.01 -7.46 -2.40
N SER A 22 -15.88 -7.94 -3.62
CA SER A 22 -15.56 -9.33 -3.87
C SER A 22 -14.16 -9.67 -3.39
N ARG A 23 -13.90 -10.95 -3.26
CA ARG A 23 -12.57 -11.45 -3.03
C ARG A 23 -11.68 -11.03 -4.20
N ASP A 24 -12.27 -11.09 -5.37
CA ASP A 24 -11.57 -10.78 -6.62
C ASP A 24 -11.29 -9.29 -6.74
N SER A 25 -11.81 -8.53 -5.79
CA SER A 25 -11.68 -7.09 -5.83
C SER A 25 -10.46 -6.63 -5.04
N ILE A 26 -10.11 -7.43 -4.05
CA ILE A 26 -8.95 -7.15 -3.21
C ILE A 26 -7.70 -7.55 -3.97
N ILE A 27 -7.96 -8.19 -5.09
CA ILE A 27 -6.95 -8.62 -6.02
C ILE A 27 -6.38 -7.43 -6.75
N ASP A 28 -7.28 -6.68 -7.38
CA ASP A 28 -6.89 -5.50 -8.13
C ASP A 28 -6.52 -4.42 -7.15
N LEU A 29 -7.21 -4.50 -6.03
CA LEU A 29 -7.12 -3.54 -4.95
C LEU A 29 -5.70 -3.26 -4.52
N ILE A 30 -4.94 -4.33 -4.27
CA ILE A 30 -3.58 -4.19 -3.81
C ILE A 30 -2.74 -3.39 -4.80
N ASP A 31 -3.03 -3.55 -6.08
CA ASP A 31 -2.36 -2.79 -7.11
C ASP A 31 -2.81 -1.33 -7.04
N GLU A 32 -4.13 -1.13 -6.95
CA GLU A 32 -4.70 0.21 -6.86
C GLU A 32 -4.17 0.96 -5.64
N TYR A 33 -4.25 0.32 -4.48
CA TYR A 33 -3.86 0.96 -3.22
C TYR A 33 -2.40 1.37 -3.24
N ILE A 34 -1.54 0.39 -3.47
CA ILE A 34 -0.10 0.64 -3.52
C ILE A 34 0.24 1.72 -4.55
N THR A 35 -0.52 1.76 -5.65
CA THR A 35 -0.36 2.82 -6.64
C THR A 35 -0.96 4.14 -6.15
N TRP A 36 -2.06 4.06 -5.42
CA TRP A 36 -2.74 5.24 -4.90
C TRP A 36 -1.89 5.94 -3.86
N ARG A 37 -1.23 5.16 -3.01
CA ARG A 37 -0.30 5.70 -2.04
C ARG A 37 0.80 6.47 -2.74
N ASN A 38 1.00 6.16 -4.00
CA ASN A 38 1.99 6.82 -4.81
C ASN A 38 1.41 8.11 -5.37
N HIS A 39 0.19 8.02 -5.92
CA HIS A 39 -0.51 9.18 -6.48
C HIS A 39 -0.57 10.36 -5.50
N VAL A 40 -0.80 10.05 -4.23
CA VAL A 40 -0.91 11.08 -3.19
C VAL A 40 0.38 11.89 -3.11
N ILE A 41 1.44 11.28 -3.56
CA ILE A 41 2.76 11.85 -3.45
C ILE A 41 3.16 12.64 -4.68
N VAL A 42 3.29 11.91 -5.78
CA VAL A 42 3.69 12.49 -7.07
C VAL A 42 2.80 13.65 -7.45
N PHE A 43 1.51 13.42 -7.33
CA PHE A 43 0.50 14.38 -7.69
C PHE A 43 0.16 15.27 -6.52
N ASN A 44 0.68 14.88 -5.37
CA ASN A 44 0.40 15.54 -4.10
C ASN A 44 -1.11 15.65 -3.89
N LYS A 45 -1.77 14.51 -4.05
CA LYS A 45 -3.21 14.39 -3.82
C LYS A 45 -3.50 14.40 -2.33
N ASP A 46 -4.39 13.52 -1.90
CA ASP A 46 -4.72 13.43 -0.49
C ASP A 46 -4.77 11.98 -0.05
N ILE A 47 -4.44 11.77 1.20
CA ILE A 47 -4.59 10.48 1.85
C ILE A 47 -6.03 10.27 2.27
N THR A 48 -6.70 11.36 2.57
CA THR A 48 -8.06 11.33 3.05
C THR A 48 -8.98 11.15 1.87
N SER A 49 -8.42 11.39 0.70
CA SER A 49 -9.12 11.21 -0.55
C SER A 49 -9.26 9.71 -0.87
N CYS A 50 -10.27 9.09 -0.27
CA CYS A 50 -10.54 7.69 -0.41
C CYS A 50 -11.73 7.31 0.45
N GLY A 51 -11.99 6.03 0.52
CA GLY A 51 -13.13 5.51 1.24
C GLY A 51 -12.73 4.66 2.41
N ARG A 52 -13.70 3.94 2.95
CA ARG A 52 -13.54 3.19 4.20
C ARG A 52 -12.49 2.11 4.06
N LEU A 53 -12.61 1.36 2.99
CA LEU A 53 -11.74 0.23 2.71
C LEU A 53 -10.27 0.63 2.80
N TYR A 54 -9.93 1.75 2.16
CA TYR A 54 -8.55 2.21 2.04
C TYR A 54 -7.95 2.63 3.38
N LYS A 55 -8.77 3.18 4.26
CA LYS A 55 -8.28 3.71 5.52
C LYS A 55 -7.62 2.62 6.32
N GLU A 56 -8.16 1.42 6.22
CA GLU A 56 -7.66 0.29 6.99
C GLU A 56 -6.31 -0.16 6.46
N LEU A 57 -6.16 -0.13 5.15
CA LEU A 57 -4.89 -0.41 4.51
C LEU A 57 -3.80 0.50 5.07
N MET A 58 -4.17 1.75 5.32
CA MET A 58 -3.24 2.72 5.85
C MET A 58 -2.71 2.25 7.19
N LYS A 59 -3.56 1.58 7.93
CA LYS A 59 -3.22 1.07 9.24
C LYS A 59 -2.27 -0.12 9.17
N PHE A 60 -2.09 -0.66 7.97
CA PHE A 60 -1.14 -1.74 7.77
C PHE A 60 0.27 -1.17 7.74
N ASP A 61 0.32 0.15 7.61
CA ASP A 61 1.55 0.90 7.74
C ASP A 61 1.97 0.84 9.20
N ASP A 62 0.95 0.93 10.03
CA ASP A 62 1.08 1.03 11.48
C ASP A 62 1.44 -0.30 12.07
N VAL A 63 0.76 -1.30 11.58
CA VAL A 63 0.99 -2.67 11.99
C VAL A 63 2.43 -3.08 11.69
N ALA A 64 2.92 -2.53 10.60
CA ALA A 64 4.31 -2.70 10.22
C ALA A 64 5.23 -1.86 11.11
N ILE A 65 4.82 -0.64 11.43
CA ILE A 65 5.54 0.18 12.41
C ILE A 65 5.63 -0.54 13.74
N ARG A 66 4.59 -1.28 14.09
CA ARG A 66 4.60 -2.12 15.25
C ARG A 66 5.57 -3.26 15.07
N TYR A 67 5.44 -3.93 13.93
CA TYR A 67 6.16 -5.16 13.67
C TYR A 67 7.62 -4.89 13.37
N TYR A 68 7.86 -4.31 12.22
CA TYR A 68 9.22 -4.04 11.77
C TYR A 68 9.81 -2.90 12.57
N GLY A 69 8.98 -1.93 12.90
CA GLY A 69 9.40 -0.82 13.71
C GLY A 69 9.70 0.38 12.89
N ILE A 70 9.35 1.52 13.44
CA ILE A 70 9.51 2.79 12.73
C ILE A 70 10.96 2.95 12.25
N ASP A 71 11.91 2.60 13.12
CA ASP A 71 13.32 2.64 12.78
C ASP A 71 13.61 1.77 11.57
N LYS A 72 13.19 0.52 11.63
CA LYS A 72 13.49 -0.43 10.57
C LYS A 72 12.57 -0.24 9.37
N ILE A 73 11.65 0.69 9.48
CA ILE A 73 10.89 1.11 8.33
C ILE A 73 11.59 2.28 7.65
N ASN A 74 11.98 3.25 8.46
CA ASN A 74 12.73 4.41 8.01
C ASN A 74 14.00 3.99 7.26
N GLU A 75 14.72 3.06 7.88
CA GLU A 75 15.96 2.55 7.33
C GLU A 75 15.69 1.84 6.01
N ILE A 76 14.62 1.07 6.03
CA ILE A 76 14.24 0.23 4.94
C ILE A 76 13.69 1.04 3.74
N VAL A 77 12.69 1.88 3.99
CA VAL A 77 12.06 2.64 2.93
C VAL A 77 13.07 3.42 2.11
N GLU A 78 13.87 4.16 2.81
CA GLU A 78 14.92 4.96 2.22
C GLU A 78 15.93 4.11 1.44
N ALA A 79 16.27 2.96 1.98
CA ALA A 79 17.17 2.04 1.29
C ALA A 79 16.57 1.56 -0.03
N MET A 80 15.29 1.22 0.00
CA MET A 80 14.53 0.85 -1.22
C MET A 80 14.84 1.78 -2.37
N SER A 81 14.93 3.06 -2.08
CA SER A 81 15.00 4.07 -3.12
C SER A 81 16.33 3.99 -3.87
N GLU A 82 17.27 3.21 -3.34
CA GLU A 82 18.58 3.05 -3.93
C GLU A 82 18.61 1.86 -4.88
N GLY A 83 17.52 1.10 -4.91
CA GLY A 83 17.44 -0.08 -5.76
C GLY A 83 18.34 -1.19 -5.26
N ASP A 84 18.62 -1.16 -3.98
CA ASP A 84 19.55 -2.10 -3.37
C ASP A 84 18.90 -2.76 -2.16
N HIS A 85 18.84 -2.00 -1.07
CA HIS A 85 18.07 -2.34 0.14
C HIS A 85 18.19 -3.79 0.61
N TYR A 86 17.19 -4.20 1.38
CA TYR A 86 17.11 -5.48 2.04
C TYR A 86 15.76 -5.59 2.73
N ILE A 87 15.28 -6.81 2.96
CA ILE A 87 14.02 -7.00 3.68
C ILE A 87 14.05 -8.30 4.49
N ASN A 88 13.66 -8.22 5.76
CA ASN A 88 13.53 -9.39 6.60
C ASN A 88 12.19 -10.06 6.35
N PHE A 89 12.22 -11.30 5.90
CA PHE A 89 11.02 -12.05 5.59
C PHE A 89 10.23 -12.36 6.86
N THR A 90 8.97 -12.73 6.68
CA THR A 90 8.08 -13.00 7.80
C THR A 90 8.51 -14.24 8.58
N LYS A 91 8.88 -14.01 9.84
CA LYS A 91 9.23 -15.08 10.77
C LYS A 91 8.05 -16.03 10.91
N VAL A 92 7.00 -15.54 11.52
CA VAL A 92 5.75 -16.28 11.64
C VAL A 92 4.73 -15.73 10.65
N HIS A 93 4.04 -16.64 9.97
CA HIS A 93 3.04 -16.24 8.99
C HIS A 93 1.70 -16.00 9.66
N ASP A 94 1.63 -14.92 10.42
CA ASP A 94 0.40 -14.54 11.10
C ASP A 94 -0.19 -13.29 10.49
N GLN A 95 -1.47 -13.06 10.72
CA GLN A 95 -2.18 -11.91 10.15
C GLN A 95 -1.42 -10.61 10.35
N GLU A 96 -0.87 -10.41 11.54
CA GLU A 96 -0.16 -9.19 11.87
C GLU A 96 1.05 -9.00 10.95
N SER A 97 1.75 -10.10 10.66
CA SER A 97 2.87 -10.09 9.74
C SER A 97 2.36 -9.88 8.31
N LEU A 98 1.21 -10.48 8.02
CA LEU A 98 0.60 -10.36 6.71
C LEU A 98 0.32 -8.91 6.38
N PHE A 99 -0.40 -8.22 7.28
CA PHE A 99 -0.73 -6.82 7.10
C PHE A 99 0.54 -5.98 7.08
N ALA A 100 1.47 -6.34 7.95
CA ALA A 100 2.74 -5.61 8.07
C ALA A 100 3.47 -5.56 6.73
N THR A 101 3.32 -6.63 5.96
CA THR A 101 4.00 -6.76 4.69
C THR A 101 3.46 -5.74 3.68
N ILE A 102 2.18 -5.42 3.76
CA ILE A 102 1.56 -4.45 2.88
C ILE A 102 2.05 -3.04 3.22
N GLY A 103 1.89 -2.63 4.48
CA GLY A 103 2.21 -1.27 4.87
C GLY A 103 3.67 -0.90 4.72
N ILE A 104 4.53 -1.82 5.09
CA ILE A 104 5.97 -1.59 4.95
C ILE A 104 6.32 -1.27 3.50
N CYS A 105 5.70 -2.00 2.59
CA CYS A 105 5.88 -1.79 1.17
C CYS A 105 5.16 -0.53 0.70
N ALA A 106 4.10 -0.13 1.41
CA ALA A 106 3.34 1.05 1.06
C ALA A 106 4.15 2.31 1.34
N LYS A 107 4.96 2.27 2.39
CA LYS A 107 5.85 3.38 2.73
C LYS A 107 6.87 3.59 1.63
N ILE A 108 7.20 2.51 0.97
CA ILE A 108 8.21 2.51 -0.07
C ILE A 108 7.66 3.13 -1.35
N THR A 109 6.47 2.70 -1.76
CA THR A 109 5.86 3.20 -2.98
C THR A 109 5.56 4.70 -2.91
N GLU A 110 5.16 5.19 -1.74
CA GLU A 110 4.82 6.61 -1.59
C GLU A 110 6.06 7.50 -1.64
N HIS A 111 7.13 7.08 -0.98
CA HIS A 111 8.33 7.91 -0.82
C HIS A 111 8.89 8.35 -2.17
N TRP A 112 8.74 7.50 -3.17
CA TRP A 112 9.33 7.71 -4.49
C TRP A 112 8.64 8.84 -5.27
N GLY A 113 7.41 9.19 -4.89
CA GLY A 113 6.59 10.06 -5.71
C GLY A 113 7.11 11.48 -5.81
N TYR A 114 7.51 12.06 -4.68
CA TYR A 114 7.83 13.49 -4.62
C TYR A 114 8.85 13.90 -5.69
N LYS A 115 10.02 13.28 -5.67
CA LYS A 115 11.08 13.66 -6.59
C LYS A 115 11.38 12.57 -7.61
N LYS A 116 10.50 11.56 -7.70
CA LYS A 116 10.69 10.42 -8.60
C LYS A 116 11.97 9.65 -8.24
N ILE A 117 11.87 8.80 -7.23
CA ILE A 117 13.02 8.09 -6.73
C ILE A 117 13.01 6.64 -7.20
N SER A 118 14.19 6.05 -7.22
CA SER A 118 14.35 4.64 -7.55
C SER A 118 13.88 4.34 -8.96
N GLU A 119 14.71 4.67 -9.93
CA GLU A 119 14.42 4.37 -11.31
C GLU A 119 14.83 2.93 -11.63
N SER A 120 14.21 2.01 -10.91
CA SER A 120 14.49 0.59 -11.07
C SER A 120 13.34 -0.11 -11.77
N ARG A 121 13.05 0.34 -12.99
CA ARG A 121 11.91 -0.16 -13.75
C ARG A 121 12.29 -1.45 -14.48
N PHE A 122 12.60 -2.49 -13.71
CA PHE A 122 13.00 -3.76 -14.29
C PHE A 122 11.85 -4.75 -14.23
N GLN A 123 11.63 -5.31 -13.04
CA GLN A 123 10.61 -6.33 -12.86
C GLN A 123 9.31 -5.73 -12.34
N SER A 124 9.35 -5.19 -11.13
CA SER A 124 8.17 -4.67 -10.49
C SER A 124 7.91 -3.22 -10.88
N LEU A 125 6.78 -3.00 -11.54
CA LEU A 125 6.34 -1.65 -11.87
C LEU A 125 4.85 -1.52 -11.57
N GLY A 126 4.37 -2.42 -10.74
CA GLY A 126 2.98 -2.46 -10.36
C GLY A 126 2.58 -3.83 -9.87
N ASN A 127 1.29 -4.01 -9.59
CA ASN A 127 0.74 -5.29 -9.12
C ASN A 127 1.25 -5.62 -7.72
N ILE A 128 2.39 -6.31 -7.65
CA ILE A 128 3.02 -6.70 -6.38
C ILE A 128 2.03 -7.42 -5.43
N THR A 129 1.05 -8.10 -6.00
CA THR A 129 0.12 -8.90 -5.21
C THR A 129 0.83 -10.06 -4.53
N ASP A 130 1.98 -10.46 -5.10
CA ASP A 130 2.80 -11.54 -4.56
C ASP A 130 3.26 -11.26 -3.13
N LEU A 131 3.06 -10.04 -2.66
CA LEU A 131 3.43 -9.66 -1.31
C LEU A 131 2.38 -10.18 -0.33
N MET A 132 1.27 -10.64 -0.88
CA MET A 132 0.16 -11.20 -0.13
C MET A 132 -0.44 -12.34 -0.93
N THR A 133 -1.60 -12.83 -0.51
CA THR A 133 -2.18 -14.00 -1.15
C THR A 133 -3.67 -13.85 -1.33
N ASP A 134 -4.21 -14.55 -2.30
CA ASP A 134 -5.66 -14.75 -2.41
C ASP A 134 -6.25 -15.18 -1.08
N ASP A 135 -5.46 -15.91 -0.32
CA ASP A 135 -5.87 -16.36 0.99
C ASP A 135 -5.92 -15.18 1.95
N ASN A 136 -5.10 -14.18 1.65
CA ASN A 136 -4.97 -12.99 2.47
C ASN A 136 -6.14 -12.07 2.17
N ILE A 137 -6.56 -12.11 0.91
CA ILE A 137 -7.66 -11.32 0.41
C ILE A 137 -8.91 -11.62 1.22
N ASN A 138 -9.08 -12.88 1.55
CA ASN A 138 -10.20 -13.31 2.34
C ASN A 138 -10.14 -12.70 3.72
N ILE A 139 -8.95 -12.69 4.29
CA ILE A 139 -8.73 -12.12 5.60
C ILE A 139 -9.02 -10.64 5.55
N LEU A 140 -8.58 -10.02 4.47
CA LEU A 140 -8.72 -8.61 4.25
C LEU A 140 -10.18 -8.21 4.15
N ILE A 141 -10.94 -8.91 3.31
CA ILE A 141 -12.38 -8.71 3.22
C ILE A 141 -12.98 -8.78 4.61
N LEU A 142 -12.58 -9.80 5.33
CA LEU A 142 -13.11 -10.10 6.64
C LEU A 142 -12.76 -9.03 7.66
N PHE A 143 -11.49 -8.66 7.69
CA PHE A 143 -11.00 -7.63 8.59
C PHE A 143 -11.75 -6.35 8.38
N LEU A 144 -11.87 -5.99 7.13
CA LEU A 144 -12.55 -4.78 6.76
C LEU A 144 -14.01 -4.88 7.06
N GLU A 145 -14.58 -6.05 6.78
CA GLU A 145 -16.01 -6.33 6.98
C GLU A 145 -16.47 -6.02 8.38
N LYS A 146 -15.54 -6.05 9.29
CA LYS A 146 -15.81 -5.59 10.65
C LYS A 146 -16.50 -4.24 10.64
N LYS A 147 -16.08 -3.37 9.74
CA LYS A 147 -16.71 -2.07 9.63
C LYS A 147 -17.31 -1.88 8.23
N LEU A 148 -16.80 -2.69 7.34
CA LEU A 148 -17.26 -2.79 5.97
C LEU A 148 -18.46 -3.71 5.89
N ASN A 149 -19.04 -3.83 4.70
CA ASN A 149 -20.32 -4.52 4.52
C ASN A 149 -21.43 -3.74 5.21
N MET A 1 8.41 22.89 -17.64
CA MET A 1 9.06 21.56 -17.55
C MET A 1 8.15 20.58 -16.83
N ALA A 2 7.81 20.92 -15.59
CA ALA A 2 6.79 20.19 -14.86
C ALA A 2 5.49 20.96 -14.90
N THR A 3 5.47 22.09 -14.18
CA THR A 3 4.41 23.10 -14.29
C THR A 3 3.06 22.63 -13.72
N LYS A 4 2.52 21.55 -14.26
CA LYS A 4 1.20 21.08 -13.89
C LYS A 4 1.28 19.98 -12.83
N LEU A 5 0.58 20.22 -11.73
CA LEU A 5 0.47 19.25 -10.65
C LEU A 5 -0.87 19.43 -9.95
N ASP A 6 -1.01 18.86 -8.75
CA ASP A 6 -2.28 18.88 -8.02
C ASP A 6 -3.35 18.15 -8.80
N TYR A 7 -3.06 16.90 -9.10
CA TYR A 7 -3.97 16.05 -9.84
C TYR A 7 -4.31 14.82 -9.02
N GLU A 8 -5.16 13.97 -9.56
CA GLU A 8 -5.47 12.70 -8.94
C GLU A 8 -5.49 11.63 -9.99
N ASP A 9 -6.35 11.83 -10.98
CA ASP A 9 -6.53 10.85 -12.03
C ASP A 9 -6.85 9.51 -11.42
N ALA A 10 -7.65 9.56 -10.36
CA ALA A 10 -8.11 8.39 -9.63
C ALA A 10 -8.71 7.34 -10.56
N VAL A 11 -7.82 6.54 -11.01
CA VAL A 11 -8.08 5.38 -11.82
C VAL A 11 -8.71 4.27 -10.99
N PHE A 12 -8.19 4.08 -9.78
CA PHE A 12 -8.73 3.16 -8.83
C PHE A 12 -10.23 3.39 -8.60
N TYR A 13 -10.92 2.29 -8.37
CA TYR A 13 -12.35 2.30 -8.17
C TYR A 13 -12.69 2.04 -6.72
N PHE A 14 -12.08 1.00 -6.18
CA PHE A 14 -12.33 0.57 -4.81
C PHE A 14 -11.60 1.49 -3.85
N VAL A 15 -10.79 2.38 -4.40
CA VAL A 15 -10.14 3.44 -3.63
C VAL A 15 -11.13 4.10 -2.67
N ASP A 16 -12.29 4.43 -3.19
CA ASP A 16 -13.32 5.17 -2.49
C ASP A 16 -14.56 4.31 -2.31
N ASP A 17 -14.39 3.00 -2.46
CA ASP A 17 -15.50 2.07 -2.46
C ASP A 17 -16.36 2.23 -1.22
N ASP A 18 -15.69 2.49 -0.10
CA ASP A 18 -16.34 2.80 1.19
C ASP A 18 -16.96 1.57 1.82
N LYS A 19 -17.16 0.54 1.02
CA LYS A 19 -17.74 -0.69 1.44
C LYS A 19 -16.81 -1.86 1.14
N ILE A 20 -17.20 -3.02 1.64
CA ILE A 20 -16.44 -4.24 1.41
C ILE A 20 -16.77 -4.81 0.03
N CYS A 21 -15.76 -5.23 -0.71
CA CYS A 21 -15.94 -5.69 -2.04
C CYS A 21 -15.89 -7.22 -2.12
N SER A 22 -15.84 -7.71 -3.33
CA SER A 22 -15.71 -9.14 -3.59
C SER A 22 -14.31 -9.63 -3.24
N ARG A 23 -14.16 -10.95 -3.21
CA ARG A 23 -12.86 -11.58 -3.15
C ARG A 23 -12.01 -11.08 -4.31
N ASP A 24 -12.64 -11.04 -5.47
CA ASP A 24 -11.95 -10.75 -6.72
C ASP A 24 -11.58 -9.28 -6.82
N SER A 25 -12.04 -8.52 -5.87
CA SER A 25 -11.90 -7.08 -5.92
C SER A 25 -10.72 -6.63 -5.07
N ILE A 26 -10.37 -7.45 -4.09
CA ILE A 26 -9.23 -7.17 -3.22
C ILE A 26 -7.97 -7.60 -3.94
N ILE A 27 -8.20 -8.22 -5.08
CA ILE A 27 -7.18 -8.69 -5.96
C ILE A 27 -6.53 -7.52 -6.68
N ASP A 28 -7.37 -6.72 -7.34
CA ASP A 28 -6.91 -5.56 -8.05
C ASP A 28 -6.54 -4.50 -7.05
N LEU A 29 -7.27 -4.57 -5.96
CA LEU A 29 -7.21 -3.62 -4.87
C LEU A 29 -5.80 -3.36 -4.39
N ILE A 30 -5.05 -4.43 -4.13
CA ILE A 30 -3.71 -4.29 -3.59
C ILE A 30 -2.82 -3.49 -4.53
N ASP A 31 -3.03 -3.67 -5.82
CA ASP A 31 -2.29 -2.89 -6.80
C ASP A 31 -2.78 -1.46 -6.79
N GLU A 32 -4.10 -1.26 -6.70
CA GLU A 32 -4.67 0.07 -6.62
C GLU A 32 -4.11 0.83 -5.41
N TYR A 33 -4.16 0.20 -4.24
CA TYR A 33 -3.75 0.87 -3.00
C TYR A 33 -2.29 1.22 -2.99
N ILE A 34 -1.46 0.20 -3.17
CA ILE A 34 -0.01 0.41 -3.18
C ILE A 34 0.39 1.46 -4.24
N THR A 35 -0.35 1.51 -5.34
CA THR A 35 -0.11 2.54 -6.34
C THR A 35 -0.73 3.88 -5.91
N TRP A 36 -1.86 3.83 -5.21
CA TRP A 36 -2.52 5.03 -4.72
C TRP A 36 -1.66 5.71 -3.67
N ARG A 37 -1.00 4.91 -2.85
CA ARG A 37 -0.04 5.42 -1.88
C ARG A 37 1.04 6.22 -2.59
N ASN A 38 1.25 5.94 -3.86
CA ASN A 38 2.21 6.67 -4.64
C ASN A 38 1.56 7.94 -5.16
N HIS A 39 0.36 7.78 -5.77
CA HIS A 39 -0.37 8.88 -6.38
C HIS A 39 -0.56 10.08 -5.44
N VAL A 40 -0.71 9.81 -4.15
CA VAL A 40 -0.98 10.89 -3.19
C VAL A 40 0.24 11.79 -3.07
N ILE A 41 1.35 11.21 -3.42
CA ILE A 41 2.64 11.84 -3.30
C ILE A 41 3.04 12.57 -4.55
N VAL A 42 3.16 11.80 -5.63
CA VAL A 42 3.55 12.34 -6.93
C VAL A 42 2.69 13.51 -7.34
N PHE A 43 1.40 13.31 -7.23
CA PHE A 43 0.41 14.27 -7.63
C PHE A 43 0.09 15.22 -6.49
N ASN A 44 0.57 14.83 -5.31
CA ASN A 44 0.22 15.49 -4.07
C ASN A 44 -1.30 15.61 -3.94
N LYS A 45 -1.94 14.45 -3.98
CA LYS A 45 -3.39 14.35 -3.82
C LYS A 45 -3.77 14.53 -2.36
N ASP A 46 -4.70 13.70 -1.93
CA ASP A 46 -5.11 13.67 -0.54
C ASP A 46 -5.19 12.23 -0.07
N ILE A 47 -4.70 12.00 1.13
CA ILE A 47 -4.85 10.72 1.81
C ILE A 47 -6.31 10.52 2.23
N THR A 48 -6.95 11.65 2.47
CA THR A 48 -8.32 11.69 2.92
C THR A 48 -9.22 11.37 1.75
N SER A 49 -8.63 11.49 0.59
CA SER A 49 -9.31 11.28 -0.65
C SER A 49 -9.31 9.79 -1.00
N CYS A 50 -10.26 9.09 -0.40
CA CYS A 50 -10.48 7.68 -0.60
C CYS A 50 -11.70 7.26 0.18
N GLY A 51 -11.91 5.96 0.25
CA GLY A 51 -13.04 5.42 0.95
C GLY A 51 -12.63 4.66 2.18
N ARG A 52 -13.58 3.92 2.73
CA ARG A 52 -13.42 3.28 4.02
C ARG A 52 -12.38 2.17 3.96
N LEU A 53 -12.49 1.40 2.91
CA LEU A 53 -11.64 0.26 2.67
C LEU A 53 -10.17 0.68 2.78
N TYR A 54 -9.84 1.79 2.14
CA TYR A 54 -8.46 2.27 2.05
C TYR A 54 -7.91 2.74 3.38
N LYS A 55 -8.77 3.27 4.23
CA LYS A 55 -8.33 3.82 5.51
C LYS A 55 -7.75 2.70 6.35
N GLU A 56 -8.33 1.53 6.18
CA GLU A 56 -7.94 0.36 6.95
C GLU A 56 -6.59 -0.16 6.49
N LEU A 57 -6.34 -0.08 5.20
CA LEU A 57 -5.04 -0.40 4.64
C LEU A 57 -3.96 0.50 5.24
N MET A 58 -4.31 1.76 5.45
CA MET A 58 -3.40 2.73 6.08
C MET A 58 -2.96 2.22 7.43
N LYS A 59 -3.87 1.52 8.08
CA LYS A 59 -3.62 0.98 9.40
C LYS A 59 -2.62 -0.18 9.35
N PHE A 60 -2.37 -0.67 8.14
CA PHE A 60 -1.37 -1.71 7.93
C PHE A 60 0.01 -1.08 7.83
N ASP A 61 0.01 0.22 7.65
CA ASP A 61 1.23 0.99 7.69
C ASP A 61 1.75 0.95 9.11
N ASP A 62 0.77 1.03 9.98
CA ASP A 62 0.96 1.12 11.42
C ASP A 62 1.32 -0.23 11.99
N VAL A 63 0.63 -1.22 11.48
CA VAL A 63 0.83 -2.60 11.88
C VAL A 63 2.26 -3.03 11.54
N ALA A 64 2.74 -2.46 10.46
CA ALA A 64 4.13 -2.64 10.03
C ALA A 64 5.09 -1.88 10.93
N ILE A 65 4.75 -0.63 11.25
CA ILE A 65 5.50 0.15 12.23
C ILE A 65 5.57 -0.59 13.56
N ARG A 66 4.48 -1.28 13.87
CA ARG A 66 4.39 -2.12 15.04
C ARG A 66 5.32 -3.31 14.92
N TYR A 67 5.30 -3.92 13.74
CA TYR A 67 6.01 -5.16 13.53
C TYR A 67 7.48 -4.93 13.23
N TYR A 68 7.73 -4.38 12.07
CA TYR A 68 9.09 -4.14 11.60
C TYR A 68 9.72 -3.02 12.41
N GLY A 69 8.94 -1.98 12.64
CA GLY A 69 9.40 -0.89 13.44
C GLY A 69 9.71 0.33 12.61
N ILE A 70 9.37 1.47 13.15
CA ILE A 70 9.49 2.72 12.42
C ILE A 70 10.94 2.94 11.97
N ASP A 71 11.89 2.70 12.88
CA ASP A 71 13.31 2.87 12.61
C ASP A 71 13.75 2.02 11.44
N LYS A 72 13.44 0.74 11.50
CA LYS A 72 13.80 -0.18 10.43
C LYS A 72 13.10 0.21 9.15
N ILE A 73 11.83 0.53 9.26
CA ILE A 73 11.05 0.97 8.11
C ILE A 73 11.71 2.17 7.44
N ASN A 74 12.09 3.14 8.27
CA ASN A 74 12.81 4.33 7.81
C ASN A 74 14.05 3.93 7.00
N GLU A 75 14.83 3.02 7.56
CA GLU A 75 16.04 2.56 6.90
C GLU A 75 15.71 1.80 5.63
N ILE A 76 14.65 1.00 5.73
CA ILE A 76 14.24 0.13 4.67
C ILE A 76 13.64 0.88 3.49
N VAL A 77 12.65 1.74 3.76
CA VAL A 77 11.98 2.49 2.70
C VAL A 77 12.97 3.20 1.81
N GLU A 78 13.82 3.94 2.45
CA GLU A 78 14.86 4.71 1.78
C GLU A 78 15.82 3.82 0.99
N ALA A 79 16.05 2.62 1.49
CA ALA A 79 16.86 1.63 0.77
C ALA A 79 16.21 1.27 -0.57
N MET A 80 14.92 0.89 -0.50
CA MET A 80 14.13 0.58 -1.71
C MET A 80 14.30 1.67 -2.76
N SER A 81 14.49 2.88 -2.30
CA SER A 81 14.54 4.02 -3.19
C SER A 81 15.79 3.99 -4.07
N GLU A 82 16.79 3.25 -3.62
CA GLU A 82 18.04 3.10 -4.35
C GLU A 82 17.98 1.87 -5.27
N GLY A 83 16.82 1.21 -5.27
CA GLY A 83 16.64 0.02 -6.08
C GLY A 83 17.34 -1.21 -5.52
N ASP A 84 17.48 -1.26 -4.20
CA ASP A 84 18.14 -2.39 -3.55
C ASP A 84 17.77 -2.46 -2.07
N HIS A 85 17.29 -3.62 -1.63
CA HIS A 85 16.98 -3.82 -0.21
C HIS A 85 18.07 -4.69 0.42
N TYR A 86 18.10 -4.73 1.75
CA TYR A 86 19.20 -5.39 2.44
C TYR A 86 18.73 -6.43 3.45
N ILE A 87 17.44 -6.78 3.40
CA ILE A 87 16.86 -7.79 4.29
C ILE A 87 15.55 -8.32 3.74
N ASN A 88 15.17 -9.51 4.18
CA ASN A 88 13.89 -10.09 3.77
C ASN A 88 12.94 -10.13 4.96
N PHE A 89 11.68 -9.80 4.69
CA PHE A 89 10.68 -9.64 5.75
C PHE A 89 9.99 -10.95 6.09
N THR A 90 9.13 -10.89 7.09
CA THR A 90 8.38 -12.05 7.57
C THR A 90 7.17 -12.34 6.70
N LYS A 91 6.71 -13.58 6.71
CA LYS A 91 5.61 -14.01 5.86
C LYS A 91 4.73 -15.01 6.61
N VAL A 92 5.22 -16.24 6.70
CA VAL A 92 4.49 -17.33 7.33
C VAL A 92 4.64 -17.33 8.85
N HIS A 93 4.30 -16.21 9.46
CA HIS A 93 4.47 -16.03 10.90
C HIS A 93 3.13 -15.73 11.56
N ASP A 94 2.64 -14.52 11.38
CA ASP A 94 1.34 -14.13 11.94
C ASP A 94 0.59 -13.24 10.97
N GLN A 95 -0.74 -13.30 11.03
CA GLN A 95 -1.61 -12.47 10.21
C GLN A 95 -1.23 -10.99 10.34
N GLU A 96 -0.74 -10.62 11.51
CA GLU A 96 -0.27 -9.27 11.74
C GLU A 96 0.80 -8.88 10.73
N SER A 97 1.77 -9.78 10.51
CA SER A 97 2.79 -9.57 9.49
C SER A 97 2.18 -9.57 8.09
N LEU A 98 1.15 -10.38 7.89
CA LEU A 98 0.48 -10.43 6.59
C LEU A 98 -0.01 -9.04 6.21
N PHE A 99 -0.56 -8.31 7.17
CA PHE A 99 -0.94 -6.93 6.99
C PHE A 99 0.27 -6.01 6.95
N ALA A 100 1.25 -6.30 7.80
CA ALA A 100 2.43 -5.45 7.96
C ALA A 100 3.15 -5.24 6.63
N THR A 101 3.25 -6.31 5.85
CA THR A 101 3.95 -6.25 4.59
C THR A 101 3.24 -5.35 3.58
N ILE A 102 1.94 -5.13 3.77
CA ILE A 102 1.24 -4.19 2.91
C ILE A 102 1.65 -2.76 3.26
N GLY A 103 1.57 -2.39 4.54
CA GLY A 103 1.90 -1.04 4.94
C GLY A 103 3.35 -0.69 4.74
N ILE A 104 4.22 -1.63 5.02
CA ILE A 104 5.64 -1.43 4.77
C ILE A 104 5.87 -1.16 3.29
N CYS A 105 5.11 -1.84 2.43
CA CYS A 105 5.24 -1.65 1.01
C CYS A 105 4.64 -0.31 0.64
N ALA A 106 3.65 0.13 1.43
CA ALA A 106 2.94 1.36 1.17
C ALA A 106 3.83 2.56 1.48
N LYS A 107 4.62 2.44 2.55
CA LYS A 107 5.53 3.50 2.96
C LYS A 107 6.66 3.63 1.96
N ILE A 108 7.00 2.52 1.35
CA ILE A 108 8.05 2.47 0.36
C ILE A 108 7.61 3.15 -0.93
N THR A 109 6.45 2.76 -1.42
CA THR A 109 5.94 3.28 -2.69
C THR A 109 5.66 4.79 -2.63
N GLU A 110 5.20 5.29 -1.48
CA GLU A 110 4.86 6.70 -1.36
C GLU A 110 6.09 7.59 -1.42
N HIS A 111 7.19 7.15 -0.81
CA HIS A 111 8.41 7.96 -0.71
C HIS A 111 8.91 8.37 -2.10
N TRP A 112 8.64 7.51 -3.07
CA TRP A 112 9.14 7.68 -4.43
C TRP A 112 8.44 8.82 -5.20
N GLY A 113 7.27 9.24 -4.74
CA GLY A 113 6.44 10.14 -5.51
C GLY A 113 6.98 11.56 -5.59
N TYR A 114 7.43 12.10 -4.47
CA TYR A 114 7.78 13.54 -4.38
C TYR A 114 8.85 13.92 -5.40
N LYS A 115 10.01 13.27 -5.32
CA LYS A 115 11.10 13.60 -6.22
C LYS A 115 11.38 12.50 -7.25
N LYS A 116 10.36 11.66 -7.49
CA LYS A 116 10.39 10.66 -8.55
C LYS A 116 11.54 9.66 -8.37
N ILE A 117 11.44 8.83 -7.35
CA ILE A 117 12.49 7.88 -7.04
C ILE A 117 12.11 6.48 -7.47
N SER A 118 13.13 5.65 -7.70
CA SER A 118 12.95 4.24 -8.01
C SER A 118 12.00 4.02 -9.21
N GLU A 119 12.57 4.01 -10.40
CA GLU A 119 11.79 3.84 -11.62
C GLU A 119 11.52 2.36 -11.90
N SER A 120 11.86 1.52 -10.93
CA SER A 120 11.70 0.08 -11.09
C SER A 120 10.42 -0.42 -10.41
N ARG A 121 9.51 0.49 -10.09
CA ARG A 121 8.30 0.14 -9.34
C ARG A 121 7.23 -0.47 -10.26
N PHE A 122 7.67 -1.29 -11.19
CA PHE A 122 6.75 -2.03 -12.05
C PHE A 122 6.87 -3.51 -11.74
N GLN A 123 7.01 -3.81 -10.46
CA GLN A 123 7.21 -5.16 -9.97
C GLN A 123 6.05 -6.07 -10.32
N SER A 124 4.86 -5.77 -9.79
CA SER A 124 3.70 -6.58 -10.04
C SER A 124 2.43 -5.74 -9.93
N LEU A 125 1.63 -5.75 -10.98
CA LEU A 125 0.39 -5.00 -11.01
C LEU A 125 -0.78 -5.92 -10.66
N GLY A 126 -0.74 -6.48 -9.46
CA GLY A 126 -1.76 -7.43 -9.04
C GLY A 126 -1.82 -7.54 -7.53
N ASN A 127 -2.42 -8.61 -7.04
CA ASN A 127 -2.56 -8.80 -5.59
C ASN A 127 -1.28 -9.37 -4.99
N ILE A 128 -0.73 -10.40 -5.64
CA ILE A 128 0.50 -11.02 -5.17
C ILE A 128 1.69 -10.19 -5.56
N THR A 129 1.89 -9.05 -4.93
CA THR A 129 3.03 -8.23 -5.27
C THR A 129 4.31 -8.82 -4.71
N ASP A 130 4.48 -8.76 -3.40
CA ASP A 130 5.51 -9.55 -2.74
C ASP A 130 4.95 -10.83 -2.12
N LEU A 131 4.20 -10.64 -1.02
CA LEU A 131 3.79 -11.76 -0.19
C LEU A 131 2.35 -12.23 -0.40
N MET A 132 1.41 -11.30 -0.59
CA MET A 132 0.00 -11.59 -0.30
C MET A 132 -0.69 -12.32 -1.45
N THR A 133 -1.84 -12.92 -1.15
CA THR A 133 -2.49 -13.83 -2.06
C THR A 133 -3.99 -13.68 -2.01
N ASP A 134 -4.66 -14.25 -2.99
CA ASP A 134 -6.13 -14.34 -3.01
C ASP A 134 -6.67 -14.91 -1.70
N ASP A 135 -5.86 -15.72 -1.03
CA ASP A 135 -6.25 -16.31 0.23
C ASP A 135 -6.29 -15.21 1.29
N ASN A 136 -5.42 -14.25 1.10
CA ASN A 136 -5.23 -13.16 2.06
C ASN A 136 -6.35 -12.17 1.86
N ILE A 137 -6.84 -12.12 0.62
CA ILE A 137 -7.97 -11.30 0.22
C ILE A 137 -9.15 -11.59 1.12
N ASN A 138 -9.32 -12.86 1.45
CA ASN A 138 -10.39 -13.30 2.30
C ASN A 138 -10.19 -12.77 3.71
N ILE A 139 -8.96 -12.81 4.17
CA ILE A 139 -8.61 -12.27 5.47
C ILE A 139 -8.92 -10.80 5.49
N LEU A 140 -8.59 -10.16 4.39
CA LEU A 140 -8.71 -8.76 4.22
C LEU A 140 -10.17 -8.34 4.28
N ILE A 141 -11.01 -8.98 3.47
CA ILE A 141 -12.44 -8.73 3.49
C ILE A 141 -12.97 -8.83 4.91
N LEU A 142 -12.50 -9.84 5.60
CA LEU A 142 -12.95 -10.14 6.93
C LEU A 142 -12.56 -9.07 7.92
N PHE A 143 -11.29 -8.69 7.90
CA PHE A 143 -10.79 -7.64 8.76
C PHE A 143 -11.56 -6.36 8.55
N LEU A 144 -11.70 -6.05 7.30
CA LEU A 144 -12.37 -4.84 6.88
C LEU A 144 -13.83 -4.88 7.25
N GLU A 145 -14.44 -6.05 7.05
CA GLU A 145 -15.88 -6.25 7.32
C GLU A 145 -16.29 -5.84 8.71
N LYS A 146 -15.33 -5.88 9.59
CA LYS A 146 -15.52 -5.35 10.94
C LYS A 146 -16.12 -3.95 10.89
N LYS A 147 -15.71 -3.16 9.91
CA LYS A 147 -16.24 -1.82 9.76
C LYS A 147 -16.85 -1.64 8.38
N LEU A 148 -16.59 -2.63 7.56
CA LEU A 148 -17.07 -2.72 6.19
C LEU A 148 -18.26 -3.67 6.10
N ASN A 149 -18.79 -3.82 4.89
CA ASN A 149 -20.01 -4.58 4.64
C ASN A 149 -21.23 -3.82 5.14
N MET A 1 -11.01 20.05 -17.57
CA MET A 1 -10.62 19.23 -18.74
C MET A 1 -9.11 19.36 -19.00
N ALA A 2 -8.61 20.59 -18.96
CA ALA A 2 -7.20 20.84 -19.21
C ALA A 2 -6.47 21.20 -17.93
N THR A 3 -7.20 21.75 -16.96
CA THR A 3 -6.62 22.10 -15.68
C THR A 3 -6.49 20.84 -14.82
N LYS A 4 -5.37 20.15 -14.96
CA LYS A 4 -5.18 18.87 -14.32
C LYS A 4 -4.48 19.02 -12.97
N LEU A 5 -5.18 18.61 -11.91
CA LEU A 5 -4.63 18.63 -10.57
C LEU A 5 -5.53 17.84 -9.62
N ASP A 6 -5.04 16.67 -9.21
CA ASP A 6 -5.69 15.83 -8.18
C ASP A 6 -6.89 15.05 -8.73
N TYR A 7 -6.96 13.77 -8.34
CA TYR A 7 -8.04 12.86 -8.73
C TYR A 7 -8.09 12.69 -10.25
N GLU A 8 -6.92 12.77 -10.87
CA GLU A 8 -6.81 12.68 -12.33
C GLU A 8 -6.67 11.24 -12.77
N ASP A 9 -5.47 10.70 -12.60
CA ASP A 9 -5.17 9.33 -12.91
C ASP A 9 -5.61 8.43 -11.78
N ALA A 10 -6.66 8.86 -11.09
CA ALA A 10 -7.35 8.04 -10.12
C ALA A 10 -8.00 6.85 -10.79
N VAL A 11 -7.13 5.98 -11.17
CA VAL A 11 -7.42 4.73 -11.83
C VAL A 11 -8.26 3.81 -10.95
N PHE A 12 -7.87 3.73 -9.68
CA PHE A 12 -8.56 2.94 -8.71
C PHE A 12 -10.05 3.23 -8.67
N TYR A 13 -10.82 2.17 -8.54
CA TYR A 13 -12.27 2.27 -8.49
C TYR A 13 -12.76 2.00 -7.08
N PHE A 14 -12.16 0.99 -6.46
CA PHE A 14 -12.54 0.58 -5.13
C PHE A 14 -11.84 1.46 -4.11
N VAL A 15 -11.02 2.39 -4.60
CA VAL A 15 -10.49 3.45 -3.77
C VAL A 15 -11.59 4.03 -2.87
N ASP A 16 -12.59 4.60 -3.49
CA ASP A 16 -13.65 5.30 -2.79
C ASP A 16 -14.87 4.40 -2.67
N ASP A 17 -14.63 3.10 -2.81
CA ASP A 17 -15.68 2.10 -2.75
C ASP A 17 -16.50 2.25 -1.48
N ASP A 18 -15.80 2.61 -0.42
CA ASP A 18 -16.40 2.94 0.87
C ASP A 18 -16.89 1.69 1.61
N LYS A 19 -17.12 0.64 0.85
CA LYS A 19 -17.65 -0.57 1.36
C LYS A 19 -16.73 -1.75 1.08
N ILE A 20 -17.08 -2.88 1.65
CA ILE A 20 -16.33 -4.11 1.46
C ILE A 20 -16.63 -4.69 0.08
N CYS A 21 -15.60 -5.08 -0.65
CA CYS A 21 -15.75 -5.53 -2.00
C CYS A 21 -15.78 -7.04 -2.09
N SER A 22 -15.69 -7.51 -3.32
CA SER A 22 -15.59 -8.92 -3.62
C SER A 22 -14.21 -9.46 -3.26
N ARG A 23 -14.12 -10.77 -3.14
CA ARG A 23 -12.82 -11.43 -3.04
C ARG A 23 -11.98 -11.06 -4.24
N ASP A 24 -12.65 -11.02 -5.37
CA ASP A 24 -12.01 -10.79 -6.66
C ASP A 24 -11.59 -9.33 -6.80
N SER A 25 -11.98 -8.54 -5.82
CA SER A 25 -11.84 -7.11 -5.90
C SER A 25 -10.71 -6.62 -5.00
N ILE A 26 -10.25 -7.47 -4.10
CA ILE A 26 -9.13 -7.14 -3.23
C ILE A 26 -7.86 -7.55 -3.95
N ILE A 27 -8.08 -8.20 -5.08
CA ILE A 27 -7.05 -8.67 -5.96
C ILE A 27 -6.42 -7.48 -6.68
N ASP A 28 -7.29 -6.72 -7.32
CA ASP A 28 -6.91 -5.53 -8.04
C ASP A 28 -6.55 -4.46 -7.04
N LEU A 29 -7.18 -4.61 -5.89
CA LEU A 29 -7.18 -3.62 -4.85
C LEU A 29 -5.79 -3.35 -4.32
N ILE A 30 -5.05 -4.41 -4.06
CA ILE A 30 -3.72 -4.30 -3.49
C ILE A 30 -2.82 -3.48 -4.40
N ASP A 31 -3.09 -3.52 -5.70
CA ASP A 31 -2.34 -2.71 -6.64
C ASP A 31 -2.80 -1.27 -6.53
N GLU A 32 -4.12 -1.08 -6.43
CA GLU A 32 -4.71 0.26 -6.33
C GLU A 32 -4.19 1.02 -5.12
N TYR A 33 -4.26 0.39 -3.94
CA TYR A 33 -3.86 1.06 -2.70
C TYR A 33 -2.40 1.45 -2.73
N ILE A 34 -1.55 0.46 -2.95
CA ILE A 34 -0.11 0.70 -3.06
C ILE A 34 0.19 1.80 -4.09
N THR A 35 -0.52 1.79 -5.21
CA THR A 35 -0.36 2.84 -6.21
C THR A 35 -0.95 4.15 -5.70
N TRP A 36 -2.06 4.06 -4.99
CA TRP A 36 -2.74 5.24 -4.46
C TRP A 36 -1.91 5.93 -3.40
N ARG A 37 -1.22 5.15 -2.58
CA ARG A 37 -0.30 5.70 -1.58
C ARG A 37 0.78 6.50 -2.29
N ASN A 38 0.99 6.19 -3.55
CA ASN A 38 1.96 6.89 -4.35
C ASN A 38 1.28 8.12 -4.96
N HIS A 39 0.04 7.91 -5.43
CA HIS A 39 -0.76 8.96 -6.06
C HIS A 39 -0.91 10.21 -5.19
N VAL A 40 -0.94 10.02 -3.88
CA VAL A 40 -1.10 11.14 -2.95
C VAL A 40 0.15 12.00 -2.94
N ILE A 41 1.22 11.39 -3.38
CA ILE A 41 2.54 11.98 -3.32
C ILE A 41 2.92 12.66 -4.63
N VAL A 42 2.98 11.87 -5.67
CA VAL A 42 3.35 12.35 -7.02
C VAL A 42 2.52 13.56 -7.42
N PHE A 43 1.22 13.40 -7.32
CA PHE A 43 0.27 14.39 -7.72
C PHE A 43 0.01 15.33 -6.58
N ASN A 44 0.53 14.95 -5.43
CA ASN A 44 0.26 15.62 -4.18
C ASN A 44 -1.24 15.69 -3.94
N LYS A 45 -1.88 14.53 -4.10
CA LYS A 45 -3.27 14.36 -3.82
C LYS A 45 -3.55 14.50 -2.34
N ASP A 46 -4.73 14.10 -1.99
CA ASP A 46 -5.15 14.08 -0.59
C ASP A 46 -5.14 12.66 -0.08
N ILE A 47 -4.69 12.53 1.14
CA ILE A 47 -4.75 11.25 1.84
C ILE A 47 -6.18 10.94 2.22
N THR A 48 -6.96 11.98 2.40
CA THR A 48 -8.33 11.85 2.83
C THR A 48 -9.19 11.60 1.61
N SER A 49 -8.58 11.82 0.47
CA SER A 49 -9.24 11.61 -0.81
C SER A 49 -9.33 10.11 -1.14
N CYS A 50 -10.34 9.45 -0.56
CA CYS A 50 -10.65 8.07 -0.83
C CYS A 50 -11.79 7.62 0.10
N GLY A 51 -12.11 6.35 0.07
CA GLY A 51 -13.29 5.81 0.75
C GLY A 51 -13.07 5.39 2.19
N ARG A 52 -13.78 4.37 2.59
CA ARG A 52 -13.59 3.71 3.87
C ARG A 52 -12.49 2.67 3.80
N LEU A 53 -12.54 1.89 2.73
CA LEU A 53 -11.72 0.70 2.57
C LEU A 53 -10.23 0.96 2.85
N TYR A 54 -9.68 2.01 2.27
CA TYR A 54 -8.26 2.25 2.30
C TYR A 54 -7.71 2.54 3.68
N LYS A 55 -8.49 3.25 4.43
CA LYS A 55 -8.15 3.62 5.81
C LYS A 55 -7.60 2.44 6.59
N GLU A 56 -8.18 1.29 6.38
CA GLU A 56 -7.81 0.12 7.16
C GLU A 56 -6.46 -0.40 6.71
N LEU A 57 -6.20 -0.28 5.43
CA LEU A 57 -4.90 -0.59 4.87
C LEU A 57 -3.81 0.27 5.52
N MET A 58 -4.14 1.53 5.81
CA MET A 58 -3.20 2.42 6.49
C MET A 58 -2.77 1.81 7.80
N LYS A 59 -3.65 1.07 8.40
CA LYS A 59 -3.40 0.47 9.69
C LYS A 59 -2.46 -0.71 9.57
N PHE A 60 -2.19 -1.11 8.33
CA PHE A 60 -1.19 -2.13 8.04
C PHE A 60 0.17 -1.47 7.92
N ASP A 61 0.13 -0.17 7.74
CA ASP A 61 1.34 0.64 7.74
C ASP A 61 1.85 0.65 9.15
N ASP A 62 0.89 0.71 10.04
CA ASP A 62 1.10 0.85 11.46
C ASP A 62 1.48 -0.49 12.06
N VAL A 63 0.83 -1.51 11.57
CA VAL A 63 1.06 -2.86 12.00
C VAL A 63 2.49 -3.27 11.68
N ALA A 64 2.97 -2.72 10.58
CA ALA A 64 4.35 -2.90 10.16
C ALA A 64 5.29 -2.07 11.03
N ILE A 65 4.91 -0.83 11.32
CA ILE A 65 5.64 0.00 12.28
C ILE A 65 5.71 -0.69 13.62
N ARG A 66 4.63 -1.39 13.95
CA ARG A 66 4.52 -2.15 15.16
C ARG A 66 5.44 -3.37 15.11
N TYR A 67 5.52 -3.95 13.92
CA TYR A 67 6.21 -5.21 13.73
C TYR A 67 7.68 -4.99 13.41
N TYR A 68 7.93 -4.53 12.20
CA TYR A 68 9.29 -4.32 11.73
C TYR A 68 9.93 -3.19 12.51
N GLY A 69 9.14 -2.16 12.74
CA GLY A 69 9.57 -1.07 13.55
C GLY A 69 9.80 0.17 12.75
N ILE A 70 9.45 1.28 13.35
CA ILE A 70 9.55 2.57 12.67
C ILE A 70 10.98 2.79 12.21
N ASP A 71 11.94 2.50 13.09
CA ASP A 71 13.36 2.64 12.78
C ASP A 71 13.73 1.84 11.56
N LYS A 72 13.39 0.57 11.60
CA LYS A 72 13.73 -0.32 10.51
C LYS A 72 13.07 0.13 9.24
N ILE A 73 11.82 0.50 9.34
CA ILE A 73 11.07 0.97 8.20
C ILE A 73 11.74 2.21 7.60
N ASN A 74 12.10 3.14 8.47
CA ASN A 74 12.81 4.35 8.07
C ASN A 74 14.07 3.99 7.28
N GLU A 75 14.84 3.06 7.81
CA GLU A 75 16.10 2.65 7.20
C GLU A 75 15.83 1.87 5.93
N ILE A 76 14.77 1.09 5.94
CA ILE A 76 14.37 0.28 4.83
C ILE A 76 13.85 1.13 3.65
N VAL A 77 12.89 1.99 3.94
CA VAL A 77 12.27 2.81 2.89
C VAL A 77 13.30 3.59 2.10
N GLU A 78 14.13 4.28 2.83
CA GLU A 78 15.24 5.04 2.25
C GLU A 78 16.15 4.18 1.40
N ALA A 79 16.42 2.97 1.86
CA ALA A 79 17.24 2.02 1.11
C ALA A 79 16.61 1.72 -0.24
N MET A 80 15.32 1.37 -0.23
CA MET A 80 14.55 1.15 -1.48
C MET A 80 14.76 2.30 -2.44
N SER A 81 14.96 3.48 -1.89
CA SER A 81 14.99 4.68 -2.70
C SER A 81 16.33 4.80 -3.45
N GLU A 82 17.27 3.93 -3.09
CA GLU A 82 18.57 3.89 -3.75
C GLU A 82 18.61 2.71 -4.70
N GLY A 83 17.54 1.93 -4.74
CA GLY A 83 17.46 0.77 -5.61
C GLY A 83 18.14 -0.45 -5.01
N ASP A 84 18.54 -0.35 -3.75
CA ASP A 84 19.23 -1.44 -3.07
C ASP A 84 18.68 -1.63 -1.66
N HIS A 85 18.29 -2.85 -1.34
CA HIS A 85 17.69 -3.13 -0.04
C HIS A 85 18.34 -4.33 0.65
N TYR A 86 17.83 -4.63 1.83
CA TYR A 86 18.32 -5.72 2.64
C TYR A 86 17.16 -6.34 3.44
N ILE A 87 16.29 -7.05 2.74
CA ILE A 87 15.05 -7.52 3.34
C ILE A 87 15.17 -8.95 3.86
N ASN A 88 14.71 -9.15 5.09
CA ASN A 88 14.68 -10.47 5.71
C ASN A 88 13.32 -11.10 5.48
N PHE A 89 13.13 -12.32 5.96
CA PHE A 89 11.87 -13.02 5.77
C PHE A 89 11.08 -13.04 7.07
N THR A 90 9.76 -13.10 6.95
CA THR A 90 8.88 -13.21 8.09
C THR A 90 8.88 -14.64 8.63
N LYS A 91 9.64 -14.84 9.71
CA LYS A 91 9.78 -16.13 10.35
C LYS A 91 8.42 -16.69 10.72
N VAL A 92 7.72 -15.97 11.56
CA VAL A 92 6.37 -16.31 11.96
C VAL A 92 5.36 -15.78 10.94
N HIS A 93 4.72 -16.71 10.23
CA HIS A 93 3.79 -16.41 9.15
C HIS A 93 2.42 -16.00 9.68
N ASP A 94 2.41 -15.05 10.61
CA ASP A 94 1.18 -14.61 11.24
C ASP A 94 0.46 -13.56 10.41
N GLN A 95 -0.86 -13.47 10.57
CA GLN A 95 -1.65 -12.42 9.93
C GLN A 95 -1.05 -11.04 10.19
N GLU A 96 -0.56 -10.83 11.40
CA GLU A 96 0.05 -9.57 11.77
C GLU A 96 1.27 -9.28 10.90
N SER A 97 2.01 -10.32 10.53
CA SER A 97 3.13 -10.23 9.65
C SER A 97 2.64 -9.99 8.23
N LEU A 98 1.51 -10.64 7.90
CA LEU A 98 0.91 -10.53 6.58
C LEU A 98 0.51 -9.09 6.29
N PHE A 99 -0.22 -8.48 7.20
CA PHE A 99 -0.61 -7.10 7.07
C PHE A 99 0.60 -6.19 7.07
N ALA A 100 1.58 -6.55 7.89
CA ALA A 100 2.81 -5.79 8.01
C ALA A 100 3.50 -5.69 6.65
N THR A 101 3.34 -6.73 5.82
CA THR A 101 3.97 -6.76 4.52
C THR A 101 3.39 -5.68 3.61
N ILE A 102 2.11 -5.37 3.78
CA ILE A 102 1.46 -4.37 2.97
C ILE A 102 1.95 -2.98 3.35
N GLY A 103 1.88 -2.63 4.64
CA GLY A 103 2.25 -1.29 5.08
C GLY A 103 3.72 -0.98 4.87
N ILE A 104 4.58 -1.95 5.13
CA ILE A 104 6.00 -1.76 4.92
C ILE A 104 6.27 -1.42 3.47
N CYS A 105 5.52 -2.05 2.58
CA CYS A 105 5.61 -1.78 1.17
C CYS A 105 5.00 -0.42 0.85
N ALA A 106 4.00 -0.01 1.63
CA ALA A 106 3.27 1.22 1.39
C ALA A 106 4.15 2.43 1.68
N LYS A 107 4.94 2.32 2.75
CA LYS A 107 5.82 3.40 3.16
C LYS A 107 6.83 3.72 2.06
N ILE A 108 7.16 2.68 1.32
CA ILE A 108 8.12 2.77 0.24
C ILE A 108 7.51 3.42 -1.00
N THR A 109 6.35 2.90 -1.42
CA THR A 109 5.70 3.39 -2.63
C THR A 109 5.34 4.87 -2.53
N GLU A 110 4.89 5.32 -1.35
CA GLU A 110 4.50 6.70 -1.19
C GLU A 110 5.70 7.64 -1.20
N HIS A 111 6.79 7.20 -0.59
CA HIS A 111 8.00 8.00 -0.48
C HIS A 111 8.53 8.37 -1.87
N TRP A 112 8.24 7.51 -2.85
CA TRP A 112 8.80 7.64 -4.18
C TRP A 112 8.12 8.73 -5.01
N GLY A 113 6.90 9.11 -4.64
CA GLY A 113 6.09 9.97 -5.48
C GLY A 113 6.67 11.35 -5.71
N TYR A 114 7.23 11.96 -4.66
CA TYR A 114 7.62 13.37 -4.72
C TYR A 114 8.56 13.66 -5.89
N LYS A 115 9.69 12.97 -5.96
CA LYS A 115 10.62 13.19 -7.05
C LYS A 115 10.69 11.98 -7.99
N LYS A 116 9.67 11.12 -7.91
CA LYS A 116 9.60 9.91 -8.75
C LYS A 116 10.80 9.02 -8.48
N ILE A 117 10.93 8.60 -7.24
CA ILE A 117 12.10 7.87 -6.78
C ILE A 117 12.08 6.41 -7.23
N SER A 118 13.27 5.88 -7.41
CA SER A 118 13.52 4.49 -7.76
C SER A 118 14.98 4.38 -8.14
N GLU A 119 15.33 5.03 -9.26
CA GLU A 119 16.71 5.16 -9.71
C GLU A 119 17.44 3.82 -9.60
N SER A 120 16.73 2.76 -9.95
CA SER A 120 17.22 1.41 -9.78
C SER A 120 17.85 0.89 -11.07
N ARG A 121 19.16 0.66 -11.02
CA ARG A 121 19.87 0.05 -12.14
C ARG A 121 19.40 -1.38 -12.34
N PHE A 122 19.09 -2.05 -11.24
CA PHE A 122 18.52 -3.38 -11.27
C PHE A 122 17.13 -3.32 -10.65
N GLN A 123 16.11 -3.35 -11.50
CA GLN A 123 14.73 -3.16 -11.07
C GLN A 123 14.24 -4.34 -10.22
N SER A 124 14.10 -4.12 -8.93
CA SER A 124 13.54 -5.14 -8.05
C SER A 124 12.01 -5.01 -8.03
N LEU A 125 11.39 -5.31 -9.15
CA LEU A 125 9.95 -5.20 -9.28
C LEU A 125 9.39 -6.33 -10.11
N GLY A 126 8.09 -6.28 -10.36
CA GLY A 126 7.43 -7.29 -11.16
C GLY A 126 6.03 -7.56 -10.67
N ASN A 127 5.92 -8.18 -9.51
CA ASN A 127 4.62 -8.56 -8.96
C ASN A 127 4.38 -7.86 -7.63
N ILE A 128 3.27 -7.13 -7.55
CA ILE A 128 2.92 -6.40 -6.33
C ILE A 128 1.91 -7.19 -5.50
N THR A 129 0.88 -7.71 -6.17
CA THR A 129 -0.15 -8.52 -5.51
C THR A 129 0.43 -9.78 -4.88
N ASP A 130 1.55 -10.25 -5.42
CA ASP A 130 2.21 -11.47 -4.93
C ASP A 130 2.82 -11.28 -3.54
N LEU A 131 2.73 -10.07 -3.00
CA LEU A 131 3.20 -9.79 -1.66
C LEU A 131 2.17 -10.33 -0.65
N MET A 132 1.00 -10.66 -1.18
CA MET A 132 -0.08 -11.26 -0.44
C MET A 132 -0.77 -12.28 -1.33
N THR A 133 -1.92 -12.80 -0.93
CA THR A 133 -2.54 -13.90 -1.65
C THR A 133 -4.04 -13.72 -1.74
N ASP A 134 -4.64 -14.34 -2.76
CA ASP A 134 -6.10 -14.50 -2.83
C ASP A 134 -6.64 -15.03 -1.50
N ASP A 135 -5.83 -15.83 -0.85
CA ASP A 135 -6.18 -16.39 0.43
C ASP A 135 -6.24 -15.28 1.46
N ASN A 136 -5.38 -14.30 1.25
CA ASN A 136 -5.20 -13.19 2.17
C ASN A 136 -6.33 -12.20 1.95
N ILE A 137 -6.83 -12.20 0.71
CA ILE A 137 -7.95 -11.37 0.32
C ILE A 137 -9.14 -11.65 1.20
N ASN A 138 -9.31 -12.92 1.53
CA ASN A 138 -10.39 -13.34 2.38
C ASN A 138 -10.21 -12.79 3.77
N ILE A 139 -8.98 -12.84 4.25
CA ILE A 139 -8.65 -12.29 5.55
C ILE A 139 -8.93 -10.80 5.54
N LEU A 140 -8.54 -10.17 4.45
CA LEU A 140 -8.65 -8.77 4.25
C LEU A 140 -10.10 -8.32 4.28
N ILE A 141 -10.93 -8.95 3.46
CA ILE A 141 -12.37 -8.68 3.46
C ILE A 141 -12.91 -8.77 4.87
N LEU A 142 -12.46 -9.79 5.57
CA LEU A 142 -12.94 -10.09 6.90
C LEU A 142 -12.52 -9.03 7.90
N PHE A 143 -11.25 -8.68 7.87
CA PHE A 143 -10.70 -7.66 8.73
C PHE A 143 -11.43 -6.35 8.53
N LEU A 144 -11.58 -6.01 7.28
CA LEU A 144 -12.23 -4.80 6.89
C LEU A 144 -13.69 -4.83 7.28
N GLU A 145 -14.32 -5.97 7.07
CA GLU A 145 -15.75 -6.17 7.31
C GLU A 145 -16.17 -5.78 8.71
N LYS A 146 -15.22 -5.83 9.60
CA LYS A 146 -15.41 -5.30 10.93
C LYS A 146 -15.99 -3.90 10.89
N LYS A 147 -15.52 -3.07 9.97
CA LYS A 147 -16.03 -1.72 9.83
C LYS A 147 -16.73 -1.58 8.49
N LEU A 148 -16.27 -2.37 7.57
CA LEU A 148 -16.78 -2.46 6.22
C LEU A 148 -17.97 -3.42 6.19
N ASN A 149 -18.59 -3.55 5.02
CA ASN A 149 -19.88 -4.22 4.89
C ASN A 149 -20.92 -3.54 5.78
N MET A 1 -9.46 27.68 -2.67
CA MET A 1 -8.14 28.15 -2.19
C MET A 1 -7.20 26.95 -2.04
N ALA A 2 -6.26 26.85 -2.97
CA ALA A 2 -5.30 25.74 -3.02
C ALA A 2 -5.99 24.41 -3.34
N THR A 3 -5.18 23.41 -3.66
CA THR A 3 -5.70 22.08 -4.01
C THR A 3 -6.63 22.18 -5.22
N LYS A 4 -6.13 22.77 -6.29
CA LYS A 4 -6.90 22.90 -7.51
C LYS A 4 -6.53 21.75 -8.44
N LEU A 5 -5.32 21.25 -8.26
CA LEU A 5 -4.86 20.06 -8.95
C LEU A 5 -4.71 18.93 -7.94
N ASP A 6 -5.71 18.06 -7.87
CA ASP A 6 -5.74 17.03 -6.83
C ASP A 6 -5.67 15.62 -7.42
N TYR A 7 -6.80 14.93 -7.51
CA TYR A 7 -6.83 13.54 -7.95
C TYR A 7 -7.65 13.36 -9.22
N GLU A 8 -7.04 13.71 -10.35
CA GLU A 8 -7.68 13.57 -11.65
C GLU A 8 -7.42 12.18 -12.18
N ASP A 9 -6.16 11.81 -12.11
CA ASP A 9 -5.71 10.49 -12.51
C ASP A 9 -6.03 9.48 -11.43
N ALA A 10 -7.08 9.77 -10.67
CA ALA A 10 -7.68 8.82 -9.77
C ALA A 10 -8.31 7.67 -10.53
N VAL A 11 -7.43 6.82 -10.96
CA VAL A 11 -7.73 5.65 -11.74
C VAL A 11 -8.42 4.56 -10.92
N PHE A 12 -7.96 4.36 -9.69
CA PHE A 12 -8.55 3.42 -8.77
C PHE A 12 -10.05 3.63 -8.61
N TYR A 13 -10.72 2.50 -8.41
CA TYR A 13 -12.17 2.47 -8.32
C TYR A 13 -12.60 2.23 -6.89
N PHE A 14 -11.95 1.25 -6.26
CA PHE A 14 -12.28 0.87 -4.90
C PHE A 14 -11.59 1.80 -3.92
N VAL A 15 -10.78 2.71 -4.46
CA VAL A 15 -10.15 3.76 -3.67
C VAL A 15 -11.11 4.37 -2.65
N ASP A 16 -12.28 4.74 -3.13
CA ASP A 16 -13.30 5.42 -2.35
C ASP A 16 -14.53 4.54 -2.18
N ASP A 17 -14.34 3.24 -2.39
CA ASP A 17 -15.43 2.28 -2.40
C ASP A 17 -16.30 2.37 -1.14
N ASP A 18 -15.64 2.65 -0.02
CA ASP A 18 -16.31 2.84 1.29
C ASP A 18 -16.79 1.50 1.86
N LYS A 19 -17.09 0.58 0.98
CA LYS A 19 -17.66 -0.68 1.34
C LYS A 19 -16.71 -1.81 1.05
N ILE A 20 -17.09 -2.99 1.51
CA ILE A 20 -16.34 -4.20 1.25
C ILE A 20 -16.71 -4.70 -0.14
N CYS A 21 -15.84 -5.47 -0.78
CA CYS A 21 -16.03 -5.81 -2.16
C CYS A 21 -16.05 -7.32 -2.32
N SER A 22 -15.97 -7.76 -3.56
CA SER A 22 -15.79 -9.16 -3.87
C SER A 22 -14.41 -9.63 -3.41
N ARG A 23 -14.29 -10.91 -3.18
CA ARG A 23 -12.98 -11.51 -2.95
C ARG A 23 -12.07 -11.21 -4.12
N ASP A 24 -12.65 -11.23 -5.29
CA ASP A 24 -11.92 -11.04 -6.54
C ASP A 24 -11.59 -9.57 -6.73
N SER A 25 -12.06 -8.77 -5.81
CA SER A 25 -11.97 -7.33 -5.92
C SER A 25 -10.87 -6.76 -5.04
N ILE A 26 -10.32 -7.58 -4.16
CA ILE A 26 -9.20 -7.19 -3.33
C ILE A 26 -7.93 -7.50 -4.11
N ILE A 27 -8.15 -8.16 -5.22
CA ILE A 27 -7.12 -8.58 -6.13
C ILE A 27 -6.55 -7.38 -6.85
N ASP A 28 -7.45 -6.65 -7.49
CA ASP A 28 -7.07 -5.45 -8.20
C ASP A 28 -6.74 -4.40 -7.19
N LEU A 29 -7.50 -4.46 -6.12
CA LEU A 29 -7.43 -3.53 -5.01
C LEU A 29 -6.03 -3.34 -4.47
N ILE A 30 -5.37 -4.44 -4.14
CA ILE A 30 -4.05 -4.38 -3.56
C ILE A 30 -3.08 -3.71 -4.51
N ASP A 31 -3.36 -3.85 -5.79
CA ASP A 31 -2.58 -3.19 -6.81
C ASP A 31 -2.94 -1.71 -6.84
N GLU A 32 -4.25 -1.39 -6.77
CA GLU A 32 -4.71 -0.01 -6.73
C GLU A 32 -4.15 0.75 -5.52
N TYR A 33 -4.27 0.16 -4.34
CA TYR A 33 -3.96 0.87 -3.09
C TYR A 33 -2.51 1.29 -3.05
N ILE A 34 -1.63 0.31 -3.17
CA ILE A 34 -0.20 0.58 -3.24
C ILE A 34 0.12 1.67 -4.26
N THR A 35 -0.54 1.63 -5.42
CA THR A 35 -0.34 2.65 -6.44
C THR A 35 -0.92 4.00 -5.98
N TRP A 36 -2.04 3.94 -5.26
CA TRP A 36 -2.70 5.14 -4.78
C TRP A 36 -1.85 5.85 -3.75
N ARG A 37 -1.21 5.07 -2.88
CA ARG A 37 -0.28 5.62 -1.89
C ARG A 37 0.78 6.47 -2.57
N ASN A 38 1.07 6.14 -3.83
CA ASN A 38 2.08 6.85 -4.57
C ASN A 38 1.45 8.08 -5.21
N HIS A 39 0.27 7.88 -5.78
CA HIS A 39 -0.49 8.95 -6.43
C HIS A 39 -0.72 10.13 -5.50
N VAL A 40 -0.91 9.87 -4.21
CA VAL A 40 -1.08 10.93 -3.22
C VAL A 40 0.15 11.82 -3.17
N ILE A 41 1.28 11.21 -3.47
CA ILE A 41 2.55 11.87 -3.36
C ILE A 41 2.89 12.68 -4.60
N VAL A 42 3.01 11.96 -5.71
CA VAL A 42 3.37 12.56 -7.01
C VAL A 42 2.54 13.80 -7.32
N PHE A 43 1.24 13.63 -7.18
CA PHE A 43 0.27 14.66 -7.52
C PHE A 43 -0.01 15.53 -6.33
N ASN A 44 0.52 15.12 -5.19
CA ASN A 44 0.22 15.75 -3.92
C ASN A 44 -1.28 15.79 -3.69
N LYS A 45 -1.90 14.62 -3.81
CA LYS A 45 -3.32 14.45 -3.58
C LYS A 45 -3.56 14.43 -2.08
N ASP A 46 -4.52 13.65 -1.66
CA ASP A 46 -4.87 13.57 -0.25
C ASP A 46 -5.04 12.13 0.18
N ILE A 47 -4.46 11.81 1.33
CA ILE A 47 -4.51 10.47 1.89
C ILE A 47 -5.84 10.22 2.56
N THR A 48 -6.39 11.28 3.10
CA THR A 48 -7.65 11.22 3.81
C THR A 48 -8.76 11.11 2.80
N SER A 49 -8.39 11.44 1.59
CA SER A 49 -9.32 11.49 0.49
C SER A 49 -9.39 10.16 -0.23
N CYS A 50 -10.17 9.26 0.34
CA CYS A 50 -10.45 7.98 -0.23
C CYS A 50 -11.64 7.38 0.49
N GLY A 51 -11.81 6.10 0.36
CA GLY A 51 -12.91 5.43 0.97
C GLY A 51 -12.50 4.74 2.25
N ARG A 52 -13.43 4.00 2.79
CA ARG A 52 -13.27 3.35 4.07
C ARG A 52 -12.30 2.20 3.98
N LEU A 53 -12.47 1.46 2.91
CA LEU A 53 -11.66 0.31 2.62
C LEU A 53 -10.17 0.65 2.72
N TYR A 54 -9.80 1.80 2.19
CA TYR A 54 -8.41 2.19 2.10
C TYR A 54 -7.85 2.59 3.45
N LYS A 55 -8.64 3.32 4.24
CA LYS A 55 -8.22 3.73 5.58
C LYS A 55 -7.71 2.55 6.39
N GLU A 56 -8.29 1.38 6.16
CA GLU A 56 -7.91 0.20 6.91
C GLU A 56 -6.53 -0.30 6.46
N LEU A 57 -6.29 -0.26 5.17
CA LEU A 57 -4.97 -0.54 4.63
C LEU A 57 -3.92 0.35 5.24
N MET A 58 -4.28 1.61 5.49
CA MET A 58 -3.38 2.57 6.09
C MET A 58 -2.89 2.06 7.44
N LYS A 59 -3.75 1.33 8.11
CA LYS A 59 -3.43 0.81 9.42
C LYS A 59 -2.38 -0.29 9.33
N PHE A 60 -2.20 -0.82 8.13
CA PHE A 60 -1.22 -1.86 7.90
C PHE A 60 0.17 -1.25 7.82
N ASP A 61 0.19 0.06 7.66
CA ASP A 61 1.42 0.82 7.73
C ASP A 61 1.88 0.80 9.17
N ASP A 62 0.89 0.90 10.02
CA ASP A 62 1.06 1.08 11.45
C ASP A 62 1.38 -0.24 12.10
N VAL A 63 0.70 -1.25 11.62
CA VAL A 63 0.91 -2.60 12.08
C VAL A 63 2.35 -3.01 11.78
N ALA A 64 2.84 -2.51 10.68
CA ALA A 64 4.23 -2.68 10.28
C ALA A 64 5.15 -1.82 11.14
N ILE A 65 4.74 -0.58 11.42
CA ILE A 65 5.45 0.28 12.34
C ILE A 65 5.59 -0.37 13.71
N ARG A 66 4.57 -1.11 14.12
CA ARG A 66 4.64 -1.89 15.33
C ARG A 66 5.55 -3.09 15.16
N TYR A 67 5.35 -3.80 14.06
CA TYR A 67 6.05 -5.04 13.79
C TYR A 67 7.51 -4.81 13.50
N TYR A 68 7.78 -4.25 12.35
CA TYR A 68 9.16 -4.04 11.90
C TYR A 68 9.76 -2.85 12.63
N GLY A 69 8.94 -1.83 12.84
CA GLY A 69 9.34 -0.70 13.61
C GLY A 69 9.57 0.51 12.76
N ILE A 70 9.21 1.65 13.31
CA ILE A 70 9.34 2.91 12.60
C ILE A 70 10.79 3.11 12.15
N ASP A 71 11.72 2.81 13.05
CA ASP A 71 13.15 2.92 12.77
C ASP A 71 13.53 2.09 11.57
N LYS A 72 13.18 0.82 11.60
CA LYS A 72 13.53 -0.08 10.53
C LYS A 72 12.85 0.35 9.26
N ILE A 73 11.60 0.68 9.35
CA ILE A 73 10.84 1.12 8.20
C ILE A 73 11.50 2.36 7.57
N ASN A 74 11.85 3.31 8.42
CA ASN A 74 12.52 4.52 7.99
C ASN A 74 13.82 4.20 7.24
N GLU A 75 14.60 3.28 7.78
CA GLU A 75 15.86 2.91 7.18
C GLU A 75 15.62 2.09 5.91
N ILE A 76 14.63 1.22 5.99
CA ILE A 76 14.29 0.34 4.91
C ILE A 76 13.75 1.10 3.70
N VAL A 77 12.75 1.95 3.91
CA VAL A 77 12.16 2.72 2.81
C VAL A 77 13.23 3.45 2.01
N GLU A 78 14.06 4.14 2.74
CA GLU A 78 15.19 4.86 2.20
C GLU A 78 16.15 3.96 1.42
N ALA A 79 16.40 2.77 1.95
CA ALA A 79 17.26 1.80 1.27
C ALA A 79 16.70 1.42 -0.10
N MET A 80 15.42 1.02 -0.13
CA MET A 80 14.72 0.74 -1.40
C MET A 80 14.92 1.88 -2.39
N SER A 81 15.12 3.07 -1.86
CA SER A 81 15.17 4.25 -2.68
C SER A 81 16.55 4.42 -3.31
N GLU A 82 17.53 3.70 -2.75
CA GLU A 82 18.88 3.70 -3.29
C GLU A 82 19.08 2.50 -4.20
N GLY A 83 18.21 1.51 -4.05
CA GLY A 83 18.29 0.31 -4.88
C GLY A 83 19.06 -0.81 -4.19
N ASP A 84 19.22 -0.71 -2.87
CA ASP A 84 19.95 -1.72 -2.11
C ASP A 84 19.24 -1.98 -0.78
N HIS A 85 18.76 -3.20 -0.59
CA HIS A 85 18.00 -3.52 0.60
C HIS A 85 18.41 -4.86 1.19
N TYR A 86 17.67 -5.28 2.22
CA TYR A 86 17.93 -6.53 2.92
C TYR A 86 16.63 -7.11 3.47
N ILE A 87 15.57 -7.05 2.68
CA ILE A 87 14.26 -7.51 3.11
C ILE A 87 14.04 -8.98 2.72
N ASN A 88 13.85 -9.82 3.73
CA ASN A 88 13.59 -11.25 3.52
C ASN A 88 13.23 -11.92 4.84
N PHE A 89 12.34 -12.91 4.77
CA PHE A 89 11.91 -13.70 5.93
C PHE A 89 10.99 -12.91 6.87
N THR A 90 9.81 -13.47 7.12
CA THR A 90 8.88 -12.91 8.09
C THR A 90 9.04 -13.61 9.44
N LYS A 91 9.05 -12.84 10.53
CA LYS A 91 9.35 -13.38 11.86
C LYS A 91 8.46 -14.58 12.19
N VAL A 92 7.22 -14.31 12.55
CA VAL A 92 6.27 -15.36 12.93
C VAL A 92 5.39 -15.76 11.76
N HIS A 93 5.36 -14.91 10.73
CA HIS A 93 4.52 -15.13 9.55
C HIS A 93 3.08 -15.42 9.94
N ASP A 94 2.44 -14.41 10.54
CA ASP A 94 1.04 -14.50 10.94
C ASP A 94 0.26 -13.39 10.26
N GLN A 95 -1.04 -13.29 10.52
CA GLN A 95 -1.86 -12.22 9.95
C GLN A 95 -1.25 -10.86 10.25
N GLU A 96 -0.76 -10.71 11.47
CA GLU A 96 -0.08 -9.49 11.88
C GLU A 96 1.06 -9.16 10.90
N SER A 97 1.84 -10.18 10.57
CA SER A 97 2.93 -10.05 9.64
C SER A 97 2.41 -9.82 8.23
N LEU A 98 1.30 -10.48 7.91
CA LEU A 98 0.67 -10.35 6.60
C LEU A 98 0.37 -8.89 6.33
N PHE A 99 -0.36 -8.26 7.24
CA PHE A 99 -0.74 -6.87 7.10
C PHE A 99 0.50 -5.99 7.12
N ALA A 100 1.44 -6.33 8.00
CA ALA A 100 2.68 -5.58 8.13
C ALA A 100 3.43 -5.54 6.80
N THR A 101 3.33 -6.60 6.03
CA THR A 101 4.03 -6.72 4.78
C THR A 101 3.44 -5.78 3.73
N ILE A 102 2.13 -5.53 3.83
CA ILE A 102 1.49 -4.60 2.92
C ILE A 102 1.91 -3.17 3.24
N GLY A 103 1.79 -2.77 4.51
CA GLY A 103 2.09 -1.40 4.89
C GLY A 103 3.54 -1.02 4.70
N ILE A 104 4.44 -1.93 5.05
CA ILE A 104 5.87 -1.66 4.88
C ILE A 104 6.18 -1.34 3.42
N CYS A 105 5.61 -2.12 2.51
CA CYS A 105 5.80 -1.88 1.09
C CYS A 105 5.04 -0.65 0.64
N ALA A 106 3.98 -0.29 1.35
CA ALA A 106 3.15 0.84 0.99
C ALA A 106 3.90 2.14 1.23
N LYS A 107 4.63 2.19 2.34
CA LYS A 107 5.36 3.39 2.72
C LYS A 107 6.56 3.60 1.81
N ILE A 108 7.09 2.51 1.31
CA ILE A 108 8.21 2.56 0.39
C ILE A 108 7.80 3.14 -0.96
N THR A 109 6.72 2.61 -1.51
CA THR A 109 6.28 2.97 -2.85
C THR A 109 5.81 4.43 -2.93
N GLU A 110 5.25 4.95 -1.84
CA GLU A 110 4.68 6.29 -1.86
C GLU A 110 5.75 7.38 -1.90
N HIS A 111 6.79 7.24 -1.08
CA HIS A 111 7.81 8.26 -0.92
C HIS A 111 8.44 8.64 -2.27
N TRP A 112 8.49 7.67 -3.17
CA TRP A 112 9.10 7.84 -4.49
C TRP A 112 8.37 8.87 -5.37
N GLY A 113 7.13 9.19 -5.02
CA GLY A 113 6.29 10.03 -5.87
C GLY A 113 6.89 11.39 -6.19
N TYR A 114 7.36 12.11 -5.18
CA TYR A 114 7.74 13.51 -5.35
C TYR A 114 8.84 13.70 -6.40
N LYS A 115 10.02 13.16 -6.15
CA LYS A 115 11.12 13.36 -7.08
C LYS A 115 11.38 12.12 -7.94
N LYS A 116 10.47 11.14 -7.86
CA LYS A 116 10.63 9.88 -8.57
C LYS A 116 11.90 9.19 -8.10
N ILE A 117 11.83 8.62 -6.90
CA ILE A 117 13.00 8.11 -6.21
C ILE A 117 13.23 6.66 -6.58
N SER A 118 14.47 6.20 -6.39
CA SER A 118 14.88 4.83 -6.65
C SER A 118 15.17 4.64 -8.13
N GLU A 119 14.17 4.90 -8.97
CA GLU A 119 14.35 4.82 -10.41
C GLU A 119 14.90 3.45 -10.83
N SER A 120 14.42 2.41 -10.14
CA SER A 120 14.81 1.06 -10.46
C SER A 120 14.21 0.64 -11.80
N ARG A 121 15.08 0.36 -12.75
CA ARG A 121 14.66 0.08 -14.12
C ARG A 121 14.21 -1.37 -14.27
N PHE A 122 14.60 -2.21 -13.33
CA PHE A 122 14.20 -3.61 -13.36
C PHE A 122 12.83 -3.81 -12.71
N GLN A 123 11.83 -3.12 -13.26
CA GLN A 123 10.47 -3.25 -12.78
C GLN A 123 9.70 -4.18 -13.72
N SER A 124 10.15 -5.43 -13.78
CA SER A 124 9.53 -6.43 -14.65
C SER A 124 9.22 -7.70 -13.86
N LEU A 125 8.54 -7.54 -12.73
CA LEU A 125 8.18 -8.68 -11.88
C LEU A 125 6.74 -8.56 -11.40
N GLY A 126 6.27 -7.34 -11.26
CA GLY A 126 4.95 -7.12 -10.68
C GLY A 126 5.05 -6.82 -9.21
N ASN A 127 5.13 -7.88 -8.41
CA ASN A 127 5.26 -7.77 -6.95
C ASN A 127 3.97 -7.20 -6.35
N ILE A 128 3.98 -6.97 -5.04
CA ILE A 128 2.82 -6.44 -4.32
C ILE A 128 1.70 -7.49 -4.23
N THR A 129 1.10 -7.82 -5.36
CA THR A 129 0.12 -8.89 -5.42
C THR A 129 0.80 -10.23 -5.11
N ASP A 130 2.10 -10.30 -5.38
CA ASP A 130 2.90 -11.49 -5.09
C ASP A 130 3.33 -11.51 -3.63
N LEU A 131 3.01 -10.43 -2.90
CA LEU A 131 3.44 -10.29 -1.52
C LEU A 131 2.39 -10.87 -0.59
N MET A 132 1.24 -11.21 -1.17
CA MET A 132 0.13 -11.78 -0.42
C MET A 132 -0.36 -13.05 -1.10
N THR A 133 -1.35 -13.67 -0.51
CA THR A 133 -1.94 -14.88 -1.04
C THR A 133 -3.30 -14.55 -1.61
N ASP A 134 -4.03 -15.58 -2.03
CA ASP A 134 -5.35 -15.32 -2.56
C ASP A 134 -6.25 -15.28 -1.32
N ASP A 135 -5.77 -16.04 -0.33
CA ASP A 135 -6.43 -16.29 0.92
C ASP A 135 -6.37 -15.06 1.79
N ASN A 136 -5.38 -14.22 1.53
CA ASN A 136 -5.13 -13.06 2.35
C ASN A 136 -6.20 -12.06 1.99
N ILE A 137 -6.66 -12.21 0.76
CA ILE A 137 -7.77 -11.45 0.22
C ILE A 137 -9.00 -11.68 1.08
N ASN A 138 -9.19 -12.92 1.49
CA ASN A 138 -10.32 -13.27 2.32
C ASN A 138 -10.17 -12.67 3.69
N ILE A 139 -8.96 -12.73 4.21
CA ILE A 139 -8.67 -12.16 5.52
C ILE A 139 -8.92 -10.68 5.47
N LEU A 140 -8.55 -10.09 4.35
CA LEU A 140 -8.68 -8.69 4.12
C LEU A 140 -10.13 -8.28 4.10
N ILE A 141 -10.95 -8.97 3.29
CA ILE A 141 -12.39 -8.73 3.28
C ILE A 141 -12.93 -8.77 4.70
N LEU A 142 -12.49 -9.75 5.43
CA LEU A 142 -12.98 -10.03 6.76
C LEU A 142 -12.58 -8.94 7.75
N PHE A 143 -11.31 -8.59 7.72
CA PHE A 143 -10.77 -7.56 8.59
C PHE A 143 -11.50 -6.26 8.38
N LEU A 144 -11.65 -5.94 7.12
CA LEU A 144 -12.34 -4.74 6.72
C LEU A 144 -13.80 -4.81 7.10
N GLU A 145 -14.41 -5.97 6.85
CA GLU A 145 -15.84 -6.18 7.08
C GLU A 145 -16.26 -5.82 8.49
N LYS A 146 -15.32 -5.88 9.39
CA LYS A 146 -15.53 -5.37 10.74
C LYS A 146 -16.14 -3.98 10.72
N LYS A 147 -15.66 -3.14 9.80
CA LYS A 147 -16.20 -1.80 9.66
C LYS A 147 -16.85 -1.63 8.29
N LEU A 148 -16.53 -2.57 7.44
CA LEU A 148 -16.98 -2.66 6.07
C LEU A 148 -18.16 -3.60 5.95
N ASN A 149 -18.70 -3.72 4.75
CA ASN A 149 -19.92 -4.50 4.48
C ASN A 149 -21.14 -3.77 5.01
N MET A 1 -2.91 25.91 0.32
CA MET A 1 -4.22 25.63 -0.33
C MET A 1 -4.03 25.47 -1.83
N ALA A 2 -3.51 24.32 -2.24
CA ALA A 2 -3.29 24.06 -3.65
C ALA A 2 -3.04 22.58 -3.90
N THR A 3 -3.92 21.97 -4.69
CA THR A 3 -3.73 20.59 -5.10
C THR A 3 -2.88 20.57 -6.37
N LYS A 4 -1.59 20.87 -6.20
CA LYS A 4 -0.67 21.02 -7.30
C LYS A 4 -0.23 19.67 -7.85
N LEU A 5 -0.12 19.60 -9.19
CA LEU A 5 0.35 18.41 -9.90
C LEU A 5 -0.68 17.29 -9.81
N ASP A 6 -1.94 17.66 -9.59
CA ASP A 6 -3.03 16.69 -9.51
C ASP A 6 -3.45 16.23 -10.91
N TYR A 7 -3.31 14.95 -11.16
CA TYR A 7 -3.71 14.35 -12.43
C TYR A 7 -4.29 12.97 -12.19
N GLU A 8 -5.06 12.87 -11.11
CA GLU A 8 -5.52 11.59 -10.53
C GLU A 8 -5.75 10.51 -11.56
N ASP A 9 -6.79 10.74 -12.38
CA ASP A 9 -7.35 9.73 -13.28
C ASP A 9 -8.09 8.66 -12.48
N ALA A 10 -7.85 8.67 -11.16
CA ALA A 10 -8.30 7.67 -10.22
C ALA A 10 -8.65 6.36 -10.86
N VAL A 11 -7.61 5.72 -11.28
CA VAL A 11 -7.66 4.39 -11.85
C VAL A 11 -8.37 3.42 -10.91
N PHE A 12 -8.00 3.46 -9.63
CA PHE A 12 -8.66 2.69 -8.62
C PHE A 12 -10.16 2.94 -8.58
N TYR A 13 -10.90 1.86 -8.40
CA TYR A 13 -12.35 1.91 -8.30
C TYR A 13 -12.78 1.80 -6.86
N PHE A 14 -12.28 0.75 -6.22
CA PHE A 14 -12.66 0.42 -4.86
C PHE A 14 -11.98 1.35 -3.89
N VAL A 15 -11.17 2.26 -4.42
CA VAL A 15 -10.65 3.38 -3.65
C VAL A 15 -11.78 3.98 -2.80
N ASP A 16 -12.78 4.50 -3.45
CA ASP A 16 -13.84 5.24 -2.79
C ASP A 16 -15.06 4.35 -2.62
N ASP A 17 -14.83 3.05 -2.66
CA ASP A 17 -15.90 2.07 -2.58
C ASP A 17 -16.73 2.23 -1.32
N ASP A 18 -16.05 2.58 -0.24
CA ASP A 18 -16.69 2.82 1.08
C ASP A 18 -17.10 1.52 1.75
N LYS A 19 -17.35 0.52 0.94
CA LYS A 19 -17.83 -0.75 1.39
C LYS A 19 -16.93 -1.89 0.98
N ILE A 20 -17.23 -3.06 1.50
CA ILE A 20 -16.42 -4.24 1.27
C ILE A 20 -16.71 -4.84 -0.11
N CYS A 21 -15.67 -5.28 -0.79
CA CYS A 21 -15.80 -5.77 -2.13
C CYS A 21 -15.80 -7.29 -2.16
N SER A 22 -15.70 -7.82 -3.36
CA SER A 22 -15.54 -9.25 -3.56
C SER A 22 -14.15 -9.71 -3.18
N ARG A 23 -13.99 -11.01 -3.02
CA ARG A 23 -12.67 -11.60 -2.89
C ARG A 23 -11.81 -11.20 -4.08
N ASP A 24 -12.44 -11.24 -5.24
CA ASP A 24 -11.75 -10.97 -6.50
C ASP A 24 -11.37 -9.50 -6.61
N SER A 25 -11.86 -8.72 -5.67
CA SER A 25 -11.73 -7.29 -5.74
C SER A 25 -10.61 -6.78 -4.84
N ILE A 26 -10.16 -7.60 -3.92
CA ILE A 26 -9.05 -7.26 -3.05
C ILE A 26 -7.77 -7.61 -3.77
N ILE A 27 -7.97 -8.30 -4.88
CA ILE A 27 -6.92 -8.70 -5.77
C ILE A 27 -6.32 -7.48 -6.43
N ASP A 28 -7.20 -6.74 -7.07
CA ASP A 28 -6.85 -5.52 -7.76
C ASP A 28 -6.56 -4.46 -6.75
N LEU A 29 -7.22 -4.63 -5.63
CA LEU A 29 -7.27 -3.64 -4.57
C LEU A 29 -5.90 -3.30 -4.05
N ILE A 30 -5.11 -4.32 -3.81
CA ILE A 30 -3.78 -4.13 -3.26
C ILE A 30 -2.92 -3.31 -4.20
N ASP A 31 -3.19 -3.46 -5.49
CA ASP A 31 -2.48 -2.69 -6.49
C ASP A 31 -2.99 -1.25 -6.45
N GLU A 32 -4.31 -1.08 -6.32
CA GLU A 32 -4.92 0.23 -6.23
C GLU A 32 -4.37 1.02 -5.05
N TYR A 33 -4.38 0.41 -3.86
CA TYR A 33 -3.96 1.11 -2.64
C TYR A 33 -2.50 1.47 -2.70
N ILE A 34 -1.66 0.47 -2.88
CA ILE A 34 -0.22 0.71 -3.00
C ILE A 34 0.10 1.80 -4.03
N THR A 35 -0.61 1.79 -5.15
CA THR A 35 -0.42 2.83 -6.16
C THR A 35 -1.05 4.15 -5.70
N TRP A 36 -2.17 4.05 -4.98
CA TRP A 36 -2.84 5.24 -4.45
C TRP A 36 -1.97 5.92 -3.40
N ARG A 37 -1.28 5.11 -2.59
CA ARG A 37 -0.31 5.63 -1.62
C ARG A 37 0.75 6.44 -2.33
N ASN A 38 0.92 6.16 -3.61
CA ASN A 38 1.89 6.85 -4.44
C ASN A 38 1.27 8.13 -5.01
N HIS A 39 0.04 8.01 -5.52
CA HIS A 39 -0.68 9.13 -6.12
C HIS A 39 -0.75 10.34 -5.19
N VAL A 40 -0.96 10.10 -3.90
CA VAL A 40 -1.04 11.17 -2.91
C VAL A 40 0.23 11.99 -2.89
N ILE A 41 1.31 11.37 -3.30
CA ILE A 41 2.60 11.99 -3.24
C ILE A 41 2.97 12.70 -4.52
N VAL A 42 3.12 11.92 -5.57
CA VAL A 42 3.51 12.43 -6.88
C VAL A 42 2.57 13.53 -7.35
N PHE A 43 1.28 13.23 -7.26
CA PHE A 43 0.24 14.10 -7.71
C PHE A 43 -0.16 15.06 -6.62
N ASN A 44 0.47 14.84 -5.46
CA ASN A 44 0.21 15.61 -4.27
C ASN A 44 -1.29 15.64 -3.97
N LYS A 45 -1.90 14.47 -4.11
CA LYS A 45 -3.29 14.27 -3.85
C LYS A 45 -3.59 14.40 -2.37
N ASP A 46 -4.76 13.96 -2.02
CA ASP A 46 -5.21 13.99 -0.65
C ASP A 46 -5.18 12.59 -0.08
N ILE A 47 -4.76 12.50 1.16
CA ILE A 47 -4.80 11.26 1.88
C ILE A 47 -6.23 10.90 2.25
N THR A 48 -7.04 11.92 2.38
CA THR A 48 -8.43 11.74 2.75
C THR A 48 -9.26 11.50 1.52
N SER A 49 -8.62 11.74 0.38
CA SER A 49 -9.23 11.53 -0.92
C SER A 49 -9.38 10.04 -1.24
N CYS A 50 -10.45 9.43 -0.70
CA CYS A 50 -10.79 8.05 -0.93
C CYS A 50 -11.96 7.65 -0.02
N GLY A 51 -12.27 6.37 0.01
CA GLY A 51 -13.48 5.85 0.68
C GLY A 51 -13.27 5.46 2.14
N ARG A 52 -13.94 4.40 2.52
CA ARG A 52 -13.73 3.74 3.78
C ARG A 52 -12.59 2.76 3.74
N LEU A 53 -12.67 1.91 2.71
CA LEU A 53 -11.84 0.71 2.59
C LEU A 53 -10.36 0.98 2.85
N TYR A 54 -9.82 2.05 2.28
CA TYR A 54 -8.38 2.30 2.32
C TYR A 54 -7.85 2.57 3.70
N LYS A 55 -8.64 3.27 4.46
CA LYS A 55 -8.31 3.62 5.85
C LYS A 55 -7.75 2.44 6.62
N GLU A 56 -8.29 1.28 6.38
CA GLU A 56 -7.88 0.10 7.11
C GLU A 56 -6.52 -0.38 6.62
N LEU A 57 -6.31 -0.26 5.32
CA LEU A 57 -5.01 -0.51 4.73
C LEU A 57 -3.94 0.36 5.36
N MET A 58 -4.30 1.60 5.68
CA MET A 58 -3.38 2.52 6.33
C MET A 58 -2.84 1.92 7.59
N LYS A 59 -3.67 1.16 8.26
CA LYS A 59 -3.30 0.55 9.50
C LYS A 59 -2.30 -0.57 9.30
N PHE A 60 -2.11 -0.99 8.06
CA PHE A 60 -1.12 -1.99 7.74
C PHE A 60 0.24 -1.35 7.66
N ASP A 61 0.21 -0.04 7.55
CA ASP A 61 1.40 0.78 7.62
C ASP A 61 1.89 0.75 9.05
N ASP A 62 0.91 0.84 9.91
CA ASP A 62 1.08 0.95 11.36
C ASP A 62 1.46 -0.38 11.95
N VAL A 63 0.79 -1.39 11.45
CA VAL A 63 1.02 -2.75 11.86
C VAL A 63 2.45 -3.15 11.55
N ALA A 64 2.94 -2.62 10.46
CA ALA A 64 4.33 -2.80 10.06
C ALA A 64 5.26 -1.96 10.94
N ILE A 65 4.85 -0.74 11.25
CA ILE A 65 5.57 0.08 12.21
C ILE A 65 5.67 -0.63 13.55
N ARG A 66 4.61 -1.36 13.89
CA ARG A 66 4.61 -2.17 15.09
C ARG A 66 5.53 -3.36 14.95
N TYR A 67 5.42 -4.03 13.80
CA TYR A 67 6.11 -5.28 13.57
C TYR A 67 7.58 -5.03 13.27
N TYR A 68 7.83 -4.49 12.10
CA TYR A 68 9.19 -4.26 11.63
C TYR A 68 9.81 -3.10 12.40
N GLY A 69 8.99 -2.11 12.72
CA GLY A 69 9.45 -1.00 13.51
C GLY A 69 9.77 0.19 12.67
N ILE A 70 9.41 1.34 13.19
CA ILE A 70 9.58 2.59 12.47
C ILE A 70 11.05 2.77 12.09
N ASP A 71 11.94 2.48 13.03
CA ASP A 71 13.38 2.59 12.82
C ASP A 71 13.83 1.69 11.68
N LYS A 72 13.44 0.43 11.72
CA LYS A 72 13.78 -0.50 10.66
C LYS A 72 13.19 -0.05 9.36
N ILE A 73 11.94 0.33 9.40
CA ILE A 73 11.23 0.79 8.21
C ILE A 73 11.96 1.99 7.59
N ASN A 74 12.31 2.93 8.43
CA ASN A 74 13.10 4.09 8.04
C ASN A 74 14.39 3.66 7.33
N GLU A 75 15.04 2.64 7.88
CA GLU A 75 16.27 2.13 7.29
C GLU A 75 15.98 1.40 5.99
N ILE A 76 14.87 0.71 5.96
CA ILE A 76 14.45 -0.06 4.83
C ILE A 76 14.02 0.84 3.66
N VAL A 77 13.11 1.76 3.92
CA VAL A 77 12.60 2.65 2.88
C VAL A 77 13.73 3.35 2.14
N GLU A 78 14.61 3.92 2.91
CA GLU A 78 15.78 4.61 2.40
C GLU A 78 16.71 3.68 1.61
N ALA A 79 16.75 2.42 1.99
CA ALA A 79 17.46 1.41 1.20
C ALA A 79 16.86 1.30 -0.19
N MET A 80 15.53 1.15 -0.24
CA MET A 80 14.79 1.13 -1.51
C MET A 80 15.10 2.36 -2.33
N SER A 81 15.46 3.44 -1.64
CA SER A 81 15.71 4.70 -2.30
C SER A 81 16.95 4.60 -3.19
N GLU A 82 17.82 3.65 -2.87
CA GLU A 82 19.02 3.41 -3.66
C GLU A 82 18.80 2.26 -4.64
N GLY A 83 17.61 1.68 -4.59
CA GLY A 83 17.28 0.56 -5.46
C GLY A 83 17.93 -0.73 -5.01
N ASP A 84 18.17 -0.84 -3.72
CA ASP A 84 18.79 -2.03 -3.14
C ASP A 84 18.21 -2.31 -1.77
N HIS A 85 17.67 -3.50 -1.57
CA HIS A 85 17.09 -3.84 -0.29
C HIS A 85 17.82 -5.00 0.37
N TYR A 86 17.46 -5.27 1.61
CA TYR A 86 18.06 -6.34 2.38
C TYR A 86 17.00 -7.00 3.25
N ILE A 87 15.84 -7.26 2.65
CA ILE A 87 14.67 -7.70 3.39
C ILE A 87 14.81 -9.13 3.89
N ASN A 88 15.25 -9.26 5.13
CA ASN A 88 15.29 -10.56 5.80
C ASN A 88 14.34 -10.53 6.99
N PHE A 89 13.05 -10.57 6.69
CA PHE A 89 12.02 -10.48 7.72
C PHE A 89 11.08 -11.67 7.63
N THR A 90 9.95 -11.58 8.32
CA THR A 90 8.98 -12.66 8.37
C THR A 90 8.35 -12.93 6.99
N LYS A 91 7.60 -11.94 6.49
CA LYS A 91 6.81 -12.10 5.25
C LYS A 91 5.69 -13.08 5.48
N VAL A 92 4.48 -12.71 5.05
CA VAL A 92 3.28 -13.56 5.15
C VAL A 92 3.22 -14.28 6.50
N HIS A 93 2.77 -15.55 6.50
CA HIS A 93 2.77 -16.38 7.70
C HIS A 93 1.65 -15.98 8.66
N ASP A 94 1.90 -15.00 9.51
CA ASP A 94 0.92 -14.59 10.50
C ASP A 94 0.06 -13.45 9.97
N GLN A 95 -0.99 -13.08 10.70
CA GLN A 95 -1.90 -12.07 10.20
C GLN A 95 -1.24 -10.71 10.26
N GLU A 96 -0.63 -10.44 11.41
CA GLU A 96 0.03 -9.19 11.66
C GLU A 96 1.17 -8.98 10.67
N SER A 97 1.79 -10.09 10.27
CA SER A 97 2.88 -10.06 9.32
C SER A 97 2.32 -9.95 7.91
N LEU A 98 1.17 -10.58 7.67
CA LEU A 98 0.46 -10.42 6.40
C LEU A 98 0.23 -8.95 6.14
N PHE A 99 -0.45 -8.28 7.06
CA PHE A 99 -0.76 -6.88 6.95
C PHE A 99 0.50 -6.03 6.91
N ALA A 100 1.46 -6.40 7.75
CA ALA A 100 2.72 -5.66 7.86
C ALA A 100 3.43 -5.57 6.53
N THR A 101 3.29 -6.61 5.71
CA THR A 101 3.94 -6.66 4.43
C THR A 101 3.39 -5.58 3.49
N ILE A 102 2.11 -5.25 3.65
CA ILE A 102 1.48 -4.21 2.84
C ILE A 102 2.02 -2.83 3.21
N GLY A 103 1.94 -2.47 4.49
CA GLY A 103 2.35 -1.13 4.91
C GLY A 103 3.82 -0.84 4.73
N ILE A 104 4.65 -1.84 5.00
CA ILE A 104 6.09 -1.68 4.81
C ILE A 104 6.38 -1.37 3.34
N CYS A 105 5.59 -1.98 2.46
CA CYS A 105 5.70 -1.71 1.05
C CYS A 105 5.13 -0.33 0.72
N ALA A 106 4.13 0.11 1.49
CA ALA A 106 3.45 1.36 1.23
C ALA A 106 4.35 2.55 1.57
N LYS A 107 5.19 2.39 2.59
CA LYS A 107 6.12 3.43 3.00
C LYS A 107 7.10 3.74 1.89
N ILE A 108 7.39 2.72 1.11
CA ILE A 108 8.33 2.81 0.01
C ILE A 108 7.71 3.50 -1.19
N THR A 109 6.50 3.05 -1.56
CA THR A 109 5.82 3.59 -2.73
C THR A 109 5.53 5.10 -2.59
N GLU A 110 5.18 5.55 -1.39
CA GLU A 110 4.86 6.96 -1.19
C GLU A 110 6.12 7.83 -1.24
N HIS A 111 7.18 7.38 -0.57
CA HIS A 111 8.40 8.18 -0.43
C HIS A 111 8.99 8.54 -1.78
N TRP A 112 8.73 7.71 -2.78
CA TRP A 112 9.32 7.87 -4.10
C TRP A 112 8.64 8.98 -4.91
N GLY A 113 7.41 9.34 -4.54
CA GLY A 113 6.59 10.19 -5.39
C GLY A 113 7.13 11.59 -5.61
N TYR A 114 7.50 12.29 -4.54
CA TYR A 114 7.79 13.72 -4.61
C TYR A 114 8.84 14.06 -5.68
N LYS A 115 9.99 13.40 -5.63
CA LYS A 115 11.03 13.67 -6.62
C LYS A 115 11.24 12.48 -7.57
N LYS A 116 10.32 11.52 -7.49
CA LYS A 116 10.38 10.29 -8.30
C LYS A 116 11.68 9.54 -8.03
N ILE A 117 11.75 8.92 -6.87
CA ILE A 117 12.94 8.20 -6.43
C ILE A 117 12.91 6.75 -6.90
N SER A 118 14.10 6.19 -7.08
CA SER A 118 14.29 4.76 -7.36
C SER A 118 15.71 4.53 -7.88
N GLU A 119 15.97 5.08 -9.06
CA GLU A 119 17.28 4.97 -9.75
C GLU A 119 17.56 3.54 -10.21
N SER A 120 17.67 2.62 -9.27
CA SER A 120 17.96 1.23 -9.58
C SER A 120 16.67 0.44 -9.80
N ARG A 121 16.13 0.54 -11.00
CA ARG A 121 14.93 -0.19 -11.40
C ARG A 121 13.69 0.30 -10.67
N PHE A 122 12.94 1.18 -11.32
CA PHE A 122 11.68 1.69 -10.79
C PHE A 122 10.68 0.55 -10.63
N GLN A 123 10.85 -0.46 -11.46
CA GLN A 123 10.03 -1.66 -11.39
C GLN A 123 10.82 -2.84 -11.97
N SER A 124 11.06 -3.83 -11.14
CA SER A 124 11.82 -5.00 -11.54
C SER A 124 10.88 -6.20 -11.66
N LEU A 125 10.07 -6.40 -10.64
CA LEU A 125 9.08 -7.47 -10.63
C LEU A 125 7.71 -6.90 -10.28
N GLY A 126 6.66 -7.62 -10.65
CA GLY A 126 5.32 -7.22 -10.25
C GLY A 126 5.03 -7.62 -8.82
N ASN A 127 5.73 -6.98 -7.90
CA ASN A 127 5.72 -7.36 -6.49
C ASN A 127 4.71 -6.53 -5.68
N ILE A 128 3.59 -6.20 -6.30
CA ILE A 128 2.53 -5.48 -5.60
C ILE A 128 1.49 -6.47 -5.09
N THR A 129 0.69 -7.00 -6.00
CA THR A 129 -0.31 -8.01 -5.66
C THR A 129 0.37 -9.31 -5.23
N ASP A 130 1.59 -9.51 -5.70
CA ASP A 130 2.36 -10.73 -5.40
C ASP A 130 2.78 -10.76 -3.93
N LEU A 131 2.72 -9.61 -3.28
CA LEU A 131 3.19 -9.47 -1.91
C LEU A 131 2.18 -10.06 -0.91
N MET A 132 0.97 -10.31 -1.41
CA MET A 132 -0.09 -10.91 -0.62
C MET A 132 -0.79 -11.97 -1.45
N THR A 133 -1.79 -12.61 -0.90
CA THR A 133 -2.37 -13.78 -1.53
C THR A 133 -3.88 -13.67 -1.62
N ASP A 134 -4.44 -14.34 -2.61
CA ASP A 134 -5.88 -14.56 -2.68
C ASP A 134 -6.42 -15.10 -1.36
N ASP A 135 -5.57 -15.79 -0.63
CA ASP A 135 -5.93 -16.32 0.66
C ASP A 135 -6.04 -15.17 1.66
N ASN A 136 -5.22 -14.15 1.42
CA ASN A 136 -5.09 -13.01 2.31
C ASN A 136 -6.28 -12.11 2.07
N ILE A 137 -6.77 -12.16 0.83
CA ILE A 137 -7.92 -11.42 0.40
C ILE A 137 -9.10 -11.72 1.31
N ASN A 138 -9.21 -12.97 1.69
CA ASN A 138 -10.27 -13.41 2.53
C ASN A 138 -10.15 -12.80 3.91
N ILE A 139 -8.93 -12.75 4.40
CA ILE A 139 -8.65 -12.16 5.71
C ILE A 139 -8.99 -10.70 5.66
N LEU A 140 -8.61 -10.08 4.56
CA LEU A 140 -8.77 -8.67 4.35
C LEU A 140 -10.24 -8.30 4.29
N ILE A 141 -11.01 -9.00 3.46
CA ILE A 141 -12.45 -8.79 3.37
C ILE A 141 -13.04 -8.84 4.76
N LEU A 142 -12.61 -9.84 5.51
CA LEU A 142 -13.11 -10.11 6.83
C LEU A 142 -12.73 -9.02 7.81
N PHE A 143 -11.45 -8.68 7.83
CA PHE A 143 -10.94 -7.66 8.71
C PHE A 143 -11.66 -6.36 8.48
N LEU A 144 -11.77 -6.04 7.22
CA LEU A 144 -12.42 -4.82 6.80
C LEU A 144 -13.88 -4.86 7.13
N GLU A 145 -14.52 -6.00 6.86
CA GLU A 145 -15.97 -6.18 7.06
C GLU A 145 -16.41 -5.83 8.47
N LYS A 146 -15.48 -5.90 9.38
CA LYS A 146 -15.70 -5.39 10.71
C LYS A 146 -16.26 -3.98 10.69
N LYS A 147 -15.77 -3.16 9.76
CA LYS A 147 -16.23 -1.80 9.65
C LYS A 147 -16.79 -1.54 8.25
N LEU A 148 -16.49 -2.48 7.38
CA LEU A 148 -16.94 -2.52 6.02
C LEU A 148 -18.11 -3.47 5.89
N ASN A 149 -18.65 -3.54 4.67
CA ASN A 149 -19.81 -4.35 4.29
C ASN A 149 -20.77 -3.51 3.49
N MET A 1 -3.07 26.40 -16.61
CA MET A 1 -2.84 26.64 -18.07
C MET A 1 -2.91 25.33 -18.85
N ALA A 2 -1.97 24.43 -18.57
CA ALA A 2 -1.92 23.13 -19.23
C ALA A 2 -1.18 22.13 -18.35
N THR A 3 -1.66 21.98 -17.13
CA THR A 3 -1.03 21.09 -16.16
C THR A 3 -1.10 19.64 -16.62
N LYS A 4 0.05 19.05 -16.85
CA LYS A 4 0.13 17.64 -17.23
C LYS A 4 0.52 16.81 -16.03
N LEU A 5 -0.21 15.72 -15.80
CA LEU A 5 0.05 14.81 -14.68
C LEU A 5 -0.15 15.52 -13.33
N ASP A 6 0.29 14.84 -12.26
CA ASP A 6 0.21 15.33 -10.88
C ASP A 6 -1.01 16.21 -10.60
N TYR A 7 -2.16 15.55 -10.52
CA TYR A 7 -3.42 16.21 -10.24
C TYR A 7 -4.29 15.31 -9.37
N GLU A 8 -4.90 14.30 -9.98
CA GLU A 8 -5.62 13.27 -9.25
C GLU A 8 -5.43 11.96 -9.96
N ASP A 9 -6.04 11.91 -11.15
CA ASP A 9 -6.00 10.73 -11.98
C ASP A 9 -6.42 9.52 -11.19
N ALA A 10 -7.44 9.73 -10.37
CA ALA A 10 -8.04 8.68 -9.57
C ALA A 10 -8.71 7.63 -10.43
N VAL A 11 -7.86 6.80 -10.92
CA VAL A 11 -8.20 5.69 -11.79
C VAL A 11 -8.89 4.56 -11.03
N PHE A 12 -8.39 4.27 -9.83
CA PHE A 12 -8.95 3.27 -8.97
C PHE A 12 -10.44 3.44 -8.75
N TYR A 13 -11.09 2.31 -8.52
CA TYR A 13 -12.53 2.24 -8.35
C TYR A 13 -12.88 1.96 -6.90
N PHE A 14 -12.28 0.91 -6.38
CA PHE A 14 -12.55 0.48 -5.02
C PHE A 14 -11.79 1.35 -4.04
N VAL A 15 -11.03 2.31 -4.57
CA VAL A 15 -10.45 3.37 -3.76
C VAL A 15 -11.53 3.95 -2.83
N ASP A 16 -12.56 4.47 -3.42
CA ASP A 16 -13.59 5.22 -2.70
C ASP A 16 -14.82 4.36 -2.50
N ASP A 17 -14.63 3.05 -2.62
CA ASP A 17 -15.74 2.09 -2.56
C ASP A 17 -16.58 2.27 -1.31
N ASP A 18 -15.91 2.61 -0.23
CA ASP A 18 -16.55 2.94 1.06
C ASP A 18 -17.04 1.68 1.78
N LYS A 19 -17.21 0.61 1.06
CA LYS A 19 -17.69 -0.61 1.60
C LYS A 19 -16.83 -1.80 1.19
N ILE A 20 -17.12 -2.95 1.77
CA ILE A 20 -16.35 -4.15 1.51
C ILE A 20 -16.73 -4.71 0.14
N CYS A 21 -15.73 -5.08 -0.64
CA CYS A 21 -15.96 -5.54 -1.98
C CYS A 21 -15.95 -7.05 -2.08
N SER A 22 -15.89 -7.52 -3.31
CA SER A 22 -15.79 -8.94 -3.61
C SER A 22 -14.41 -9.48 -3.24
N ARG A 23 -14.32 -10.78 -3.12
CA ARG A 23 -13.03 -11.45 -3.02
C ARG A 23 -12.15 -11.05 -4.20
N ASP A 24 -12.79 -11.00 -5.36
CA ASP A 24 -12.10 -10.75 -6.62
C ASP A 24 -11.70 -9.28 -6.72
N SER A 25 -12.13 -8.50 -5.76
CA SER A 25 -11.99 -7.08 -5.83
C SER A 25 -10.87 -6.57 -4.93
N ILE A 26 -10.38 -7.43 -4.04
CA ILE A 26 -9.25 -7.10 -3.20
C ILE A 26 -7.99 -7.48 -3.94
N ILE A 27 -8.22 -8.13 -5.06
CA ILE A 27 -7.20 -8.59 -5.94
C ILE A 27 -6.54 -7.41 -6.62
N ASP A 28 -7.37 -6.63 -7.29
CA ASP A 28 -6.89 -5.43 -7.97
C ASP A 28 -6.60 -4.38 -6.93
N LEU A 29 -7.39 -4.45 -5.88
CA LEU A 29 -7.35 -3.50 -4.77
C LEU A 29 -5.95 -3.27 -4.23
N ILE A 30 -5.24 -4.35 -3.96
CA ILE A 30 -3.91 -4.23 -3.39
C ILE A 30 -2.99 -3.46 -4.31
N ASP A 31 -3.26 -3.56 -5.61
CA ASP A 31 -2.52 -2.80 -6.59
C ASP A 31 -2.97 -1.35 -6.54
N GLU A 32 -4.30 -1.13 -6.47
CA GLU A 32 -4.85 0.21 -6.39
C GLU A 32 -4.35 0.97 -5.17
N TYR A 33 -4.43 0.36 -3.99
CA TYR A 33 -4.04 1.06 -2.75
C TYR A 33 -2.58 1.41 -2.77
N ILE A 34 -1.73 0.41 -2.93
CA ILE A 34 -0.29 0.64 -3.05
C ILE A 34 0.01 1.73 -4.09
N THR A 35 -0.59 1.64 -5.26
CA THR A 35 -0.42 2.66 -6.29
C THR A 35 -1.00 4.00 -5.82
N TRP A 36 -2.10 3.94 -5.08
CA TRP A 36 -2.77 5.14 -4.59
C TRP A 36 -1.90 5.84 -3.56
N ARG A 37 -1.23 5.06 -2.71
CA ARG A 37 -0.27 5.61 -1.77
C ARG A 37 0.77 6.42 -2.52
N ASN A 38 1.01 6.01 -3.75
CA ASN A 38 2.03 6.64 -4.58
C ASN A 38 1.42 7.89 -5.20
N HIS A 39 0.20 7.73 -5.72
CA HIS A 39 -0.54 8.83 -6.35
C HIS A 39 -0.61 10.07 -5.46
N VAL A 40 -0.84 9.86 -4.16
CA VAL A 40 -0.94 10.96 -3.21
C VAL A 40 0.33 11.80 -3.25
N ILE A 41 1.42 11.12 -3.55
CA ILE A 41 2.71 11.74 -3.53
C ILE A 41 3.04 12.42 -4.86
N VAL A 42 3.20 11.60 -5.88
CA VAL A 42 3.56 12.07 -7.22
C VAL A 42 2.66 13.21 -7.66
N PHE A 43 1.37 12.95 -7.57
CA PHE A 43 0.35 13.84 -8.04
C PHE A 43 -0.01 14.87 -6.99
N ASN A 44 0.59 14.70 -5.82
CA ASN A 44 0.38 15.61 -4.71
C ASN A 44 -1.11 15.66 -4.38
N LYS A 45 -1.70 14.48 -4.34
CA LYS A 45 -3.10 14.30 -4.08
C LYS A 45 -3.38 14.42 -2.60
N ASP A 46 -4.50 13.86 -2.21
CA ASP A 46 -4.95 13.93 -0.83
C ASP A 46 -5.12 12.54 -0.26
N ILE A 47 -4.59 12.35 0.92
CA ILE A 47 -4.71 11.08 1.63
C ILE A 47 -6.13 10.89 2.13
N THR A 48 -6.78 12.00 2.36
CA THR A 48 -8.13 12.03 2.90
C THR A 48 -9.13 11.76 1.80
N SER A 49 -8.59 11.80 0.60
CA SER A 49 -9.40 11.67 -0.60
C SER A 49 -9.46 10.21 -1.06
N CYS A 50 -10.37 9.45 -0.44
CA CYS A 50 -10.65 8.09 -0.80
C CYS A 50 -11.80 7.57 0.11
N GLY A 51 -12.04 6.28 0.06
CA GLY A 51 -13.22 5.69 0.71
C GLY A 51 -13.00 5.28 2.15
N ARG A 52 -13.74 4.28 2.56
CA ARG A 52 -13.56 3.64 3.86
C ARG A 52 -12.49 2.58 3.83
N LEU A 53 -12.58 1.77 2.78
CA LEU A 53 -11.78 0.57 2.63
C LEU A 53 -10.28 0.82 2.86
N TYR A 54 -9.75 1.88 2.27
CA TYR A 54 -8.32 2.10 2.26
C TYR A 54 -7.73 2.40 3.62
N LYS A 55 -8.51 3.13 4.37
CA LYS A 55 -8.15 3.49 5.75
C LYS A 55 -7.63 2.29 6.53
N GLU A 56 -8.19 1.13 6.25
CA GLU A 56 -7.84 -0.08 6.97
C GLU A 56 -6.46 -0.57 6.56
N LEU A 57 -6.19 -0.45 5.28
CA LEU A 57 -4.88 -0.73 4.74
C LEU A 57 -3.82 0.13 5.41
N MET A 58 -4.17 1.37 5.73
CA MET A 58 -3.28 2.28 6.45
C MET A 58 -2.83 1.65 7.74
N LYS A 59 -3.70 0.87 8.33
CA LYS A 59 -3.42 0.25 9.61
C LYS A 59 -2.40 -0.86 9.47
N PHE A 60 -2.16 -1.27 8.23
CA PHE A 60 -1.14 -2.26 7.94
C PHE A 60 0.21 -1.58 7.88
N ASP A 61 0.15 -0.27 7.74
CA ASP A 61 1.32 0.56 7.83
C ASP A 61 1.79 0.56 9.26
N ASP A 62 0.79 0.66 10.11
CA ASP A 62 0.95 0.81 11.54
C ASP A 62 1.35 -0.50 12.16
N VAL A 63 0.71 -1.53 11.68
CA VAL A 63 0.97 -2.87 12.13
C VAL A 63 2.41 -3.24 11.85
N ALA A 64 2.90 -2.70 10.76
CA ALA A 64 4.31 -2.82 10.38
C ALA A 64 5.19 -1.94 11.27
N ILE A 65 4.75 -0.72 11.54
CA ILE A 65 5.43 0.15 12.49
C ILE A 65 5.51 -0.52 13.86
N ARG A 66 4.47 -1.27 14.19
CA ARG A 66 4.42 -2.03 15.40
C ARG A 66 5.43 -3.17 15.34
N TYR A 67 5.47 -3.81 14.19
CA TYR A 67 6.20 -5.05 14.06
C TYR A 67 7.65 -4.80 13.69
N TYR A 68 7.84 -4.33 12.48
CA TYR A 68 9.18 -4.07 11.95
C TYR A 68 9.79 -2.86 12.63
N GLY A 69 8.95 -1.90 12.96
CA GLY A 69 9.38 -0.75 13.71
C GLY A 69 9.64 0.44 12.83
N ILE A 70 9.20 1.58 13.31
CA ILE A 70 9.25 2.81 12.53
C ILE A 70 10.70 3.13 12.14
N ASP A 71 11.63 2.96 13.08
CA ASP A 71 13.04 3.20 12.83
C ASP A 71 13.54 2.36 11.68
N LYS A 72 13.28 1.06 11.76
CA LYS A 72 13.72 0.14 10.73
C LYS A 72 13.03 0.46 9.43
N ILE A 73 11.74 0.71 9.52
CA ILE A 73 10.96 1.07 8.35
C ILE A 73 11.55 2.30 7.66
N ASN A 74 11.84 3.32 8.45
CA ASN A 74 12.48 4.52 7.97
C ASN A 74 13.78 4.20 7.23
N GLU A 75 14.58 3.33 7.83
CA GLU A 75 15.85 2.94 7.25
C GLU A 75 15.63 2.09 6.00
N ILE A 76 14.59 1.27 6.05
CA ILE A 76 14.25 0.38 4.98
C ILE A 76 13.69 1.14 3.77
N VAL A 77 12.68 1.96 4.01
CA VAL A 77 12.03 2.71 2.92
C VAL A 77 13.04 3.49 2.10
N GLU A 78 13.82 4.27 2.81
CA GLU A 78 14.88 5.07 2.21
C GLU A 78 15.94 4.23 1.50
N ALA A 79 16.21 3.05 2.04
CA ALA A 79 17.13 2.12 1.41
C ALA A 79 16.61 1.70 0.02
N MET A 80 15.34 1.30 -0.03
CA MET A 80 14.64 1.01 -1.29
C MET A 80 14.91 2.10 -2.32
N SER A 81 15.03 3.32 -1.84
CA SER A 81 15.09 4.46 -2.71
C SER A 81 16.44 4.54 -3.42
N GLU A 82 17.41 3.78 -2.92
CA GLU A 82 18.72 3.71 -3.55
C GLU A 82 18.86 2.42 -4.34
N GLY A 83 17.91 1.52 -4.17
CA GLY A 83 17.95 0.25 -4.86
C GLY A 83 18.85 -0.75 -4.16
N ASP A 84 19.06 -0.54 -2.87
CA ASP A 84 19.87 -1.44 -2.06
C ASP A 84 19.21 -1.65 -0.73
N HIS A 85 18.83 -2.88 -0.43
CA HIS A 85 18.06 -3.19 0.77
C HIS A 85 18.34 -4.60 1.27
N TYR A 86 17.49 -5.08 2.17
CA TYR A 86 17.68 -6.39 2.76
C TYR A 86 16.49 -7.30 2.45
N ILE A 87 15.49 -7.27 3.33
CA ILE A 87 14.28 -8.07 3.20
C ILE A 87 14.58 -9.55 3.44
N ASN A 88 14.14 -10.05 4.57
CA ASN A 88 14.42 -11.42 4.97
C ASN A 88 13.15 -12.25 4.96
N PHE A 89 12.16 -11.78 4.20
CA PHE A 89 10.84 -12.42 4.12
C PHE A 89 10.16 -12.42 5.49
N THR A 90 9.12 -13.23 5.63
CA THR A 90 8.40 -13.32 6.89
C THR A 90 9.10 -14.28 7.84
N LYS A 91 9.60 -13.75 8.95
CA LYS A 91 10.13 -14.59 10.01
C LYS A 91 8.99 -15.43 10.57
N VAL A 92 8.01 -14.73 11.11
CA VAL A 92 6.76 -15.33 11.50
C VAL A 92 5.79 -15.25 10.33
N HIS A 93 4.97 -16.27 10.16
CA HIS A 93 4.08 -16.34 9.01
C HIS A 93 2.64 -16.18 9.48
N ASP A 94 2.42 -15.21 10.36
CA ASP A 94 1.10 -15.03 10.96
C ASP A 94 0.45 -13.72 10.51
N GLN A 95 -0.84 -13.58 10.75
CA GLN A 95 -1.64 -12.49 10.19
C GLN A 95 -1.05 -11.11 10.45
N GLU A 96 -0.59 -10.87 11.67
CA GLU A 96 -0.04 -9.58 12.05
C GLU A 96 1.13 -9.19 11.17
N SER A 97 1.95 -10.18 10.81
CA SER A 97 3.08 -9.96 9.92
C SER A 97 2.60 -9.95 8.47
N LEU A 98 1.53 -10.69 8.21
CA LEU A 98 0.91 -10.71 6.88
C LEU A 98 0.44 -9.32 6.50
N PHE A 99 -0.24 -8.65 7.41
CA PHE A 99 -0.62 -7.26 7.23
C PHE A 99 0.58 -6.34 7.19
N ALA A 100 1.53 -6.62 8.07
CA ALA A 100 2.70 -5.78 8.24
C ALA A 100 3.47 -5.63 6.94
N THR A 101 3.50 -6.69 6.14
CA THR A 101 4.29 -6.68 4.92
C THR A 101 3.64 -5.78 3.87
N ILE A 102 2.34 -5.52 4.00
CA ILE A 102 1.66 -4.61 3.09
C ILE A 102 2.08 -3.17 3.39
N GLY A 103 1.95 -2.77 4.66
CA GLY A 103 2.23 -1.39 5.04
C GLY A 103 3.68 -1.01 4.87
N ILE A 104 4.57 -1.94 5.19
CA ILE A 104 6.00 -1.69 5.01
C ILE A 104 6.30 -1.39 3.55
N CYS A 105 5.68 -2.13 2.64
CA CYS A 105 5.84 -1.89 1.22
C CYS A 105 5.10 -0.62 0.79
N ALA A 106 4.07 -0.23 1.53
CA ALA A 106 3.24 0.90 1.17
C ALA A 106 4.02 2.21 1.32
N LYS A 107 4.87 2.30 2.33
CA LYS A 107 5.67 3.50 2.55
C LYS A 107 6.72 3.66 1.45
N ILE A 108 7.16 2.54 0.93
CA ILE A 108 8.22 2.51 -0.06
C ILE A 108 7.75 3.10 -1.39
N THR A 109 6.61 2.62 -1.87
CA THR A 109 6.07 3.05 -3.15
C THR A 109 5.74 4.54 -3.14
N GLU A 110 5.27 5.06 -2.01
CA GLU A 110 4.85 6.46 -1.93
C GLU A 110 6.04 7.41 -1.80
N HIS A 111 7.04 7.00 -1.02
CA HIS A 111 8.20 7.85 -0.76
C HIS A 111 8.85 8.30 -2.07
N TRP A 112 8.81 7.42 -3.06
CA TRP A 112 9.41 7.66 -4.36
C TRP A 112 8.66 8.71 -5.19
N GLY A 113 7.40 8.97 -4.86
CA GLY A 113 6.52 9.73 -5.72
C GLY A 113 7.08 11.06 -6.21
N TYR A 114 7.45 11.95 -5.29
CA TYR A 114 7.70 13.35 -5.65
C TYR A 114 8.74 13.50 -6.75
N LYS A 115 9.88 12.82 -6.64
CA LYS A 115 10.91 12.93 -7.68
C LYS A 115 11.06 11.62 -8.47
N LYS A 116 10.20 10.65 -8.18
CA LYS A 116 10.33 9.30 -8.72
C LYS A 116 11.69 8.72 -8.37
N ILE A 117 11.86 8.43 -7.09
CA ILE A 117 13.13 8.03 -6.51
C ILE A 117 13.48 6.61 -6.92
N SER A 118 14.77 6.29 -6.83
CA SER A 118 15.30 4.97 -7.09
C SER A 118 15.63 4.82 -8.56
N GLU A 119 14.62 5.03 -9.36
CA GLU A 119 14.70 4.91 -10.82
C GLU A 119 13.28 5.03 -11.32
N SER A 120 12.40 4.37 -10.57
CA SER A 120 10.95 4.37 -10.80
C SER A 120 10.60 4.44 -12.29
N ARG A 121 11.14 3.52 -13.08
CA ARG A 121 10.91 3.56 -14.51
C ARG A 121 9.72 2.67 -14.88
N PHE A 122 8.73 3.28 -15.53
CA PHE A 122 7.51 2.60 -15.98
C PHE A 122 6.62 2.20 -14.80
N GLN A 123 7.10 1.27 -13.99
CA GLN A 123 6.31 0.72 -12.90
C GLN A 123 7.09 0.76 -11.59
N SER A 124 6.37 0.92 -10.49
CA SER A 124 6.96 0.77 -9.17
C SER A 124 7.15 -0.71 -8.87
N LEU A 125 8.14 -1.31 -9.54
CA LEU A 125 8.39 -2.74 -9.44
C LEU A 125 8.81 -3.15 -8.02
N GLY A 126 8.39 -4.33 -7.62
CA GLY A 126 8.69 -4.83 -6.30
C GLY A 126 7.62 -5.79 -5.82
N ASN A 127 7.64 -6.12 -4.54
CA ASN A 127 6.64 -7.03 -3.99
C ASN A 127 5.38 -6.29 -3.61
N ILE A 128 4.51 -6.09 -4.59
CA ILE A 128 3.23 -5.44 -4.37
C ILE A 128 2.10 -6.46 -4.27
N THR A 129 1.49 -6.80 -5.40
CA THR A 129 0.43 -7.79 -5.44
C THR A 129 0.98 -9.20 -5.20
N ASP A 130 2.26 -9.38 -5.51
CA ASP A 130 2.91 -10.69 -5.38
C ASP A 130 3.28 -10.98 -3.93
N LEU A 131 3.13 -9.99 -3.07
CA LEU A 131 3.55 -10.10 -1.69
C LEU A 131 2.42 -10.63 -0.81
N MET A 132 1.20 -10.58 -1.34
CA MET A 132 0.03 -11.11 -0.64
C MET A 132 -0.74 -12.01 -1.58
N THR A 133 -1.70 -12.74 -1.06
CA THR A 133 -2.31 -13.82 -1.81
C THR A 133 -3.82 -13.70 -1.86
N ASP A 134 -4.42 -14.33 -2.84
CA ASP A 134 -5.86 -14.51 -2.90
C ASP A 134 -6.41 -15.02 -1.57
N ASP A 135 -5.61 -15.82 -0.90
CA ASP A 135 -5.99 -16.38 0.37
C ASP A 135 -6.01 -15.31 1.44
N ASN A 136 -5.18 -14.29 1.20
CA ASN A 136 -5.01 -13.19 2.13
C ASN A 136 -6.18 -12.23 1.93
N ILE A 137 -6.66 -12.20 0.69
CA ILE A 137 -7.77 -11.36 0.29
C ILE A 137 -9.00 -11.70 1.11
N ASN A 138 -9.16 -12.99 1.37
CA ASN A 138 -10.26 -13.46 2.18
C ASN A 138 -10.16 -12.93 3.58
N ILE A 139 -8.95 -12.96 4.11
CA ILE A 139 -8.67 -12.45 5.44
C ILE A 139 -8.95 -10.97 5.45
N LEU A 140 -8.54 -10.33 4.39
CA LEU A 140 -8.64 -8.91 4.21
C LEU A 140 -10.11 -8.49 4.21
N ILE A 141 -10.91 -9.10 3.35
CA ILE A 141 -12.35 -8.83 3.31
C ILE A 141 -12.92 -8.94 4.71
N LEU A 142 -12.50 -9.96 5.39
CA LEU A 142 -13.00 -10.28 6.71
C LEU A 142 -12.61 -9.22 7.74
N PHE A 143 -11.33 -8.90 7.76
CA PHE A 143 -10.81 -7.90 8.67
C PHE A 143 -11.53 -6.59 8.47
N LEU A 144 -11.63 -6.22 7.23
CA LEU A 144 -12.24 -4.98 6.85
C LEU A 144 -13.71 -5.00 7.20
N GLU A 145 -14.36 -6.13 6.92
CA GLU A 145 -15.81 -6.29 7.09
C GLU A 145 -16.29 -5.93 8.47
N LYS A 146 -15.41 -6.05 9.43
CA LYS A 146 -15.71 -5.60 10.78
C LYS A 146 -16.21 -4.16 10.76
N LYS A 147 -15.61 -3.34 9.91
CA LYS A 147 -15.97 -1.93 9.86
C LYS A 147 -16.54 -1.61 8.48
N LEU A 148 -16.24 -2.49 7.57
CA LEU A 148 -16.71 -2.47 6.21
C LEU A 148 -18.00 -3.28 6.08
N ASN A 149 -18.54 -3.31 4.87
CA ASN A 149 -19.91 -3.79 4.61
C ASN A 149 -20.93 -2.80 5.14
N MET A 1 -8.13 34.13 -8.45
CA MET A 1 -7.34 34.29 -9.70
C MET A 1 -6.14 33.35 -9.68
N ALA A 2 -6.40 32.05 -9.72
CA ALA A 2 -5.34 31.06 -9.67
C ALA A 2 -5.77 29.76 -10.33
N THR A 3 -5.07 29.38 -11.39
CA THR A 3 -5.32 28.12 -12.06
C THR A 3 -4.45 27.03 -11.44
N LYS A 4 -5.05 26.24 -10.55
CA LYS A 4 -4.31 25.23 -9.79
C LYS A 4 -3.92 24.05 -10.66
N LEU A 5 -2.74 23.51 -10.40
CA LEU A 5 -2.34 22.26 -11.00
C LEU A 5 -2.81 21.12 -10.12
N ASP A 6 -4.11 20.85 -10.20
CA ASP A 6 -4.74 19.85 -9.33
C ASP A 6 -4.49 18.46 -9.88
N TYR A 7 -4.43 17.47 -9.00
CA TYR A 7 -4.04 16.12 -9.41
C TYR A 7 -4.86 15.05 -8.70
N GLU A 8 -5.49 14.20 -9.48
CA GLU A 8 -6.13 13.00 -8.97
C GLU A 8 -5.61 11.79 -9.69
N ASP A 9 -6.04 11.66 -10.94
CA ASP A 9 -5.78 10.46 -11.72
C ASP A 9 -6.31 9.27 -10.99
N ALA A 10 -7.48 9.46 -10.41
CA ALA A 10 -8.15 8.43 -9.62
C ALA A 10 -8.67 7.30 -10.49
N VAL A 11 -7.72 6.66 -11.04
CA VAL A 11 -7.88 5.44 -11.81
C VAL A 11 -8.58 4.34 -11.00
N PHE A 12 -8.13 4.18 -9.77
CA PHE A 12 -8.70 3.24 -8.83
C PHE A 12 -10.21 3.37 -8.69
N TYR A 13 -10.82 2.23 -8.48
CA TYR A 13 -12.27 2.12 -8.37
C TYR A 13 -12.68 2.00 -6.91
N PHE A 14 -12.08 1.04 -6.24
CA PHE A 14 -12.42 0.72 -4.86
C PHE A 14 -11.73 1.67 -3.91
N VAL A 15 -10.92 2.57 -4.47
CA VAL A 15 -10.31 3.66 -3.70
C VAL A 15 -11.31 4.29 -2.73
N ASP A 16 -12.47 4.61 -3.24
CA ASP A 16 -13.52 5.30 -2.51
C ASP A 16 -14.74 4.41 -2.35
N ASP A 17 -14.54 3.11 -2.51
CA ASP A 17 -15.64 2.16 -2.54
C ASP A 17 -16.52 2.27 -1.32
N ASP A 18 -15.89 2.62 -0.20
CA ASP A 18 -16.59 2.85 1.09
C ASP A 18 -17.07 1.53 1.70
N LYS A 19 -17.32 0.56 0.85
CA LYS A 19 -17.85 -0.69 1.22
C LYS A 19 -16.88 -1.82 0.94
N ILE A 20 -17.25 -3.00 1.41
CA ILE A 20 -16.45 -4.19 1.19
C ILE A 20 -16.74 -4.76 -0.19
N CYS A 21 -15.71 -5.21 -0.88
CA CYS A 21 -15.86 -5.70 -2.20
C CYS A 21 -15.85 -7.22 -2.25
N SER A 22 -15.76 -7.73 -3.46
CA SER A 22 -15.64 -9.15 -3.73
C SER A 22 -14.28 -9.68 -3.29
N ARG A 23 -14.20 -10.99 -3.12
CA ARG A 23 -12.93 -11.67 -2.96
C ARG A 23 -12.02 -11.32 -4.12
N ASP A 24 -12.62 -11.28 -5.29
CA ASP A 24 -11.89 -11.06 -6.55
C ASP A 24 -11.49 -9.60 -6.68
N SER A 25 -11.93 -8.80 -5.74
CA SER A 25 -11.75 -7.37 -5.84
C SER A 25 -10.55 -6.92 -5.03
N ILE A 26 -10.15 -7.74 -4.06
CA ILE A 26 -8.98 -7.46 -3.23
C ILE A 26 -7.74 -7.75 -4.04
N ILE A 27 -8.00 -8.39 -5.15
CA ILE A 27 -7.00 -8.78 -6.12
C ILE A 27 -6.46 -7.55 -6.81
N ASP A 28 -7.37 -6.79 -7.40
CA ASP A 28 -7.04 -5.57 -8.08
C ASP A 28 -6.72 -4.52 -7.06
N LEU A 29 -7.41 -4.66 -5.94
CA LEU A 29 -7.39 -3.70 -4.86
C LEU A 29 -5.99 -3.37 -4.39
N ILE A 30 -5.20 -4.39 -4.12
CA ILE A 30 -3.87 -4.19 -3.60
C ILE A 30 -3.03 -3.39 -4.59
N ASP A 31 -3.28 -3.63 -5.86
CA ASP A 31 -2.61 -2.89 -6.91
C ASP A 31 -3.10 -1.44 -6.91
N GLU A 32 -4.41 -1.25 -6.80
CA GLU A 32 -5.00 0.09 -6.72
C GLU A 32 -4.44 0.87 -5.54
N TYR A 33 -4.49 0.26 -4.35
CA TYR A 33 -4.04 0.95 -3.15
C TYR A 33 -2.58 1.31 -3.25
N ILE A 34 -1.77 0.31 -3.51
CA ILE A 34 -0.33 0.50 -3.69
C ILE A 34 -0.04 1.53 -4.79
N THR A 35 -0.95 1.71 -5.73
CA THR A 35 -0.82 2.80 -6.68
C THR A 35 -1.33 4.12 -6.08
N TRP A 36 -2.41 4.03 -5.32
CA TRP A 36 -3.07 5.20 -4.77
C TRP A 36 -2.23 5.97 -3.76
N ARG A 37 -1.72 5.34 -2.71
CA ARG A 37 -1.00 6.10 -1.73
C ARG A 37 0.38 6.46 -2.28
N ASN A 38 0.62 6.09 -3.54
CA ASN A 38 1.74 6.61 -4.31
C ASN A 38 1.32 7.92 -4.96
N HIS A 39 0.14 7.92 -5.58
CA HIS A 39 -0.43 9.11 -6.22
C HIS A 39 -0.51 10.28 -5.24
N VAL A 40 -0.74 9.97 -3.96
CA VAL A 40 -0.84 10.99 -2.93
C VAL A 40 0.45 11.78 -2.85
N ILE A 41 1.52 11.15 -3.29
CA ILE A 41 2.84 11.73 -3.25
C ILE A 41 3.16 12.46 -4.54
N VAL A 42 3.24 11.69 -5.60
CA VAL A 42 3.58 12.20 -6.94
C VAL A 42 2.68 13.38 -7.31
N PHE A 43 1.40 13.17 -7.11
CA PHE A 43 0.38 14.14 -7.47
C PHE A 43 0.11 15.06 -6.31
N ASN A 44 0.69 14.71 -5.19
CA ASN A 44 0.45 15.38 -3.94
C ASN A 44 -1.06 15.51 -3.69
N LYS A 45 -1.74 14.38 -3.78
CA LYS A 45 -3.16 14.31 -3.52
C LYS A 45 -3.42 14.36 -2.02
N ASP A 46 -4.49 13.72 -1.61
CA ASP A 46 -4.87 13.68 -0.22
C ASP A 46 -5.04 12.24 0.23
N ILE A 47 -4.50 11.94 1.40
CA ILE A 47 -4.66 10.62 2.00
C ILE A 47 -6.10 10.41 2.48
N THR A 48 -6.71 11.52 2.84
CA THR A 48 -8.06 11.52 3.37
C THR A 48 -9.03 11.32 2.23
N SER A 49 -8.50 11.54 1.05
CA SER A 49 -9.25 11.49 -0.17
C SER A 49 -9.36 10.05 -0.67
N CYS A 50 -10.32 9.32 -0.11
CA CYS A 50 -10.60 7.96 -0.46
C CYS A 50 -11.84 7.49 0.27
N GLY A 51 -12.05 6.20 0.27
CA GLY A 51 -13.19 5.62 0.92
C GLY A 51 -12.80 4.88 2.18
N ARG A 52 -13.71 4.05 2.66
CA ARG A 52 -13.55 3.37 3.93
C ARG A 52 -12.53 2.25 3.87
N LEU A 53 -12.66 1.47 2.81
CA LEU A 53 -11.83 0.29 2.59
C LEU A 53 -10.34 0.64 2.73
N TYR A 54 -9.96 1.77 2.18
CA TYR A 54 -8.57 2.18 2.09
C TYR A 54 -7.96 2.53 3.43
N LYS A 55 -8.77 3.04 4.34
CA LYS A 55 -8.31 3.50 5.64
C LYS A 55 -7.62 2.35 6.37
N GLU A 56 -8.16 1.16 6.18
CA GLU A 56 -7.63 -0.01 6.86
C GLU A 56 -6.29 -0.41 6.30
N LEU A 57 -6.14 -0.27 4.99
CA LEU A 57 -4.86 -0.50 4.34
C LEU A 57 -3.79 0.41 4.92
N MET A 58 -4.18 1.65 5.22
CA MET A 58 -3.28 2.63 5.83
C MET A 58 -2.74 2.10 7.14
N LYS A 59 -3.57 1.32 7.81
CA LYS A 59 -3.24 0.77 9.10
C LYS A 59 -2.22 -0.37 8.98
N PHE A 60 -2.03 -0.84 7.76
CA PHE A 60 -1.04 -1.89 7.52
C PHE A 60 0.35 -1.28 7.51
N ASP A 61 0.36 0.03 7.41
CA ASP A 61 1.56 0.82 7.62
C ASP A 61 1.94 0.75 9.07
N ASP A 62 0.91 0.92 9.85
CA ASP A 62 0.99 1.05 11.29
C ASP A 62 1.35 -0.28 11.91
N VAL A 63 0.71 -1.28 11.38
CA VAL A 63 0.92 -2.65 11.81
C VAL A 63 2.35 -3.06 11.55
N ALA A 64 2.88 -2.56 10.47
CA ALA A 64 4.29 -2.75 10.12
C ALA A 64 5.21 -1.93 11.02
N ILE A 65 4.82 -0.69 11.32
CA ILE A 65 5.54 0.12 12.30
C ILE A 65 5.55 -0.57 13.66
N ARG A 66 4.45 -1.23 13.95
CA ARG A 66 4.32 -2.05 15.13
C ARG A 66 5.27 -3.22 15.06
N TYR A 67 5.24 -3.88 13.91
CA TYR A 67 5.94 -5.13 13.74
C TYR A 67 7.41 -4.92 13.49
N TYR A 68 7.71 -4.44 12.30
CA TYR A 68 9.09 -4.26 11.86
C TYR A 68 9.75 -3.10 12.60
N GLY A 69 8.97 -2.05 12.83
CA GLY A 69 9.44 -0.97 13.62
C GLY A 69 9.66 0.28 12.82
N ILE A 70 9.30 1.40 13.41
CA ILE A 70 9.39 2.67 12.73
C ILE A 70 10.82 2.95 12.31
N ASP A 71 11.77 2.71 13.21
CA ASP A 71 13.19 2.93 12.95
C ASP A 71 13.66 2.11 11.77
N LYS A 72 13.38 0.81 11.83
CA LYS A 72 13.76 -0.10 10.76
C LYS A 72 13.16 0.34 9.46
N ILE A 73 11.88 0.66 9.51
CA ILE A 73 11.16 1.09 8.33
C ILE A 73 11.78 2.36 7.75
N ASN A 74 12.07 3.32 8.62
CA ASN A 74 12.69 4.57 8.26
C ASN A 74 14.00 4.35 7.50
N GLU A 75 14.84 3.49 8.06
CA GLU A 75 16.12 3.17 7.44
C GLU A 75 15.89 2.50 6.10
N ILE A 76 14.97 1.56 6.13
CA ILE A 76 14.68 0.70 5.02
C ILE A 76 14.06 1.44 3.84
N VAL A 77 12.99 2.18 4.10
CA VAL A 77 12.25 2.85 3.02
C VAL A 77 13.17 3.69 2.15
N GLU A 78 13.88 4.55 2.81
CA GLU A 78 14.81 5.47 2.17
C GLU A 78 15.92 4.73 1.40
N ALA A 79 16.29 3.57 1.90
CA ALA A 79 17.24 2.71 1.22
C ALA A 79 16.66 2.15 -0.07
N MET A 80 15.43 1.63 0.01
CA MET A 80 14.70 1.15 -1.18
C MET A 80 14.68 2.20 -2.27
N SER A 81 14.81 3.45 -1.88
CA SER A 81 14.77 4.52 -2.85
C SER A 81 15.98 4.45 -3.79
N GLU A 82 16.99 3.69 -3.38
CA GLU A 82 18.16 3.43 -4.19
C GLU A 82 18.03 2.08 -4.91
N GLY A 83 17.01 1.32 -4.52
CA GLY A 83 16.76 0.00 -5.09
C GLY A 83 17.91 -0.95 -4.88
N ASP A 84 18.12 -1.37 -3.63
CA ASP A 84 19.29 -2.18 -3.30
C ASP A 84 18.97 -3.28 -2.28
N HIS A 85 18.58 -2.89 -1.07
CA HIS A 85 18.48 -3.83 0.04
C HIS A 85 17.16 -4.59 0.06
N TYR A 86 16.95 -5.25 1.20
CA TYR A 86 15.77 -6.06 1.49
C TYR A 86 15.78 -7.39 0.80
N ILE A 87 15.13 -8.35 1.46
CA ILE A 87 15.27 -9.76 1.12
C ILE A 87 13.91 -10.44 1.18
N ASN A 88 13.43 -10.69 2.39
CA ASN A 88 12.14 -11.32 2.62
C ASN A 88 11.10 -10.27 3.02
N PHE A 89 9.86 -10.70 3.15
CA PHE A 89 8.78 -9.81 3.54
C PHE A 89 8.09 -10.32 4.80
N THR A 90 7.43 -11.48 4.69
CA THR A 90 6.78 -12.09 5.83
C THR A 90 7.79 -12.85 6.69
N LYS A 91 7.90 -12.46 7.95
CA LYS A 91 8.80 -13.14 8.87
C LYS A 91 8.19 -14.45 9.31
N VAL A 92 7.03 -14.35 9.93
CA VAL A 92 6.24 -15.50 10.33
C VAL A 92 4.90 -15.48 9.60
N HIS A 93 4.36 -16.66 9.33
CA HIS A 93 3.07 -16.76 8.67
C HIS A 93 1.95 -16.47 9.66
N ASP A 94 1.63 -15.19 9.79
CA ASP A 94 0.55 -14.75 10.67
C ASP A 94 -0.02 -13.42 10.23
N GLN A 95 -1.30 -13.23 10.45
CA GLN A 95 -2.04 -12.07 9.93
C GLN A 95 -1.34 -10.74 10.17
N GLU A 96 -0.87 -10.54 11.40
CA GLU A 96 -0.23 -9.28 11.79
C GLU A 96 0.97 -8.98 10.88
N SER A 97 1.76 -10.01 10.57
CA SER A 97 2.90 -9.86 9.70
C SER A 97 2.45 -9.83 8.24
N LEU A 98 1.34 -10.50 7.95
CA LEU A 98 0.76 -10.48 6.61
C LEU A 98 0.38 -9.06 6.23
N PHE A 99 -0.35 -8.39 7.12
CA PHE A 99 -0.72 -7.00 6.93
C PHE A 99 0.51 -6.11 6.91
N ALA A 100 1.43 -6.41 7.82
CA ALA A 100 2.66 -5.64 7.96
C ALA A 100 3.43 -5.61 6.65
N THR A 101 3.30 -6.68 5.87
CA THR A 101 3.99 -6.82 4.62
C THR A 101 3.48 -5.80 3.60
N ILE A 102 2.19 -5.46 3.68
CA ILE A 102 1.59 -4.49 2.78
C ILE A 102 2.12 -3.10 3.09
N GLY A 103 2.04 -2.68 4.36
CA GLY A 103 2.40 -1.32 4.72
C GLY A 103 3.86 -1.00 4.56
N ILE A 104 4.71 -1.94 4.95
CA ILE A 104 6.15 -1.75 4.79
C ILE A 104 6.48 -1.52 3.32
N CYS A 105 5.87 -2.30 2.46
CA CYS A 105 6.07 -2.17 1.03
C CYS A 105 5.38 -0.92 0.50
N ALA A 106 4.34 -0.46 1.20
CA ALA A 106 3.63 0.75 0.81
C ALA A 106 4.53 1.96 1.02
N LYS A 107 5.08 2.08 2.23
CA LYS A 107 5.79 3.28 2.62
C LYS A 107 6.99 3.50 1.73
N ILE A 108 7.52 2.41 1.23
CA ILE A 108 8.67 2.42 0.34
C ILE A 108 8.32 3.01 -1.03
N THR A 109 7.29 2.47 -1.67
CA THR A 109 6.94 2.87 -3.02
C THR A 109 6.38 4.30 -3.08
N GLU A 110 5.78 4.79 -2.01
CA GLU A 110 5.18 6.12 -2.03
C GLU A 110 6.21 7.22 -1.89
N HIS A 111 7.26 6.96 -1.13
CA HIS A 111 8.33 7.96 -0.91
C HIS A 111 8.92 8.42 -2.24
N TRP A 112 8.85 7.54 -3.22
CA TRP A 112 9.41 7.77 -4.54
C TRP A 112 8.63 8.84 -5.33
N GLY A 113 7.40 9.09 -4.93
CA GLY A 113 6.51 9.93 -5.73
C GLY A 113 7.00 11.35 -5.92
N TYR A 114 7.55 11.95 -4.87
CA TYR A 114 7.91 13.37 -4.89
C TYR A 114 8.82 13.73 -6.07
N LYS A 115 10.01 13.13 -6.12
CA LYS A 115 10.95 13.43 -7.20
C LYS A 115 11.12 12.26 -8.16
N LYS A 116 10.23 11.26 -8.03
CA LYS A 116 10.31 10.04 -8.83
C LYS A 116 11.61 9.30 -8.56
N ILE A 117 11.66 8.66 -7.40
CA ILE A 117 12.84 8.00 -6.91
C ILE A 117 12.84 6.54 -7.34
N SER A 118 14.02 5.94 -7.37
CA SER A 118 14.20 4.55 -7.74
C SER A 118 14.04 4.37 -9.24
N GLU A 119 15.06 4.77 -9.97
CA GLU A 119 15.09 4.62 -11.42
C GLU A 119 15.76 3.28 -11.74
N SER A 120 15.05 2.20 -11.44
CA SER A 120 15.56 0.85 -11.57
C SER A 120 15.90 0.51 -13.03
N ARG A 121 17.17 0.68 -13.39
CA ARG A 121 17.66 0.41 -14.74
C ARG A 121 16.94 1.26 -15.78
N PHE A 122 15.83 0.76 -16.30
CA PHE A 122 15.07 1.49 -17.32
C PHE A 122 13.61 1.62 -16.92
N GLN A 123 13.16 0.79 -15.99
CA GLN A 123 11.77 0.79 -15.56
C GLN A 123 11.67 0.70 -14.04
N SER A 124 11.08 1.72 -13.44
CA SER A 124 10.90 1.74 -12.00
C SER A 124 9.94 0.64 -11.57
N LEU A 125 10.42 -0.26 -10.72
CA LEU A 125 9.62 -1.39 -10.27
C LEU A 125 9.28 -1.26 -8.80
N GLY A 126 8.16 -1.85 -8.40
CA GLY A 126 7.73 -1.80 -7.01
C GLY A 126 7.27 -3.14 -6.50
N ASN A 127 6.01 -3.21 -6.11
CA ASN A 127 5.45 -4.45 -5.59
C ASN A 127 3.98 -4.58 -6.03
N ILE A 128 3.45 -5.79 -5.99
CA ILE A 128 2.11 -6.05 -6.50
C ILE A 128 1.30 -6.93 -5.53
N THR A 129 0.17 -7.44 -6.00
CA THR A 129 -0.70 -8.28 -5.20
C THR A 129 0.02 -9.53 -4.69
N ASP A 130 1.07 -9.93 -5.39
CA ASP A 130 1.82 -11.14 -5.04
C ASP A 130 2.39 -11.09 -3.62
N LEU A 131 2.46 -9.89 -3.05
CA LEU A 131 3.01 -9.70 -1.71
C LEU A 131 2.04 -10.23 -0.64
N MET A 132 0.81 -10.44 -1.06
CA MET A 132 -0.23 -10.96 -0.19
C MET A 132 -0.80 -12.23 -0.81
N THR A 133 -1.43 -13.03 0.01
CA THR A 133 -1.80 -14.38 -0.39
C THR A 133 -3.19 -14.39 -0.96
N ASP A 134 -3.66 -15.59 -1.29
CA ASP A 134 -4.96 -15.68 -1.92
C ASP A 134 -5.96 -15.61 -0.79
N ASP A 135 -5.53 -16.25 0.28
CA ASP A 135 -6.27 -16.38 1.50
C ASP A 135 -6.29 -15.05 2.22
N ASN A 136 -5.32 -14.21 1.90
CA ASN A 136 -5.11 -12.97 2.64
C ASN A 136 -6.18 -12.01 2.14
N ILE A 137 -6.58 -12.30 0.91
CA ILE A 137 -7.67 -11.62 0.23
C ILE A 137 -8.95 -11.79 1.05
N ASN A 138 -9.15 -13.00 1.54
CA ASN A 138 -10.32 -13.31 2.32
C ASN A 138 -10.21 -12.71 3.71
N ILE A 139 -9.01 -12.75 4.26
CA ILE A 139 -8.75 -12.13 5.55
C ILE A 139 -9.02 -10.65 5.46
N LEU A 140 -8.61 -10.09 4.34
CA LEU A 140 -8.73 -8.68 4.09
C LEU A 140 -10.19 -8.26 4.05
N ILE A 141 -10.98 -8.95 3.25
CA ILE A 141 -12.43 -8.71 3.21
C ILE A 141 -13.00 -8.74 4.60
N LEU A 142 -12.58 -9.74 5.34
CA LEU A 142 -13.09 -9.99 6.67
C LEU A 142 -12.70 -8.89 7.65
N PHE A 143 -11.42 -8.55 7.62
CA PHE A 143 -10.87 -7.51 8.47
C PHE A 143 -11.62 -6.22 8.26
N LEU A 144 -11.78 -5.90 7.01
CA LEU A 144 -12.45 -4.69 6.60
C LEU A 144 -13.92 -4.76 6.94
N GLU A 145 -14.51 -5.91 6.69
CA GLU A 145 -15.95 -6.15 6.90
C GLU A 145 -16.40 -5.80 8.30
N LYS A 146 -15.45 -5.86 9.19
CA LYS A 146 -15.66 -5.38 10.55
C LYS A 146 -16.29 -4.00 10.56
N LYS A 147 -15.81 -3.13 9.68
CA LYS A 147 -16.34 -1.79 9.59
C LYS A 147 -16.98 -1.57 8.22
N LEU A 148 -16.70 -2.53 7.37
CA LEU A 148 -17.17 -2.59 5.99
C LEU A 148 -18.41 -3.46 5.89
N ASN A 149 -18.93 -3.58 4.67
CA ASN A 149 -20.21 -4.26 4.39
C ASN A 149 -21.37 -3.31 4.66
N MET A 1 0.89 20.37 -23.79
CA MET A 1 -0.58 20.50 -23.96
C MET A 1 -1.28 20.19 -22.65
N ALA A 2 -0.82 19.16 -21.94
CA ALA A 2 -1.38 18.81 -20.64
C ALA A 2 -0.46 19.27 -19.52
N THR A 3 -0.81 20.39 -18.89
CA THR A 3 -0.03 20.92 -17.80
C THR A 3 -0.51 20.34 -16.47
N LYS A 4 0.41 20.21 -15.52
CA LYS A 4 0.13 19.65 -14.20
C LYS A 4 -0.48 18.26 -14.31
N LEU A 5 0.37 17.27 -14.55
CA LEU A 5 -0.06 15.88 -14.58
C LEU A 5 0.00 15.31 -13.16
N ASP A 6 -0.44 16.11 -12.21
CA ASP A 6 -0.40 15.76 -10.80
C ASP A 6 -1.59 16.36 -10.07
N TYR A 7 -2.76 15.75 -10.23
CA TYR A 7 -3.98 16.27 -9.63
C TYR A 7 -4.87 15.14 -9.09
N GLU A 8 -5.33 14.26 -9.97
CA GLU A 8 -6.22 13.19 -9.58
C GLU A 8 -5.81 11.91 -10.25
N ASP A 9 -6.24 11.76 -11.50
CA ASP A 9 -6.01 10.57 -12.28
C ASP A 9 -6.42 9.34 -11.50
N ALA A 10 -7.44 9.54 -10.68
CA ALA A 10 -7.98 8.49 -9.83
C ALA A 10 -8.71 7.45 -10.62
N VAL A 11 -7.90 6.61 -11.19
CA VAL A 11 -8.31 5.45 -11.92
C VAL A 11 -8.99 4.43 -11.02
N PHE A 12 -8.42 4.19 -9.85
CA PHE A 12 -8.97 3.30 -8.86
C PHE A 12 -10.43 3.62 -8.53
N TYR A 13 -11.15 2.55 -8.18
CA TYR A 13 -12.55 2.65 -7.82
C TYR A 13 -12.73 2.34 -6.35
N PHE A 14 -12.21 1.20 -5.95
CA PHE A 14 -12.37 0.73 -4.58
C PHE A 14 -11.53 1.59 -3.65
N VAL A 15 -10.73 2.46 -4.26
CA VAL A 15 -10.03 3.51 -3.51
C VAL A 15 -10.98 4.20 -2.51
N ASP A 16 -12.16 4.54 -3.00
CA ASP A 16 -13.15 5.28 -2.25
C ASP A 16 -14.40 4.45 -2.04
N ASP A 17 -14.25 3.14 -2.20
CA ASP A 17 -15.37 2.22 -2.20
C ASP A 17 -16.23 2.36 -0.96
N ASP A 18 -15.57 2.63 0.17
CA ASP A 18 -16.23 2.85 1.47
C ASP A 18 -16.75 1.53 2.06
N LYS A 19 -17.09 0.62 1.19
CA LYS A 19 -17.71 -0.61 1.57
C LYS A 19 -16.88 -1.82 1.17
N ILE A 20 -17.30 -2.98 1.65
CA ILE A 20 -16.60 -4.21 1.38
C ILE A 20 -17.06 -4.78 0.04
N CYS A 21 -16.13 -5.27 -0.74
CA CYS A 21 -16.44 -5.82 -2.04
C CYS A 21 -16.14 -7.30 -2.11
N SER A 22 -16.07 -7.79 -3.33
CA SER A 22 -15.78 -9.19 -3.59
C SER A 22 -14.36 -9.54 -3.18
N ARG A 23 -14.12 -10.82 -2.99
CA ARG A 23 -12.77 -11.35 -2.86
C ARG A 23 -11.96 -10.94 -4.08
N ASP A 24 -12.61 -10.99 -5.22
CA ASP A 24 -11.99 -10.70 -6.49
C ASP A 24 -11.67 -9.22 -6.60
N SER A 25 -12.15 -8.47 -5.64
CA SER A 25 -12.08 -7.04 -5.69
C SER A 25 -10.96 -6.52 -4.82
N ILE A 26 -10.39 -7.38 -3.99
CA ILE A 26 -9.23 -7.05 -3.19
C ILE A 26 -7.99 -7.43 -3.97
N ILE A 27 -8.27 -8.13 -5.06
CA ILE A 27 -7.27 -8.57 -6.01
C ILE A 27 -6.73 -7.38 -6.77
N ASP A 28 -7.67 -6.67 -7.37
CA ASP A 28 -7.39 -5.49 -8.14
C ASP A 28 -6.97 -4.39 -7.19
N LEU A 29 -7.50 -4.54 -6.00
CA LEU A 29 -7.42 -3.56 -4.95
C LEU A 29 -6.00 -3.32 -4.51
N ILE A 30 -5.30 -4.41 -4.23
CA ILE A 30 -3.92 -4.34 -3.79
C ILE A 30 -3.07 -3.64 -4.85
N ASP A 31 -3.51 -3.78 -6.09
CA ASP A 31 -2.86 -3.14 -7.21
C ASP A 31 -3.20 -1.65 -7.20
N GLU A 32 -4.48 -1.33 -6.99
CA GLU A 32 -4.91 0.07 -6.83
C GLU A 32 -4.22 0.76 -5.65
N TYR A 33 -4.24 0.12 -4.49
CA TYR A 33 -3.87 0.79 -3.24
C TYR A 33 -2.42 1.20 -3.22
N ILE A 34 -1.54 0.24 -3.38
CA ILE A 34 -0.11 0.51 -3.43
C ILE A 34 0.22 1.61 -4.44
N THR A 35 -0.41 1.55 -5.60
CA THR A 35 -0.25 2.58 -6.61
C THR A 35 -0.86 3.91 -6.14
N TRP A 36 -1.94 3.82 -5.38
CA TRP A 36 -2.62 5.00 -4.88
C TRP A 36 -1.78 5.73 -3.85
N ARG A 37 -1.15 5.00 -2.95
CA ARG A 37 -0.25 5.61 -1.99
C ARG A 37 0.78 6.44 -2.73
N ASN A 38 1.32 5.86 -3.79
CA ASN A 38 2.25 6.57 -4.65
C ASN A 38 1.56 7.78 -5.27
N HIS A 39 0.38 7.55 -5.83
CA HIS A 39 -0.41 8.60 -6.47
C HIS A 39 -0.59 9.83 -5.60
N VAL A 40 -0.75 9.63 -4.29
CA VAL A 40 -0.95 10.74 -3.36
C VAL A 40 0.29 11.59 -3.26
N ILE A 41 1.41 10.98 -3.55
CA ILE A 41 2.70 11.60 -3.38
C ILE A 41 3.14 12.37 -4.61
N VAL A 42 3.32 11.63 -5.69
CA VAL A 42 3.76 12.18 -6.97
C VAL A 42 2.87 13.35 -7.38
N PHE A 43 1.58 13.10 -7.31
CA PHE A 43 0.57 14.02 -7.73
C PHE A 43 0.24 14.98 -6.61
N ASN A 44 0.77 14.66 -5.43
CA ASN A 44 0.47 15.37 -4.22
C ASN A 44 -1.04 15.52 -4.07
N LYS A 45 -1.71 14.37 -4.10
CA LYS A 45 -3.13 14.29 -3.90
C LYS A 45 -3.42 14.33 -2.41
N ASP A 46 -4.41 13.58 -1.99
CA ASP A 46 -4.79 13.57 -0.59
C ASP A 46 -5.00 12.15 -0.10
N ILE A 47 -4.47 11.89 1.08
CA ILE A 47 -4.60 10.58 1.74
C ILE A 47 -6.00 10.40 2.29
N THR A 48 -6.57 11.50 2.70
CA THR A 48 -7.88 11.51 3.30
C THR A 48 -8.90 11.27 2.22
N SER A 49 -8.44 11.54 1.02
CA SER A 49 -9.26 11.40 -0.16
C SER A 49 -9.25 9.95 -0.64
N CYS A 50 -10.10 9.17 0.00
CA CYS A 50 -10.31 7.79 -0.31
C CYS A 50 -11.50 7.29 0.47
N GLY A 51 -11.69 6.00 0.46
CA GLY A 51 -12.80 5.40 1.12
C GLY A 51 -12.39 4.63 2.34
N ARG A 52 -13.34 3.95 2.92
CA ARG A 52 -13.17 3.30 4.21
C ARG A 52 -12.24 2.12 4.12
N LEU A 53 -12.42 1.37 3.07
CA LEU A 53 -11.63 0.19 2.80
C LEU A 53 -10.14 0.52 2.88
N TYR A 54 -9.74 1.58 2.20
CA TYR A 54 -8.36 2.00 2.13
C TYR A 54 -7.77 2.34 3.48
N LYS A 55 -8.52 3.05 4.33
CA LYS A 55 -8.02 3.41 5.65
C LYS A 55 -7.40 2.23 6.36
N GLU A 56 -8.01 1.07 6.24
CA GLU A 56 -7.50 -0.10 6.94
C GLU A 56 -6.20 -0.58 6.34
N LEU A 57 -6.07 -0.46 5.04
CA LEU A 57 -4.81 -0.75 4.38
C LEU A 57 -3.69 0.09 4.95
N MET A 58 -3.98 1.35 5.24
CA MET A 58 -2.98 2.21 5.85
C MET A 58 -2.65 1.63 7.20
N LYS A 59 -3.69 1.27 7.90
CA LYS A 59 -3.55 0.52 9.15
C LYS A 59 -2.60 -0.68 9.05
N PHE A 60 -2.29 -1.10 7.83
CA PHE A 60 -1.29 -2.14 7.62
C PHE A 60 0.11 -1.52 7.59
N ASP A 61 0.14 -0.24 7.35
CA ASP A 61 1.36 0.55 7.43
C ASP A 61 1.73 0.65 8.87
N ASP A 62 0.69 0.80 9.65
CA ASP A 62 0.76 1.04 11.08
C ASP A 62 1.14 -0.23 11.80
N VAL A 63 0.55 -1.29 11.33
CA VAL A 63 0.80 -2.61 11.85
C VAL A 63 2.25 -3.00 11.60
N ALA A 64 2.75 -2.52 10.48
CA ALA A 64 4.15 -2.69 10.10
C ALA A 64 5.05 -1.80 10.96
N ILE A 65 4.65 -0.54 11.13
CA ILE A 65 5.32 0.35 12.06
C ILE A 65 5.35 -0.26 13.46
N ARG A 66 4.29 -0.96 13.79
CA ARG A 66 4.20 -1.67 15.04
C ARG A 66 5.16 -2.84 15.07
N TYR A 67 5.20 -3.57 13.96
CA TYR A 67 5.95 -4.81 13.89
C TYR A 67 7.41 -4.57 13.60
N TYR A 68 7.68 -4.14 12.38
CA TYR A 68 9.04 -3.94 11.92
C TYR A 68 9.64 -2.73 12.62
N GLY A 69 8.82 -1.71 12.80
CA GLY A 69 9.21 -0.56 13.55
C GLY A 69 9.42 0.63 12.69
N ILE A 70 8.96 1.76 13.18
CA ILE A 70 9.01 3.00 12.42
C ILE A 70 10.46 3.32 12.07
N ASP A 71 11.35 3.17 13.05
CA ASP A 71 12.76 3.41 12.87
C ASP A 71 13.34 2.57 11.75
N LYS A 72 13.09 1.27 11.82
CA LYS A 72 13.55 0.36 10.78
C LYS A 72 12.97 0.73 9.45
N ILE A 73 11.67 0.99 9.45
CA ILE A 73 10.96 1.36 8.25
C ILE A 73 11.57 2.60 7.61
N ASN A 74 11.83 3.61 8.43
CA ASN A 74 12.46 4.84 8.00
C ASN A 74 13.79 4.53 7.31
N GLU A 75 14.58 3.70 7.95
CA GLU A 75 15.89 3.31 7.45
C GLU A 75 15.74 2.56 6.14
N ILE A 76 14.75 1.69 6.12
CA ILE A 76 14.49 0.79 5.04
C ILE A 76 13.90 1.49 3.80
N VAL A 77 12.83 2.24 4.00
CA VAL A 77 12.13 2.90 2.90
C VAL A 77 13.08 3.72 2.04
N GLU A 78 13.83 4.54 2.71
CA GLU A 78 14.83 5.39 2.10
C GLU A 78 15.92 4.60 1.39
N ALA A 79 16.27 3.46 1.95
CA ALA A 79 17.24 2.54 1.33
C ALA A 79 16.69 1.95 0.04
N MET A 80 15.38 1.66 0.03
CA MET A 80 14.68 1.24 -1.19
C MET A 80 14.94 2.15 -2.39
N SER A 81 15.50 3.34 -2.15
CA SER A 81 15.84 4.21 -3.24
C SER A 81 16.97 3.60 -4.06
N GLU A 82 17.76 2.78 -3.38
CA GLU A 82 18.82 2.00 -4.00
C GLU A 82 18.25 0.82 -4.77
N GLY A 83 16.99 0.51 -4.46
CA GLY A 83 16.30 -0.62 -5.07
C GLY A 83 16.99 -1.96 -4.83
N ASP A 84 17.64 -2.12 -3.67
CA ASP A 84 18.41 -3.33 -3.41
C ASP A 84 18.67 -3.53 -1.91
N HIS A 85 17.66 -3.98 -1.17
CA HIS A 85 17.83 -4.30 0.26
C HIS A 85 16.91 -5.42 0.71
N TYR A 86 15.61 -5.14 0.68
CA TYR A 86 14.63 -5.99 1.35
C TYR A 86 14.55 -7.39 0.77
N ILE A 87 14.09 -8.30 1.61
CA ILE A 87 14.23 -9.73 1.38
C ILE A 87 12.87 -10.42 1.31
N ASN A 88 12.43 -11.01 2.42
CA ASN A 88 11.17 -11.74 2.48
C ASN A 88 10.46 -11.52 3.81
N PHE A 89 11.10 -11.96 4.90
CA PHE A 89 10.54 -11.81 6.24
C PHE A 89 9.35 -12.75 6.47
N THR A 90 8.50 -12.40 7.43
CA THR A 90 7.39 -13.23 7.88
C THR A 90 7.84 -14.65 8.19
N LYS A 91 8.59 -14.77 9.28
CA LYS A 91 9.10 -16.05 9.72
C LYS A 91 8.04 -16.80 10.51
N VAL A 92 7.76 -16.28 11.70
CA VAL A 92 6.69 -16.80 12.54
C VAL A 92 5.35 -16.77 11.80
N HIS A 93 5.18 -15.78 10.93
CA HIS A 93 4.07 -15.76 9.98
C HIS A 93 2.71 -15.72 10.69
N ASP A 94 2.33 -14.52 11.12
CA ASP A 94 1.04 -14.30 11.74
C ASP A 94 0.31 -13.18 11.02
N GLN A 95 -1.02 -13.12 11.14
CA GLN A 95 -1.80 -12.10 10.45
C GLN A 95 -1.20 -10.70 10.61
N GLU A 96 -0.70 -10.39 11.81
CA GLU A 96 -0.12 -9.09 12.07
C GLU A 96 1.03 -8.79 11.11
N SER A 97 1.86 -9.80 10.86
CA SER A 97 2.98 -9.64 9.95
C SER A 97 2.51 -9.72 8.51
N LEU A 98 1.46 -10.50 8.26
CA LEU A 98 0.84 -10.56 6.94
C LEU A 98 0.44 -9.16 6.50
N PHE A 99 -0.30 -8.47 7.36
CA PHE A 99 -0.67 -7.09 7.13
C PHE A 99 0.55 -6.19 7.07
N ALA A 100 1.49 -6.45 7.96
CA ALA A 100 2.69 -5.63 8.07
C ALA A 100 3.45 -5.59 6.74
N THR A 101 3.47 -6.72 6.04
CA THR A 101 4.16 -6.83 4.78
C THR A 101 3.60 -5.86 3.75
N ILE A 102 2.31 -5.60 3.81
CA ILE A 102 1.67 -4.68 2.89
C ILE A 102 2.11 -3.25 3.18
N GLY A 103 1.98 -2.82 4.44
CA GLY A 103 2.26 -1.44 4.79
C GLY A 103 3.72 -1.05 4.62
N ILE A 104 4.61 -1.92 5.03
CA ILE A 104 6.05 -1.67 4.90
C ILE A 104 6.39 -1.40 3.44
N CYS A 105 5.88 -2.24 2.55
CA CYS A 105 6.10 -2.07 1.14
C CYS A 105 5.31 -0.88 0.58
N ALA A 106 4.21 -0.52 1.26
CA ALA A 106 3.39 0.61 0.84
C ALA A 106 4.14 1.92 1.08
N LYS A 107 4.81 1.98 2.23
CA LYS A 107 5.52 3.19 2.65
C LYS A 107 6.67 3.47 1.70
N ILE A 108 7.24 2.40 1.20
CA ILE A 108 8.34 2.47 0.26
C ILE A 108 7.91 3.07 -1.08
N THR A 109 6.86 2.50 -1.65
CA THR A 109 6.42 2.87 -2.99
C THR A 109 5.91 4.31 -3.05
N GLU A 110 5.33 4.80 -1.95
CA GLU A 110 4.75 6.14 -1.93
C GLU A 110 5.82 7.22 -1.85
N HIS A 111 6.79 7.03 -0.95
CA HIS A 111 7.80 8.04 -0.64
C HIS A 111 8.51 8.53 -1.90
N TRP A 112 8.72 7.62 -2.84
CA TRP A 112 9.38 7.91 -4.11
C TRP A 112 8.67 9.00 -4.93
N GLY A 113 7.42 9.27 -4.63
CA GLY A 113 6.59 10.10 -5.50
C GLY A 113 7.00 11.57 -5.50
N TYR A 114 7.43 12.10 -4.35
CA TYR A 114 7.68 13.54 -4.22
C TYR A 114 8.73 14.01 -5.23
N LYS A 115 9.94 13.49 -5.14
CA LYS A 115 11.01 13.93 -6.03
C LYS A 115 11.42 12.83 -7.02
N LYS A 116 10.57 11.80 -7.13
CA LYS A 116 10.79 10.70 -8.07
C LYS A 116 12.05 9.91 -7.71
N ILE A 117 11.98 9.15 -6.62
CA ILE A 117 13.13 8.45 -6.09
C ILE A 117 13.16 7.01 -6.61
N SER A 118 14.35 6.42 -6.59
CA SER A 118 14.54 5.03 -6.98
C SER A 118 14.37 4.86 -8.49
N GLU A 119 14.34 3.61 -8.94
CA GLU A 119 14.20 3.28 -10.36
C GLU A 119 15.29 3.93 -11.20
N SER A 120 16.52 3.79 -10.76
CA SER A 120 17.67 4.36 -11.46
C SER A 120 18.04 3.49 -12.65
N ARG A 121 18.79 4.09 -13.59
CA ARG A 121 19.15 3.44 -14.85
C ARG A 121 17.92 3.30 -15.73
N PHE A 122 17.06 2.35 -15.40
CA PHE A 122 15.78 2.20 -16.07
C PHE A 122 14.96 1.11 -15.40
N GLN A 123 13.85 1.49 -14.80
CA GLN A 123 12.90 0.53 -14.26
C GLN A 123 11.57 1.21 -14.01
N SER A 124 10.49 0.50 -14.31
CA SER A 124 9.14 0.99 -14.08
C SER A 124 8.20 -0.20 -13.97
N LEU A 125 8.71 -1.28 -13.41
CA LEU A 125 7.98 -2.54 -13.34
C LEU A 125 8.05 -3.12 -11.94
N GLY A 126 6.93 -3.63 -11.45
CA GLY A 126 6.88 -4.19 -10.13
C GLY A 126 5.48 -4.51 -9.68
N ASN A 127 5.13 -5.79 -9.71
CA ASN A 127 3.81 -6.23 -9.30
C ASN A 127 3.84 -6.66 -7.85
N ILE A 128 3.34 -5.81 -6.97
CA ILE A 128 3.42 -6.04 -5.54
C ILE A 128 2.31 -6.97 -5.06
N THR A 129 1.39 -7.30 -5.96
CA THR A 129 0.31 -8.20 -5.67
C THR A 129 0.82 -9.58 -5.21
N ASP A 130 2.06 -9.91 -5.62
CA ASP A 130 2.68 -11.18 -5.24
C ASP A 130 3.07 -11.22 -3.76
N LEU A 131 2.98 -10.08 -3.08
CA LEU A 131 3.39 -9.98 -1.70
C LEU A 131 2.30 -10.53 -0.77
N MET A 132 1.11 -10.69 -1.32
CA MET A 132 -0.03 -11.24 -0.60
C MET A 132 -0.76 -12.22 -1.51
N THR A 133 -1.82 -12.83 -1.01
CA THR A 133 -2.45 -13.92 -1.72
C THR A 133 -3.95 -13.74 -1.78
N ASP A 134 -4.57 -14.34 -2.79
CA ASP A 134 -6.02 -14.43 -2.86
C ASP A 134 -6.59 -14.98 -1.56
N ASP A 135 -5.79 -15.78 -0.88
CA ASP A 135 -6.17 -16.36 0.39
C ASP A 135 -6.18 -15.28 1.45
N ASN A 136 -5.32 -14.30 1.26
CA ASN A 136 -5.13 -13.21 2.21
C ASN A 136 -6.27 -12.22 2.02
N ILE A 137 -6.77 -12.20 0.78
CA ILE A 137 -7.88 -11.37 0.40
C ILE A 137 -9.09 -11.69 1.25
N ASN A 138 -9.23 -12.97 1.55
CA ASN A 138 -10.29 -13.43 2.40
C ASN A 138 -10.17 -12.82 3.78
N ILE A 139 -8.97 -12.84 4.30
CA ILE A 139 -8.68 -12.26 5.61
C ILE A 139 -9.00 -10.78 5.56
N LEU A 140 -8.59 -10.18 4.46
CA LEU A 140 -8.73 -8.76 4.24
C LEU A 140 -10.18 -8.34 4.21
N ILE A 141 -10.98 -9.00 3.37
CA ILE A 141 -12.41 -8.76 3.32
C ILE A 141 -13.00 -8.86 4.72
N LEU A 142 -12.58 -9.87 5.43
CA LEU A 142 -13.08 -10.17 6.76
C LEU A 142 -12.69 -9.09 7.76
N PHE A 143 -11.41 -8.73 7.75
CA PHE A 143 -10.90 -7.70 8.63
C PHE A 143 -11.65 -6.43 8.43
N LEU A 144 -11.81 -6.09 7.19
CA LEU A 144 -12.50 -4.88 6.81
C LEU A 144 -13.95 -4.96 7.17
N GLU A 145 -14.55 -6.11 6.89
CA GLU A 145 -15.98 -6.37 7.15
C GLU A 145 -16.39 -6.05 8.56
N LYS A 146 -15.42 -6.09 9.44
CA LYS A 146 -15.63 -5.65 10.81
C LYS A 146 -16.32 -4.31 10.85
N LYS A 147 -15.93 -3.42 9.94
CA LYS A 147 -16.54 -2.11 9.88
C LYS A 147 -17.21 -1.90 8.53
N LEU A 148 -16.62 -2.57 7.56
CA LEU A 148 -17.10 -2.69 6.21
C LEU A 148 -18.29 -3.64 6.17
N ASN A 149 -18.89 -3.80 4.99
CA ASN A 149 -20.11 -4.59 4.84
C ASN A 149 -21.29 -3.93 5.55
#